data_5LCV
#
_entry.id   5LCV
#
_cell.length_a   204.288
_cell.length_b   207.317
_cell.length_c   124.576
_cell.angle_alpha   90.00
_cell.angle_beta   90.00
_cell.angle_gamma   90.00
#
_symmetry.space_group_name_H-M   'C 2 2 21'
#
loop_
_entity.id
_entity.type
_entity.pdbx_description
1 polymer Polyprotein
2 polymer 'BROADLY NEUTRALIZING HUMAN ANTIBODY EDE2 A11'
3 polymer 'BROADLY NEUTRALIZING HUMAN ANTIBODY EDE2 A11'
4 branched beta-D-mannopyranose-(1-4)-2-acetamido-2-deoxy-beta-D-glucopyranose-(1-4)-[alpha-L-fucopyranose-(1-6)]2-acetamido-2-deoxy-beta-D-glucopyranose
5 non-polymer 2-acetamido-2-deoxy-beta-D-glucopyranose
6 non-polymer GLYCEROL
7 non-polymer 'FORMIC ACID'
8 water water
#
loop_
_entity_poly.entity_id
_entity_poly.type
_entity_poly.pdbx_seq_one_letter_code
_entity_poly.pdbx_strand_id
1 'polypeptide(L)'
;IRCIGVSNRDFVEGMSGGTWVDVVLEHGGCVTVMAQDKPTVDIELVTTTVSNMAEVRSYCYEASISDMASDSRCPTQGEA
YLDKQSDTQYVCKRTLVDRGWGNGCGLFGKGSLVTCAKFACSKKMTGKSIQPENLEYRIMLSVHGSQHSGMIVNDTGHET
DENRAKVEITPNSPRAEATLGGFGSLGLDCEPRTGLDFSDLYYLTMNNKHWLVHKEWFHDIPLPWHAGADTGTPHWNNKE
ALVEFKDAHAKRQTVVVLGSQEGAVHTALAGALEAEMDGAKGRLSSGHLKCRLKMDKLRLKGVSYSLCTAAFTFTKIPAE
TLHGTVTVEVQYAGTDGPCKVPAQMAVDMQTLTPVGRLITANPVITESTENSKMMLELDPPFGDSYIVIGVGEKKITHHW
HRSGSTIGGPFEDDDDKAGWSHPQFEKGGGSGGGSGGGSWSHPQFEK
;
A,B
2 'polypeptide(L)'
;EVQLVESGGGLVRPGGSLRLSCAASGFSYSNHWMHWVRQAPGKGLVWVSRINSDGSTRNYADFVKGRFTISRDNAENTLY
LEMNSLTADDTAVYYCVRDGVRFYYDSTGYYPDSFFKYGMDVWGQGTTVTVSSASTKGPSVFPLAPSSKSTSGGTAALGC
LVKDYFPEPVTVSWNSGALTSGVHTFPAVLQSSGLYSLSSVVTVPSSSLGTQTYICNVNHKPSNTKVDKRVEPKSCDKTH
TCPPCPLEDDDDKAGWSHPQFEKGGGSGGGSGGGSWSHPQFEK
;
H
3 'polypeptide(L)'
;QSVLTQPVSVSGSPGQSITISCTGTSSNADTYNLVSWYQQRPGKAPKLMIYEGTKRPSGVSNRFSASKSATAASLTISGL
QPEDEADYYCCSYATSRTLVFGGGTKLTVVGQPKAAPSVTLFPPSSEELQANKATLVCLISDFYPGAVTVAWKADSSPVK
AGVETTTPSKQSNNKYAASSYLSLTPEQWKSHRSYSCQVTHEGSTVEKTVAPTECS
;
L
#
loop_
_chem_comp.id
_chem_comp.type
_chem_comp.name
_chem_comp.formula
BMA D-saccharide, beta linking beta-D-mannopyranose 'C6 H12 O6'
FMT non-polymer 'FORMIC ACID' 'C H2 O2'
FUC L-saccharide, alpha linking alpha-L-fucopyranose 'C6 H12 O5'
GOL non-polymer GLYCEROL 'C3 H8 O3'
NAG D-saccharide, beta linking 2-acetamido-2-deoxy-beta-D-glucopyranose 'C8 H15 N O6'
#
# COMPACT_ATOMS: atom_id res chain seq x y z
N ILE A 1 -10.36 32.00 54.21
CA ILE A 1 -9.20 32.80 53.82
C ILE A 1 -8.61 32.35 52.47
N ARG A 2 -9.18 31.28 51.87
CA ARG A 2 -8.74 30.70 50.61
C ARG A 2 -8.99 31.61 49.39
N CYS A 3 -9.93 32.58 49.50
CA CYS A 3 -10.23 33.53 48.42
C CYS A 3 -9.18 34.63 48.30
N ILE A 4 -8.37 34.83 49.35
CA ILE A 4 -7.33 35.87 49.39
C ILE A 4 -6.23 35.57 48.35
N GLY A 5 -6.22 36.36 47.28
CA GLY A 5 -5.28 36.22 46.19
C GLY A 5 -5.93 35.90 44.86
N VAL A 6 -7.21 35.48 44.89
CA VAL A 6 -8.01 35.11 43.71
C VAL A 6 -8.51 36.39 43.03
N SER A 7 -8.25 36.54 41.72
CA SER A 7 -8.67 37.72 40.94
C SER A 7 -10.18 37.71 40.69
N ASN A 8 -10.75 36.53 40.44
CA ASN A 8 -12.18 36.37 40.25
C ASN A 8 -12.81 36.07 41.62
N ARG A 9 -12.83 37.11 42.48
CA ARG A 9 -13.37 37.01 43.83
C ARG A 9 -14.64 37.84 43.95
N ASP A 10 -15.69 37.22 44.50
CA ASP A 10 -16.99 37.86 44.70
C ASP A 10 -17.28 38.01 46.19
N PHE A 11 -17.68 39.22 46.61
CA PHE A 11 -18.02 39.53 47.99
C PHE A 11 -19.53 39.63 48.13
N VAL A 12 -20.16 38.60 48.73
CA VAL A 12 -21.61 38.58 48.91
C VAL A 12 -21.97 38.91 50.36
N GLU A 13 -22.99 39.77 50.54
CA GLU A 13 -23.45 40.17 51.86
C GLU A 13 -24.94 39.87 52.04
N GLY A 14 -25.21 38.80 52.79
CA GLY A 14 -26.57 38.34 53.08
C GLY A 14 -27.30 39.25 54.05
N MET A 15 -28.64 39.20 54.02
CA MET A 15 -29.45 40.05 54.89
C MET A 15 -29.27 39.68 56.37
N SER A 16 -29.12 40.69 57.24
CA SER A 16 -28.91 40.56 58.69
C SER A 16 -30.13 39.91 59.34
N GLY A 17 -29.89 38.77 59.98
CA GLY A 17 -30.93 37.96 60.62
C GLY A 17 -31.48 36.91 59.68
N GLY A 18 -31.26 37.11 58.38
CA GLY A 18 -31.68 36.23 57.30
C GLY A 18 -31.02 34.88 57.36
N THR A 19 -31.73 33.86 56.87
CA THR A 19 -31.28 32.48 56.90
C THR A 19 -30.51 32.07 55.61
N TRP A 20 -31.01 32.45 54.42
CA TRP A 20 -30.40 32.06 53.14
C TRP A 20 -29.56 33.14 52.45
N VAL A 21 -28.51 32.69 51.75
CA VAL A 21 -27.58 33.51 50.94
C VAL A 21 -27.33 32.75 49.63
N ASP A 22 -27.67 33.38 48.48
CA ASP A 22 -27.48 32.75 47.17
C ASP A 22 -26.10 33.07 46.59
N VAL A 23 -25.35 32.02 46.21
CA VAL A 23 -24.00 32.10 45.65
C VAL A 23 -23.88 31.34 44.32
N VAL A 24 -22.96 31.80 43.45
CA VAL A 24 -22.66 31.20 42.15
C VAL A 24 -21.18 30.79 42.24
N LEU A 25 -20.91 29.48 42.32
CA LEU A 25 -19.54 28.96 42.46
C LEU A 25 -18.97 28.52 41.13
N GLU A 26 -18.01 29.29 40.61
CA GLU A 26 -17.32 29.03 39.34
C GLU A 26 -15.93 28.46 39.57
N HIS A 27 -15.39 27.74 38.57
CA HIS A 27 -14.03 27.20 38.61
C HIS A 27 -13.09 28.37 38.38
N GLY A 28 -12.08 28.50 39.24
CA GLY A 28 -11.13 29.60 39.19
C GLY A 28 -11.66 30.85 39.83
N GLY A 29 -12.87 30.76 40.37
CA GLY A 29 -13.58 31.83 41.07
C GLY A 29 -13.69 31.51 42.54
N CYS A 30 -13.96 32.53 43.37
CA CYS A 30 -14.05 32.36 44.82
C CYS A 30 -15.06 33.32 45.42
N VAL A 31 -15.86 32.84 46.39
CA VAL A 31 -16.90 33.65 47.03
C VAL A 31 -16.63 33.88 48.53
N THR A 32 -16.59 35.15 48.94
CA THR A 32 -16.41 35.56 50.33
C THR A 32 -17.79 36.00 50.84
N VAL A 33 -18.41 35.15 51.67
CA VAL A 33 -19.74 35.43 52.24
C VAL A 33 -19.61 36.10 53.61
N MET A 34 -20.27 37.27 53.74
CA MET A 34 -20.28 38.07 54.96
C MET A 34 -21.71 38.31 55.41
N ALA A 35 -21.93 38.30 56.73
CA ALA A 35 -23.23 38.54 57.35
C ALA A 35 -23.05 39.08 58.76
N GLN A 36 -23.92 40.03 59.17
CA GLN A 36 -23.88 40.65 60.49
C GLN A 36 -24.03 39.60 61.59
N ASP A 37 -23.14 39.64 62.61
CA ASP A 37 -23.07 38.73 63.77
C ASP A 37 -22.78 37.26 63.36
N LYS A 38 -22.16 37.07 62.18
CA LYS A 38 -21.79 35.75 61.64
C LYS A 38 -20.31 35.77 61.18
N PRO A 39 -19.58 34.63 61.21
CA PRO A 39 -18.18 34.66 60.73
C PRO A 39 -18.08 34.69 59.21
N THR A 40 -17.01 35.29 58.69
CA THR A 40 -16.75 35.38 57.24
C THR A 40 -16.25 34.04 56.71
N VAL A 41 -17.00 33.44 55.78
CA VAL A 41 -16.67 32.15 55.18
C VAL A 41 -16.31 32.31 53.70
N ASP A 42 -15.23 31.64 53.28
CA ASP A 42 -14.75 31.60 51.91
C ASP A 42 -15.17 30.27 51.31
N ILE A 43 -15.94 30.32 50.22
CA ILE A 43 -16.49 29.15 49.53
C ILE A 43 -16.03 29.12 48.06
N GLU A 44 -15.49 27.98 47.60
CA GLU A 44 -14.96 27.81 46.24
C GLU A 44 -15.23 26.42 45.66
N LEU A 45 -15.70 26.36 44.38
CA LEU A 45 -15.90 25.11 43.66
C LEU A 45 -14.52 24.70 43.15
N VAL A 46 -13.97 23.62 43.73
CA VAL A 46 -12.60 23.17 43.42
C VAL A 46 -12.56 22.20 42.25
N THR A 47 -13.34 21.11 42.30
CA THR A 47 -13.31 20.17 41.19
C THR A 47 -14.71 19.63 40.82
N THR A 48 -14.92 19.48 39.50
CA THR A 48 -16.08 18.87 38.85
C THR A 48 -15.56 17.55 38.28
N THR A 49 -16.16 16.44 38.69
CA THR A 49 -15.73 15.10 38.29
C THR A 49 -16.85 14.32 37.63
N VAL A 50 -16.57 13.75 36.46
CA VAL A 50 -17.51 12.92 35.71
C VAL A 50 -17.10 11.44 35.80
N SER A 51 -18.05 10.58 36.21
CA SER A 51 -17.85 9.15 36.40
C SER A 51 -18.60 8.32 35.35
N ASN A 52 -18.30 7.00 35.32
CA ASN A 52 -18.91 5.96 34.48
C ASN A 52 -19.28 6.43 33.06
N MET A 53 -18.29 6.95 32.32
CA MET A 53 -18.49 7.41 30.94
C MET A 53 -18.49 6.19 30.03
N ALA A 54 -19.40 6.17 29.04
CA ALA A 54 -19.52 5.05 28.10
C ALA A 54 -19.15 5.46 26.69
N GLU A 55 -18.43 4.57 25.97
CA GLU A 55 -18.00 4.78 24.59
C GLU A 55 -19.21 4.89 23.65
N VAL A 56 -19.16 5.86 22.73
CA VAL A 56 -20.23 6.10 21.75
C VAL A 56 -19.74 5.81 20.35
N ARG A 57 -18.62 6.43 19.95
CA ARG A 57 -18.03 6.32 18.63
C ARG A 57 -16.53 6.61 18.70
N SER A 58 -15.74 5.89 17.90
CA SER A 58 -14.30 6.09 17.83
C SER A 58 -13.89 6.45 16.42
N TYR A 59 -13.15 7.56 16.26
CA TYR A 59 -12.67 8.04 14.96
C TYR A 59 -11.19 7.72 14.75
N CYS A 60 -10.85 7.22 13.57
CA CYS A 60 -9.48 6.90 13.19
C CYS A 60 -8.80 8.15 12.63
N TYR A 61 -7.59 8.49 13.13
CA TYR A 61 -6.85 9.65 12.63
C TYR A 61 -5.54 9.28 11.93
N GLU A 62 -5.09 8.01 12.07
CA GLU A 62 -3.90 7.48 11.41
C GLU A 62 -4.18 6.04 10.96
N ALA A 63 -4.16 5.80 9.64
CA ALA A 63 -4.45 4.50 9.05
C ALA A 63 -3.32 3.95 8.15
N SER A 64 -3.47 2.69 7.71
CA SER A 64 -2.54 1.98 6.82
C SER A 64 -3.28 1.02 5.90
N ILE A 65 -2.86 0.93 4.63
CA ILE A 65 -3.49 0.06 3.62
C ILE A 65 -2.54 -1.03 3.10
N SER A 66 -3.09 -2.23 2.80
CA SER A 66 -2.37 -3.40 2.29
C SER A 66 -3.27 -4.24 1.37
N ASP A 67 -2.70 -5.30 0.73
CA ASP A 67 -3.37 -6.26 -0.16
C ASP A 67 -4.30 -5.58 -1.18
N MET A 68 -3.75 -4.60 -1.92
CA MET A 68 -4.49 -3.84 -2.93
C MET A 68 -4.52 -4.57 -4.27
N ALA A 69 -5.74 -4.76 -4.80
CA ALA A 69 -6.00 -5.44 -6.07
C ALA A 69 -6.94 -4.64 -6.96
N SER A 70 -6.91 -4.93 -8.27
CA SER A 70 -7.75 -4.26 -9.26
C SER A 70 -8.45 -5.24 -10.20
N ASP A 71 -9.59 -4.83 -10.76
CA ASP A 71 -10.38 -5.54 -11.76
C ASP A 71 -10.91 -4.54 -12.76
N SER A 72 -10.79 -4.86 -14.06
CA SER A 72 -11.23 -3.97 -15.12
C SER A 72 -12.16 -4.67 -16.10
N ARG A 73 -12.96 -3.87 -16.81
CA ARG A 73 -13.90 -4.34 -17.81
C ARG A 73 -13.83 -3.48 -19.07
N CYS A 74 -14.06 -4.10 -20.22
CA CYS A 74 -14.06 -3.41 -21.50
C CYS A 74 -15.31 -2.52 -21.65
N PRO A 75 -15.36 -1.53 -22.57
CA PRO A 75 -16.57 -0.71 -22.69
C PRO A 75 -17.79 -1.55 -23.05
N THR A 76 -18.96 -1.20 -22.47
CA THR A 76 -20.28 -1.87 -22.62
C THR A 76 -20.32 -3.28 -21.98
N GLN A 77 -19.26 -3.68 -21.26
CA GLN A 77 -19.18 -4.99 -20.59
C GLN A 77 -19.57 -4.91 -19.11
N GLY A 78 -20.23 -3.81 -18.74
CA GLY A 78 -20.71 -3.55 -17.39
C GLY A 78 -19.66 -3.07 -16.41
N GLU A 79 -20.09 -2.89 -15.15
CA GLU A 79 -19.29 -2.43 -14.03
C GLU A 79 -18.29 -3.51 -13.59
N ALA A 80 -17.09 -3.10 -13.17
CA ALA A 80 -16.03 -4.00 -12.70
C ALA A 80 -16.33 -4.49 -11.29
N TYR A 81 -15.96 -5.75 -10.99
CA TYR A 81 -16.20 -6.33 -9.67
C TYR A 81 -15.02 -7.14 -9.13
N LEU A 82 -14.72 -6.90 -7.85
CA LEU A 82 -13.70 -7.60 -7.07
C LEU A 82 -14.41 -8.24 -5.89
N ASP A 83 -14.03 -9.49 -5.54
CA ASP A 83 -14.63 -10.20 -4.42
C ASP A 83 -14.37 -9.49 -3.09
N LYS A 84 -13.37 -8.58 -3.07
CA LYS A 84 -12.98 -7.76 -1.91
C LYS A 84 -13.99 -6.63 -1.63
N GLN A 85 -14.90 -6.32 -2.58
CA GLN A 85 -15.95 -5.31 -2.42
C GLN A 85 -16.99 -5.78 -1.40
N SER A 86 -17.13 -7.12 -1.24
CA SER A 86 -18.03 -7.76 -0.28
C SER A 86 -17.34 -7.98 1.09
N ASP A 87 -16.09 -7.51 1.24
CA ASP A 87 -15.31 -7.61 2.47
C ASP A 87 -15.33 -6.23 3.12
N THR A 88 -15.83 -6.17 4.36
CA THR A 88 -16.01 -4.95 5.14
C THR A 88 -14.68 -4.38 5.66
N GLN A 89 -13.56 -5.10 5.50
CA GLN A 89 -12.23 -4.65 5.91
C GLN A 89 -11.54 -3.93 4.74
N TYR A 90 -12.22 -3.87 3.57
CA TYR A 90 -11.70 -3.27 2.35
C TYR A 90 -12.41 -2.00 1.90
N VAL A 91 -11.63 -1.04 1.37
CA VAL A 91 -12.09 0.24 0.83
C VAL A 91 -11.93 0.23 -0.69
N CYS A 92 -13.05 0.44 -1.41
CA CYS A 92 -13.06 0.38 -2.87
C CYS A 92 -13.62 1.63 -3.56
N LYS A 93 -13.20 1.85 -4.83
CA LYS A 93 -13.66 2.97 -5.69
C LYS A 93 -13.68 2.55 -7.15
N ARG A 94 -14.81 2.81 -7.81
CA ARG A 94 -15.05 2.52 -9.23
C ARG A 94 -14.76 3.79 -10.04
N THR A 95 -14.04 3.64 -11.16
CA THR A 95 -13.66 4.73 -12.06
C THR A 95 -13.78 4.30 -13.53
N LEU A 96 -13.65 5.25 -14.47
CA LEU A 96 -13.72 5.00 -15.91
C LEU A 96 -12.40 5.37 -16.58
N VAL A 97 -11.78 4.39 -17.26
CA VAL A 97 -10.49 4.56 -17.97
C VAL A 97 -10.64 4.33 -19.47
N ASP A 98 -9.76 4.94 -20.28
CA ASP A 98 -9.77 4.78 -21.74
C ASP A 98 -9.37 3.37 -22.13
N ARG A 99 -10.22 2.72 -22.95
CA ARG A 99 -9.99 1.36 -23.44
C ARG A 99 -10.10 1.31 -24.95
N GLY A 100 -9.34 0.40 -25.56
CA GLY A 100 -9.31 0.23 -27.00
C GLY A 100 -8.55 -0.98 -27.49
N TRP A 101 -8.20 -0.96 -28.79
CA TRP A 101 -7.50 -2.04 -29.49
C TRP A 101 -6.10 -2.36 -28.94
N GLY A 102 -5.43 -1.36 -28.38
CA GLY A 102 -4.12 -1.53 -27.76
C GLY A 102 -4.20 -1.94 -26.30
N ASN A 103 -5.33 -1.60 -25.64
CA ASN A 103 -5.61 -1.85 -24.22
C ASN A 103 -6.21 -3.24 -23.94
N GLY A 104 -6.66 -3.94 -24.98
CA GLY A 104 -7.25 -5.27 -24.83
C GLY A 104 -8.73 -5.39 -25.08
N CYS A 105 -9.32 -4.38 -25.73
CA CYS A 105 -10.75 -4.35 -26.04
C CYS A 105 -10.99 -4.24 -27.52
N GLY A 106 -12.11 -4.80 -27.97
CA GLY A 106 -12.53 -4.73 -29.37
C GLY A 106 -13.37 -3.50 -29.64
N LEU A 107 -13.69 -2.74 -28.58
CA LEU A 107 -14.48 -1.50 -28.63
C LEU A 107 -13.71 -0.34 -28.01
N PHE A 108 -13.90 0.88 -28.55
CA PHE A 108 -13.26 2.09 -28.05
C PHE A 108 -14.23 2.89 -27.19
N GLY A 109 -13.81 3.16 -25.96
CA GLY A 109 -14.60 3.93 -25.00
C GLY A 109 -14.09 3.84 -23.58
N LYS A 110 -14.89 4.33 -22.63
CA LYS A 110 -14.56 4.30 -21.22
C LYS A 110 -14.97 2.97 -20.58
N GLY A 111 -13.98 2.24 -20.12
CA GLY A 111 -14.14 0.95 -19.46
C GLY A 111 -14.09 1.07 -17.95
N SER A 112 -14.93 0.27 -17.26
CA SER A 112 -15.01 0.26 -15.80
C SER A 112 -13.76 -0.34 -15.16
N LEU A 113 -13.26 0.32 -14.11
CA LEU A 113 -12.09 -0.11 -13.34
C LEU A 113 -12.37 0.06 -11.86
N VAL A 114 -12.13 -1.00 -11.06
CA VAL A 114 -12.33 -0.99 -9.61
C VAL A 114 -11.02 -1.36 -8.90
N THR A 115 -10.69 -0.60 -7.83
CA THR A 115 -9.50 -0.81 -7.02
C THR A 115 -9.92 -0.94 -5.56
N CYS A 116 -9.42 -1.98 -4.87
CA CYS A 116 -9.71 -2.28 -3.46
C CYS A 116 -8.43 -2.37 -2.65
N ALA A 117 -8.47 -1.95 -1.38
CA ALA A 117 -7.33 -1.99 -0.46
C ALA A 117 -7.82 -2.29 0.96
N LYS A 118 -7.10 -3.19 1.69
CA LYS A 118 -7.44 -3.57 3.06
C LYS A 118 -7.09 -2.44 4.02
N PHE A 119 -8.12 -1.89 4.67
CA PHE A 119 -8.02 -0.79 5.62
C PHE A 119 -7.73 -1.30 7.03
N ALA A 120 -6.79 -0.63 7.71
CA ALA A 120 -6.40 -0.93 9.07
C ALA A 120 -6.08 0.37 9.78
N CYS A 121 -6.58 0.54 11.00
CA CYS A 121 -6.35 1.74 11.79
C CYS A 121 -5.18 1.56 12.75
N SER A 122 -4.26 2.55 12.75
CA SER A 122 -3.07 2.56 13.60
C SER A 122 -3.35 3.32 14.90
N LYS A 123 -3.90 4.54 14.81
CA LYS A 123 -4.22 5.40 15.95
C LYS A 123 -5.65 5.92 15.86
N LYS A 124 -6.39 5.86 16.99
CA LYS A 124 -7.78 6.33 17.06
C LYS A 124 -8.09 7.19 18.28
N MET A 125 -9.15 8.01 18.18
CA MET A 125 -9.66 8.85 19.26
C MET A 125 -11.02 8.27 19.70
N THR A 126 -11.43 8.52 20.95
CA THR A 126 -12.70 7.97 21.46
C THR A 126 -13.58 9.03 22.11
N GLY A 127 -14.86 9.01 21.73
CA GLY A 127 -15.89 9.89 22.27
C GLY A 127 -16.73 9.15 23.30
N LYS A 128 -16.94 9.78 24.46
CA LYS A 128 -17.68 9.19 25.56
C LYS A 128 -18.91 9.99 25.98
N SER A 129 -20.02 9.30 26.24
CA SER A 129 -21.29 9.88 26.68
C SER A 129 -21.18 10.27 28.14
N ILE A 130 -21.82 11.38 28.51
CA ILE A 130 -21.80 11.84 29.89
C ILE A 130 -23.22 11.81 30.48
N GLN A 131 -23.43 10.95 31.50
CA GLN A 131 -24.71 10.83 32.17
C GLN A 131 -24.79 11.91 33.26
N PRO A 132 -25.83 12.79 33.24
CA PRO A 132 -25.91 13.87 34.24
C PRO A 132 -25.81 13.47 35.70
N GLU A 133 -26.28 12.25 36.04
CA GLU A 133 -26.26 11.70 37.41
C GLU A 133 -24.83 11.38 37.89
N ASN A 134 -23.96 10.85 37.00
CA ASN A 134 -22.58 10.50 37.31
C ASN A 134 -21.68 11.74 37.21
N LEU A 135 -21.99 12.74 38.03
CA LEU A 135 -21.32 14.03 38.08
C LEU A 135 -21.22 14.48 39.55
N GLU A 136 -19.99 14.82 40.00
CA GLU A 136 -19.71 15.21 41.38
C GLU A 136 -18.99 16.56 41.46
N TYR A 137 -19.52 17.47 42.28
CA TYR A 137 -18.98 18.80 42.52
C TYR A 137 -18.35 18.83 43.91
N ARG A 138 -17.06 19.22 43.99
CA ARG A 138 -16.33 19.32 45.25
C ARG A 138 -16.14 20.79 45.61
N ILE A 139 -16.70 21.20 46.74
CA ILE A 139 -16.65 22.56 47.28
C ILE A 139 -15.72 22.60 48.49
N MET A 140 -14.89 23.66 48.59
CA MET A 140 -13.98 23.86 49.71
C MET A 140 -14.38 25.11 50.49
N LEU A 141 -14.43 24.98 51.83
CA LEU A 141 -14.78 26.06 52.76
C LEU A 141 -13.57 26.46 53.59
N SER A 142 -13.50 27.74 54.00
CA SER A 142 -12.42 28.30 54.83
C SER A 142 -12.96 29.51 55.60
N VAL A 143 -12.93 29.44 56.95
CA VAL A 143 -13.45 30.50 57.83
C VAL A 143 -12.38 31.51 58.27
N HIS A 144 -12.76 32.81 58.29
CA HIS A 144 -11.94 33.94 58.75
C HIS A 144 -12.11 34.05 60.28
N GLY A 145 -11.09 34.56 60.95
CA GLY A 145 -11.09 34.75 62.40
C GLY A 145 -9.71 34.51 62.98
N SER A 146 -9.20 33.29 62.78
CA SER A 146 -7.86 32.87 63.17
C SER A 146 -7.10 32.62 61.87
N GLN A 147 -6.23 31.59 61.81
CA GLN A 147 -5.43 31.16 60.64
C GLN A 147 -4.45 32.22 60.13
N HIS A 148 -3.17 31.84 60.01
CA HIS A 148 -2.12 32.72 59.47
C HIS A 148 -2.07 32.64 57.93
N SER A 149 -1.05 33.26 57.31
CA SER A 149 -0.86 33.30 55.85
C SER A 149 -0.66 31.93 55.22
N GLY A 150 -0.04 31.00 55.94
CA GLY A 150 0.24 29.65 55.47
C GLY A 150 -0.96 28.76 55.23
N MET A 151 -2.17 29.20 55.69
CA MET A 151 -3.41 28.44 55.56
C MET A 151 -4.23 28.80 54.30
N ILE A 152 -3.85 29.88 53.57
CA ILE A 152 -4.51 30.32 52.33
C ILE A 152 -4.48 29.16 51.32
N VAL A 153 -3.31 28.51 51.18
CA VAL A 153 -3.10 27.35 50.31
C VAL A 153 -2.68 26.14 51.19
N ASN A 154 -3.69 25.39 51.69
CA ASN A 154 -3.53 24.18 52.50
C ASN A 154 -4.81 23.35 52.39
N ASP A 155 -4.69 22.11 51.91
CA ASP A 155 -5.81 21.18 51.72
C ASP A 155 -5.59 19.83 52.45
N THR A 156 -4.49 19.73 53.22
CA THR A 156 -4.10 18.56 54.01
C THR A 156 -4.58 18.81 55.44
N GLY A 157 -5.42 17.93 55.93
CA GLY A 157 -5.97 17.97 57.28
C GLY A 157 -7.20 18.82 57.57
N HIS A 158 -8.08 19.02 56.56
CA HIS A 158 -9.31 19.79 56.73
C HIS A 158 -10.36 19.06 57.59
N GLU A 159 -10.18 17.73 57.78
CA GLU A 159 -11.07 16.87 58.58
C GLU A 159 -10.89 17.18 60.06
N THR A 160 -9.63 17.38 60.51
CA THR A 160 -9.25 17.70 61.89
C THR A 160 -9.32 19.21 62.18
N ASP A 161 -9.15 20.06 61.16
CA ASP A 161 -9.21 21.52 61.26
C ASP A 161 -10.66 21.97 61.20
N GLU A 162 -11.11 22.77 62.17
CA GLU A 162 -12.48 23.29 62.23
C GLU A 162 -12.73 24.43 61.24
N ASN A 163 -11.69 25.22 60.94
CA ASN A 163 -11.75 26.38 60.04
C ASN A 163 -11.96 26.02 58.58
N ARG A 164 -11.44 24.85 58.14
CA ARG A 164 -11.54 24.38 56.75
C ARG A 164 -12.46 23.15 56.64
N ALA A 165 -13.20 23.02 55.52
CA ALA A 165 -14.13 21.92 55.29
C ALA A 165 -14.31 21.55 53.83
N LYS A 166 -14.53 20.25 53.55
CA LYS A 166 -14.78 19.73 52.20
C LYS A 166 -16.25 19.32 52.08
N VAL A 167 -16.92 19.77 51.00
CA VAL A 167 -18.33 19.50 50.72
C VAL A 167 -18.45 18.81 49.35
N GLU A 168 -19.24 17.73 49.27
CA GLU A 168 -19.45 16.98 48.02
C GLU A 168 -20.92 17.02 47.59
N ILE A 169 -21.18 17.63 46.42
CA ILE A 169 -22.53 17.81 45.86
C ILE A 169 -22.68 17.00 44.55
N THR A 170 -23.74 16.19 44.47
CA THR A 170 -24.08 15.38 43.29
C THR A 170 -25.57 15.63 42.96
N PRO A 171 -26.13 15.30 41.75
CA PRO A 171 -27.57 15.53 41.53
C PRO A 171 -28.46 14.68 42.45
N ASN A 172 -27.94 13.51 42.89
CA ASN A 172 -28.61 12.55 43.78
C ASN A 172 -28.47 12.93 45.26
N SER A 173 -27.52 13.82 45.56
CA SER A 173 -27.26 14.36 46.90
C SER A 173 -26.89 15.85 46.72
N PRO A 174 -27.89 16.71 46.37
CA PRO A 174 -27.58 18.13 46.11
C PRO A 174 -27.46 18.98 47.36
N ARG A 175 -27.73 18.40 48.54
CA ARG A 175 -27.67 19.06 49.84
C ARG A 175 -26.54 18.49 50.71
N ALA A 176 -25.95 19.36 51.55
CA ALA A 176 -24.87 19.01 52.47
C ALA A 176 -24.84 19.91 53.71
N GLU A 177 -24.33 19.37 54.81
CA GLU A 177 -24.17 20.05 56.10
C GLU A 177 -22.68 19.96 56.46
N ALA A 178 -21.98 21.11 56.44
CA ALA A 178 -20.55 21.16 56.72
C ALA A 178 -20.23 21.57 58.15
N THR A 179 -19.71 20.62 58.94
CA THR A 179 -19.31 20.80 60.34
C THR A 179 -18.11 21.75 60.42
N LEU A 180 -18.27 22.87 61.13
CA LEU A 180 -17.20 23.87 61.26
C LEU A 180 -16.74 24.08 62.71
N GLY A 181 -16.83 23.02 63.51
CA GLY A 181 -16.44 23.01 64.92
C GLY A 181 -17.17 24.03 65.76
N GLY A 182 -16.41 24.96 66.31
CA GLY A 182 -16.92 26.06 67.14
C GLY A 182 -17.80 27.05 66.39
N PHE A 183 -17.61 27.16 65.06
CA PHE A 183 -18.37 28.06 64.19
C PHE A 183 -19.76 27.51 63.83
N GLY A 184 -20.07 26.31 64.33
CA GLY A 184 -21.34 25.65 64.06
C GLY A 184 -21.27 24.85 62.78
N SER A 185 -22.22 25.08 61.86
CA SER A 185 -22.29 24.38 60.58
C SER A 185 -22.91 25.22 59.46
N LEU A 186 -22.50 24.95 58.22
CA LEU A 186 -23.01 25.64 57.03
C LEU A 186 -23.80 24.66 56.16
N GLY A 187 -25.02 25.04 55.83
CA GLY A 187 -25.91 24.26 54.96
C GLY A 187 -25.74 24.66 53.53
N LEU A 188 -25.76 23.68 52.60
CA LEU A 188 -25.56 23.93 51.17
C LEU A 188 -26.63 23.24 50.33
N ASP A 189 -27.58 24.01 49.78
CA ASP A 189 -28.65 23.52 48.91
C ASP A 189 -28.28 23.98 47.49
N CYS A 190 -27.71 23.07 46.69
CA CYS A 190 -27.20 23.40 45.37
C CYS A 190 -28.01 22.81 44.21
N GLU A 191 -27.83 23.40 43.00
CA GLU A 191 -28.48 23.01 41.75
C GLU A 191 -27.43 22.39 40.80
N PRO A 192 -27.14 21.08 40.93
CA PRO A 192 -26.11 20.46 40.06
C PRO A 192 -26.51 20.25 38.61
N ARG A 193 -27.81 20.00 38.34
CA ARG A 193 -28.32 19.75 36.98
C ARG A 193 -28.31 20.99 36.07
N THR A 194 -28.34 22.20 36.66
CA THR A 194 -28.34 23.46 35.89
C THR A 194 -26.98 24.20 35.99
N GLY A 195 -25.89 23.47 35.71
CA GLY A 195 -24.52 24.00 35.75
C GLY A 195 -23.84 24.07 34.39
N LEU A 196 -23.99 23.01 33.58
CA LEU A 196 -23.43 22.85 32.24
C LEU A 196 -24.22 21.66 31.68
N ASP A 197 -25.01 21.88 30.65
CA ASP A 197 -25.86 20.85 30.07
C ASP A 197 -25.00 19.75 29.40
N PHE A 198 -24.79 18.63 30.12
CA PHE A 198 -23.97 17.49 29.69
C PHE A 198 -24.67 16.53 28.73
N SER A 199 -25.99 16.70 28.49
CA SER A 199 -26.74 15.87 27.55
C SER A 199 -26.33 16.15 26.10
N ASP A 200 -25.86 17.38 25.83
CA ASP A 200 -25.40 17.84 24.51
C ASP A 200 -23.86 17.88 24.42
N LEU A 201 -23.17 17.23 25.39
CA LEU A 201 -21.70 17.19 25.47
C LEU A 201 -21.13 15.76 25.47
N TYR A 202 -19.94 15.61 24.86
CA TYR A 202 -19.18 14.36 24.77
C TYR A 202 -17.77 14.55 25.33
N TYR A 203 -17.15 13.47 25.81
CA TYR A 203 -15.79 13.48 26.34
C TYR A 203 -14.85 12.83 25.30
N LEU A 204 -14.02 13.66 24.64
CA LEU A 204 -13.09 13.19 23.61
C LEU A 204 -11.69 12.91 24.16
N THR A 205 -11.11 11.75 23.79
CA THR A 205 -9.78 11.31 24.21
C THR A 205 -8.90 11.04 22.99
N MET A 206 -7.75 11.73 22.89
CA MET A 206 -6.78 11.56 21.81
C MET A 206 -5.52 10.85 22.34
N ASN A 207 -4.32 11.32 21.98
CA ASN A 207 -3.06 10.74 22.46
C ASN A 207 -2.81 11.24 23.90
N ASN A 208 -3.60 10.69 24.85
CA ASN A 208 -3.61 11.01 26.29
C ASN A 208 -3.95 12.50 26.56
N LYS A 209 -4.75 13.10 25.65
CA LYS A 209 -5.23 14.49 25.71
C LYS A 209 -6.76 14.43 25.69
N HIS A 210 -7.42 15.21 26.58
CA HIS A 210 -8.88 15.16 26.71
C HIS A 210 -9.59 16.51 26.51
N TRP A 211 -10.82 16.45 25.95
CA TRP A 211 -11.67 17.60 25.68
C TRP A 211 -13.14 17.32 25.97
N LEU A 212 -13.95 18.39 26.06
CA LEU A 212 -15.38 18.38 26.25
C LEU A 212 -15.96 19.05 25.01
N VAL A 213 -16.50 18.25 24.08
CA VAL A 213 -17.01 18.72 22.79
C VAL A 213 -18.53 18.60 22.65
N HIS A 214 -19.11 19.44 21.76
CA HIS A 214 -20.54 19.43 21.45
C HIS A 214 -20.82 18.16 20.64
N LYS A 215 -21.91 17.45 20.98
CA LYS A 215 -22.28 16.19 20.33
C LYS A 215 -22.53 16.32 18.82
N GLU A 216 -23.13 17.44 18.37
CA GLU A 216 -23.43 17.68 16.94
C GLU A 216 -22.15 17.81 16.11
N TRP A 217 -21.10 18.45 16.68
CA TRP A 217 -19.79 18.63 16.04
C TRP A 217 -19.08 17.28 15.87
N PHE A 218 -19.07 16.46 16.93
CA PHE A 218 -18.45 15.14 16.98
C PHE A 218 -19.03 14.19 15.92
N HIS A 219 -20.35 14.27 15.66
CA HIS A 219 -20.99 13.42 14.66
C HIS A 219 -20.73 13.91 13.22
N ASP A 220 -20.17 15.12 13.06
CA ASP A 220 -19.84 15.73 11.77
C ASP A 220 -18.35 15.62 11.38
N ILE A 221 -17.53 14.90 12.18
CA ILE A 221 -16.09 14.71 11.95
C ILE A 221 -15.83 13.92 10.64
N PRO A 222 -15.01 14.48 9.71
CA PRO A 222 -14.73 13.75 8.46
C PRO A 222 -13.57 12.75 8.61
N LEU A 223 -13.82 11.67 9.38
CA LEU A 223 -12.85 10.61 9.66
C LEU A 223 -13.53 9.22 9.74
N PRO A 224 -12.82 8.10 9.42
CA PRO A 224 -13.43 6.78 9.55
C PRO A 224 -13.83 6.48 10.99
N TRP A 225 -15.06 5.99 11.20
CA TRP A 225 -15.58 5.75 12.54
C TRP A 225 -16.17 4.37 12.78
N HIS A 226 -16.10 3.89 14.03
CA HIS A 226 -16.67 2.63 14.46
C HIS A 226 -17.49 2.80 15.74
N ALA A 227 -18.66 2.15 15.82
CA ALA A 227 -19.57 2.22 16.96
C ALA A 227 -19.01 1.59 18.23
N GLY A 228 -19.31 2.22 19.37
CA GLY A 228 -18.94 1.81 20.72
C GLY A 228 -17.59 1.13 20.92
N ALA A 229 -17.64 -0.16 21.29
CA ALA A 229 -16.48 -1.02 21.55
C ALA A 229 -15.70 -1.36 20.28
N PRO A 234 -12.94 -4.25 14.62
CA PRO A 234 -13.96 -3.21 14.40
C PRO A 234 -14.28 -2.96 12.92
N HIS A 235 -15.55 -2.59 12.65
CA HIS A 235 -16.04 -2.24 11.33
C HIS A 235 -16.01 -0.73 11.17
N TRP A 236 -15.11 -0.22 10.31
CA TRP A 236 -14.94 1.21 10.06
C TRP A 236 -15.87 1.73 8.97
N ASN A 237 -16.66 2.75 9.27
CA ASN A 237 -17.56 3.41 8.31
C ASN A 237 -16.84 4.66 7.82
N ASN A 238 -17.04 5.03 6.54
CA ASN A 238 -16.42 6.20 5.88
C ASN A 238 -14.87 6.11 5.91
N LYS A 239 -14.34 4.97 5.43
CA LYS A 239 -12.90 4.70 5.35
C LYS A 239 -12.23 5.62 4.32
N GLU A 240 -13.04 6.10 3.35
CA GLU A 240 -12.69 7.00 2.24
C GLU A 240 -12.09 8.33 2.72
N ALA A 241 -12.37 8.71 3.99
CA ALA A 241 -11.88 9.94 4.60
C ALA A 241 -10.36 9.94 4.80
N LEU A 242 -9.75 8.75 5.03
CA LEU A 242 -8.31 8.58 5.23
C LEU A 242 -7.60 7.88 4.06
N VAL A 243 -8.37 7.52 3.02
CA VAL A 243 -7.86 6.81 1.84
C VAL A 243 -8.06 7.66 0.58
N GLU A 244 -6.99 7.83 -0.23
CA GLU A 244 -7.03 8.61 -1.46
C GLU A 244 -6.80 7.73 -2.69
N PHE A 245 -7.72 7.82 -3.66
CA PHE A 245 -7.66 7.08 -4.92
C PHE A 245 -7.22 8.01 -6.05
N LYS A 246 -5.97 7.83 -6.51
CA LYS A 246 -5.37 8.63 -7.58
C LYS A 246 -5.58 7.95 -8.93
N ASP A 247 -6.19 8.72 -9.84
CA ASP A 247 -6.51 8.38 -11.22
C ASP A 247 -5.31 8.90 -12.04
N ALA A 248 -4.73 8.05 -12.88
CA ALA A 248 -3.56 8.42 -13.69
C ALA A 248 -3.85 8.49 -15.20
N HIS A 249 -4.19 9.71 -15.69
CA HIS A 249 -4.48 10.05 -17.09
C HIS A 249 -5.45 9.11 -17.81
N ALA A 250 -6.46 8.57 -17.07
CA ALA A 250 -7.48 7.60 -17.56
C ALA A 250 -6.85 6.30 -18.09
N LYS A 251 -5.76 5.84 -17.43
CA LYS A 251 -5.05 4.62 -17.80
C LYS A 251 -4.98 3.63 -16.63
N ARG A 252 -4.72 4.13 -15.41
CA ARG A 252 -4.56 3.31 -14.19
C ARG A 252 -5.18 3.99 -12.97
N GLN A 253 -5.32 3.23 -11.85
CA GLN A 253 -5.79 3.73 -10.56
C GLN A 253 -4.89 3.20 -9.45
N THR A 254 -4.27 4.14 -8.68
CA THR A 254 -3.41 3.88 -7.51
C THR A 254 -4.16 4.31 -6.23
N VAL A 255 -3.92 3.60 -5.12
CA VAL A 255 -4.53 3.90 -3.83
C VAL A 255 -3.43 4.17 -2.79
N VAL A 256 -3.55 5.28 -2.04
CA VAL A 256 -2.59 5.68 -1.01
C VAL A 256 -3.29 6.31 0.22
N VAL A 257 -2.77 6.03 1.41
CA VAL A 257 -3.29 6.54 2.68
C VAL A 257 -2.90 8.00 2.92
N LEU A 258 -3.83 8.76 3.53
CA LEU A 258 -3.66 10.16 3.90
C LEU A 258 -3.08 10.04 5.29
N GLY A 259 -1.93 10.68 5.53
CA GLY A 259 -1.21 10.63 6.80
C GLY A 259 -1.96 11.05 8.05
N SER A 260 -1.25 11.10 9.20
CA SER A 260 -1.80 11.44 10.52
C SER A 260 -2.57 12.75 10.55
N GLN A 261 -3.86 12.67 10.96
CA GLN A 261 -4.76 13.81 11.07
C GLN A 261 -4.73 14.44 12.47
N GLU A 262 -3.86 13.91 13.36
CA GLU A 262 -3.65 14.34 14.75
C GLU A 262 -3.53 15.87 14.88
N GLY A 263 -2.70 16.47 14.04
CA GLY A 263 -2.47 17.92 14.00
C GLY A 263 -3.69 18.70 13.57
N ALA A 264 -4.40 18.19 12.55
CA ALA A 264 -5.62 18.79 11.99
C ALA A 264 -6.78 18.72 12.99
N VAL A 265 -6.84 17.64 13.79
CA VAL A 265 -7.87 17.45 14.83
C VAL A 265 -7.57 18.39 16.00
N HIS A 266 -6.29 18.51 16.40
CA HIS A 266 -5.80 19.41 17.45
C HIS A 266 -6.22 20.86 17.14
N THR A 267 -6.00 21.32 15.88
CA THR A 267 -6.33 22.68 15.42
C THR A 267 -7.84 22.89 15.33
N ALA A 268 -8.61 21.82 15.05
CA ALA A 268 -10.08 21.87 15.00
C ALA A 268 -10.63 21.98 16.41
N LEU A 269 -9.94 21.33 17.39
CA LEU A 269 -10.29 21.33 18.81
C LEU A 269 -10.01 22.66 19.52
N ALA A 270 -9.38 23.63 18.82
CA ALA A 270 -9.12 24.95 19.37
C ALA A 270 -10.46 25.68 19.46
N GLY A 271 -10.95 25.82 20.70
CA GLY A 271 -12.25 26.41 21.00
C GLY A 271 -13.02 25.56 21.99
N ALA A 272 -12.75 24.23 21.98
CA ALA A 272 -13.36 23.25 22.88
C ALA A 272 -12.76 23.36 24.28
N LEU A 273 -13.56 23.06 25.32
CA LEU A 273 -13.14 23.09 26.72
C LEU A 273 -12.25 21.89 27.02
N GLU A 274 -11.00 22.14 27.41
CA GLU A 274 -10.03 21.08 27.72
C GLU A 274 -10.35 20.41 29.06
N ALA A 275 -10.04 19.10 29.15
CA ALA A 275 -10.26 18.29 30.35
C ALA A 275 -9.06 17.36 30.59
N GLU A 276 -9.05 16.69 31.75
CA GLU A 276 -7.99 15.77 32.18
C GLU A 276 -8.59 14.50 32.81
N MET A 277 -7.83 13.40 32.84
CA MET A 277 -8.30 12.14 33.42
C MET A 277 -7.62 11.79 34.73
N ASP A 278 -8.43 11.37 35.72
CA ASP A 278 -7.98 10.96 37.05
C ASP A 278 -8.27 9.46 37.20
N GLY A 279 -7.58 8.67 36.39
CA GLY A 279 -7.73 7.21 36.33
C GLY A 279 -8.88 6.81 35.43
N ALA A 280 -10.06 6.59 36.04
CA ALA A 280 -11.30 6.22 35.34
C ALA A 280 -12.25 7.42 35.27
N LYS A 281 -12.16 8.31 36.29
CA LYS A 281 -12.96 9.52 36.41
C LYS A 281 -12.35 10.67 35.59
N GLY A 282 -13.22 11.50 35.02
CA GLY A 282 -12.80 12.65 34.22
C GLY A 282 -12.90 13.94 35.00
N ARG A 283 -11.78 14.67 35.11
CA ARG A 283 -11.69 15.95 35.82
C ARG A 283 -11.98 17.14 34.89
N LEU A 284 -12.81 18.07 35.36
CA LEU A 284 -13.22 19.26 34.63
C LEU A 284 -12.77 20.54 35.37
N SER A 285 -12.29 21.54 34.61
CA SER A 285 -11.82 22.81 35.15
C SER A 285 -12.68 24.00 34.68
N SER A 286 -13.92 23.73 34.26
CA SER A 286 -14.87 24.74 33.78
C SER A 286 -16.32 24.42 34.19
N GLY A 287 -17.14 25.47 34.33
CA GLY A 287 -18.55 25.36 34.71
C GLY A 287 -18.88 25.96 36.06
N HIS A 288 -20.13 26.43 36.23
CA HIS A 288 -20.59 27.03 37.49
C HIS A 288 -21.58 26.14 38.25
N LEU A 289 -21.86 26.48 39.51
CA LEU A 289 -22.76 25.75 40.39
C LEU A 289 -23.47 26.75 41.30
N LYS A 290 -24.80 26.85 41.17
CA LYS A 290 -25.62 27.75 41.99
C LYS A 290 -25.95 27.09 43.32
N CYS A 291 -25.64 27.76 44.45
CA CYS A 291 -25.90 27.24 45.79
C CYS A 291 -26.62 28.25 46.67
N ARG A 292 -27.49 27.74 47.55
CA ARG A 292 -28.22 28.54 48.55
C ARG A 292 -27.64 28.08 49.88
N LEU A 293 -27.06 29.02 50.64
CA LEU A 293 -26.39 28.72 51.91
C LEU A 293 -27.24 29.00 53.14
N LYS A 294 -27.32 28.01 54.05
CA LYS A 294 -28.06 28.11 55.32
C LYS A 294 -27.12 28.70 56.38
N MET A 295 -27.48 29.88 56.92
CA MET A 295 -26.70 30.62 57.92
C MET A 295 -27.21 30.36 59.35
N ASP A 296 -28.39 29.69 59.47
CA ASP A 296 -29.08 29.34 60.69
C ASP A 296 -28.16 28.83 61.80
N LYS A 297 -27.45 27.70 61.55
CA LYS A 297 -26.55 27.05 62.50
C LYS A 297 -25.12 27.63 62.54
N LEU A 298 -24.83 28.66 61.73
CA LEU A 298 -23.51 29.31 61.70
C LEU A 298 -23.40 30.31 62.86
N ARG A 299 -22.39 30.13 63.72
CA ARG A 299 -22.18 30.95 64.92
C ARG A 299 -20.77 31.55 65.00
N LEU A 300 -20.59 32.60 65.83
CA LEU A 300 -19.32 33.28 66.03
C LEU A 300 -18.51 32.68 67.20
N LYS A 301 -17.52 31.83 66.87
CA LYS A 301 -16.65 31.22 67.87
C LYS A 301 -15.66 32.29 68.33
N GLY A 302 -15.81 32.72 69.59
CA GLY A 302 -14.93 33.71 70.20
C GLY A 302 -15.57 35.01 70.61
N VAL A 303 -16.90 35.12 70.52
CA VAL A 303 -17.67 36.31 70.88
C VAL A 303 -17.59 36.59 72.40
N SER A 304 -17.29 35.55 73.20
CA SER A 304 -17.14 35.60 74.66
C SER A 304 -15.73 35.98 75.11
N TYR A 305 -14.76 36.01 74.17
CA TYR A 305 -13.35 36.32 74.45
C TYR A 305 -13.18 37.78 74.87
N SER A 306 -12.21 38.04 75.76
CA SER A 306 -11.87 39.38 76.20
C SER A 306 -10.90 39.98 75.17
N LEU A 307 -10.75 41.31 75.15
CA LEU A 307 -9.85 42.00 74.21
C LEU A 307 -8.39 41.71 74.54
N CYS A 308 -7.54 41.53 73.51
CA CYS A 308 -6.10 41.26 73.68
C CYS A 308 -5.43 42.51 74.28
N THR A 309 -4.78 42.35 75.45
CA THR A 309 -4.15 43.45 76.20
C THR A 309 -2.69 43.74 75.81
N ALA A 310 -1.93 42.71 75.35
CA ALA A 310 -0.52 42.86 74.99
C ALA A 310 -0.28 43.46 73.60
N ALA A 311 1.01 43.68 73.26
CA ALA A 311 1.48 44.27 72.01
C ALA A 311 1.51 43.30 70.84
N PHE A 312 1.27 43.84 69.64
CA PHE A 312 1.29 43.13 68.36
C PHE A 312 2.45 43.64 67.50
N THR A 313 2.90 42.81 66.55
CA THR A 313 3.99 43.15 65.63
C THR A 313 3.59 42.65 64.24
N PHE A 314 3.75 43.51 63.21
CA PHE A 314 3.44 43.12 61.83
C PHE A 314 4.52 42.15 61.36
N THR A 315 4.12 40.93 60.95
CA THR A 315 5.06 39.92 60.45
C THR A 315 5.36 40.21 58.98
N LYS A 316 4.33 40.67 58.24
CA LYS A 316 4.38 41.03 56.83
C LYS A 316 3.88 42.48 56.67
N ILE A 317 4.31 43.17 55.60
CA ILE A 317 3.87 44.53 55.29
C ILE A 317 2.40 44.42 54.80
N PRO A 318 1.43 45.20 55.35
CA PRO A 318 0.04 45.10 54.86
C PRO A 318 -0.04 45.29 53.35
N ALA A 319 -0.64 44.30 52.65
CA ALA A 319 -0.72 44.27 51.19
C ALA A 319 -2.12 44.45 50.63
N GLU A 320 -2.23 45.19 49.52
CA GLU A 320 -3.49 45.45 48.82
C GLU A 320 -3.81 44.32 47.87
N THR A 321 -5.01 43.71 48.02
CA THR A 321 -5.46 42.64 47.14
C THR A 321 -6.01 43.29 45.88
N LEU A 322 -6.26 42.49 44.83
CA LEU A 322 -6.78 42.95 43.53
C LEU A 322 -8.07 43.79 43.62
N HIS A 323 -8.86 43.57 44.70
CA HIS A 323 -10.15 44.22 44.92
C HIS A 323 -10.11 45.43 45.86
N GLY A 324 -8.93 45.78 46.35
CA GLY A 324 -8.73 46.93 47.23
C GLY A 324 -8.69 46.66 48.73
N THR A 325 -8.92 45.41 49.13
CA THR A 325 -8.88 45.02 50.55
C THR A 325 -7.43 44.88 51.01
N VAL A 326 -7.18 45.01 52.32
CA VAL A 326 -5.84 44.90 52.91
C VAL A 326 -5.72 43.63 53.72
N THR A 327 -4.63 42.90 53.51
CA THR A 327 -4.34 41.70 54.28
C THR A 327 -3.24 42.05 55.29
N VAL A 328 -3.51 41.78 56.58
CA VAL A 328 -2.60 42.09 57.68
C VAL A 328 -2.25 40.81 58.44
N GLU A 329 -0.96 40.52 58.60
CA GLU A 329 -0.49 39.36 59.37
C GLU A 329 0.29 39.87 60.58
N VAL A 330 -0.15 39.49 61.79
CA VAL A 330 0.44 39.96 63.04
C VAL A 330 0.84 38.84 64.01
N GLN A 331 1.85 39.12 64.84
CA GLN A 331 2.40 38.24 65.88
C GLN A 331 2.01 38.81 67.24
N TYR A 332 1.51 37.96 68.16
CA TYR A 332 1.10 38.38 69.49
C TYR A 332 2.06 37.91 70.56
N ALA A 333 2.63 38.86 71.33
CA ALA A 333 3.59 38.61 72.41
C ALA A 333 2.94 38.18 73.74
N GLY A 334 1.63 38.37 73.85
CA GLY A 334 0.87 38.04 75.05
C GLY A 334 0.52 36.58 75.21
N THR A 335 0.24 36.18 76.45
CA THR A 335 -0.13 34.81 76.85
C THR A 335 -1.56 34.75 77.41
N ASP A 336 -2.30 35.88 77.35
CA ASP A 336 -3.68 36.00 77.83
C ASP A 336 -4.72 35.35 76.89
N GLY A 337 -4.25 34.81 75.77
CA GLY A 337 -5.08 34.13 74.77
C GLY A 337 -5.78 32.89 75.30
N PRO A 338 -6.96 32.50 74.73
CA PRO A 338 -7.67 33.09 73.59
C PRO A 338 -8.29 34.47 73.87
N CYS A 339 -8.05 35.43 72.94
CA CYS A 339 -8.55 36.80 73.06
C CYS A 339 -8.96 37.43 71.71
N LYS A 340 -9.78 38.50 71.77
CA LYS A 340 -10.28 39.28 70.62
C LYS A 340 -9.21 40.28 70.17
N VAL A 341 -8.81 40.21 68.88
CA VAL A 341 -7.80 41.10 68.30
C VAL A 341 -8.42 42.50 68.08
N PRO A 342 -7.87 43.57 68.70
CA PRO A 342 -8.44 44.91 68.45
C PRO A 342 -7.94 45.39 67.09
N ALA A 343 -8.84 45.47 66.09
CA ALA A 343 -8.48 45.89 64.74
C ALA A 343 -9.47 46.90 64.19
N GLN A 344 -8.96 47.98 63.55
CA GLN A 344 -9.77 49.05 62.94
C GLN A 344 -8.96 49.96 62.03
N MET A 345 -9.67 50.78 61.25
CA MET A 345 -9.11 51.81 60.38
C MET A 345 -9.48 53.15 61.02
N ALA A 346 -8.58 54.14 60.95
CA ALA A 346 -8.85 55.46 61.52
C ALA A 346 -8.32 56.57 60.63
N VAL A 347 -9.09 57.66 60.52
CA VAL A 347 -8.71 58.85 59.76
C VAL A 347 -8.07 59.87 60.73
N ASP A 348 -8.56 59.94 61.98
CA ASP A 348 -8.05 60.79 63.06
C ASP A 348 -7.78 59.93 64.30
N MET A 349 -6.51 59.92 64.75
CA MET A 349 -6.03 59.10 65.87
C MET A 349 -6.42 59.61 67.25
N GLN A 350 -6.94 60.85 67.34
CA GLN A 350 -7.37 61.43 68.62
C GLN A 350 -8.65 60.76 69.10
N THR A 351 -9.70 60.75 68.25
CA THR A 351 -11.00 60.17 68.54
C THR A 351 -11.02 58.65 68.32
N LEU A 352 -10.24 58.16 67.33
CA LEU A 352 -10.14 56.77 66.88
C LEU A 352 -11.48 56.23 66.38
N THR A 353 -12.30 57.12 65.76
CA THR A 353 -13.60 56.78 65.18
C THR A 353 -13.36 55.79 64.03
N PRO A 354 -13.95 54.58 64.08
CA PRO A 354 -13.68 53.60 63.01
C PRO A 354 -14.23 53.97 61.64
N VAL A 355 -13.35 53.92 60.63
CA VAL A 355 -13.69 54.15 59.23
C VAL A 355 -13.55 52.83 58.49
N GLY A 356 -14.16 52.72 57.31
CA GLY A 356 -14.15 51.49 56.51
C GLY A 356 -14.89 50.36 57.21
N ARG A 357 -14.40 49.12 57.04
CA ARG A 357 -15.00 47.90 57.60
C ARG A 357 -13.99 46.74 57.61
N LEU A 358 -14.29 45.68 58.38
CA LEU A 358 -13.47 44.48 58.47
C LEU A 358 -14.08 43.36 57.62
N ILE A 359 -13.27 42.74 56.74
CA ILE A 359 -13.70 41.60 55.94
C ILE A 359 -13.70 40.40 56.90
N THR A 360 -12.59 40.24 57.66
CA THR A 360 -12.43 39.20 58.69
C THR A 360 -13.28 39.61 59.89
N ALA A 361 -14.44 38.95 60.06
CA ALA A 361 -15.35 39.24 61.18
C ALA A 361 -14.83 38.58 62.45
N ASN A 362 -14.78 39.36 63.55
CA ASN A 362 -14.29 38.95 64.87
C ASN A 362 -12.86 38.35 64.82
N PRO A 363 -11.82 39.17 64.46
CA PRO A 363 -10.45 38.62 64.43
C PRO A 363 -9.99 38.20 65.84
N VAL A 364 -9.49 36.97 65.99
CA VAL A 364 -9.10 36.44 67.30
C VAL A 364 -7.74 35.72 67.30
N ILE A 365 -7.08 35.71 68.48
CA ILE A 365 -5.85 34.95 68.75
C ILE A 365 -6.35 33.75 69.54
N THR A 366 -6.10 32.52 69.03
CA THR A 366 -6.60 31.29 69.66
C THR A 366 -5.64 30.68 70.67
N GLU A 367 -4.33 30.68 70.38
CA GLU A 367 -3.31 30.09 71.23
C GLU A 367 -3.05 30.87 72.52
N SER A 368 -2.82 30.12 73.62
CA SER A 368 -2.52 30.68 74.95
C SER A 368 -1.02 30.93 75.11
N THR A 369 -0.22 30.53 74.09
CA THR A 369 1.23 30.68 74.03
C THR A 369 1.63 31.97 73.31
N GLU A 370 2.80 32.53 73.67
CA GLU A 370 3.34 33.75 73.08
C GLU A 370 3.92 33.54 71.67
N ASN A 371 4.16 34.65 70.93
CA ASN A 371 4.72 34.74 69.58
C ASN A 371 3.86 33.99 68.51
N SER A 372 2.54 33.88 68.75
CA SER A 372 1.61 33.22 67.84
C SER A 372 1.21 34.15 66.69
N LYS A 373 1.25 33.62 65.44
CA LYS A 373 0.90 34.35 64.23
C LYS A 373 -0.61 34.27 63.93
N MET A 374 -1.15 35.31 63.30
CA MET A 374 -2.56 35.46 62.96
C MET A 374 -2.71 36.40 61.75
N MET A 375 -3.77 36.20 60.93
CA MET A 375 -4.03 37.03 59.74
C MET A 375 -5.47 37.52 59.65
N LEU A 376 -5.64 38.83 59.34
CA LEU A 376 -6.94 39.46 59.16
C LEU A 376 -7.02 40.28 57.85
N GLU A 377 -8.24 40.46 57.33
CA GLU A 377 -8.51 41.20 56.10
C GLU A 377 -9.41 42.38 56.38
N LEU A 378 -9.01 43.57 55.92
CA LEU A 378 -9.73 44.82 56.13
C LEU A 378 -10.17 45.43 54.80
N ASP A 379 -11.31 46.14 54.81
CA ASP A 379 -11.83 46.85 53.65
C ASP A 379 -11.74 48.35 53.98
N PRO A 380 -10.63 49.02 53.56
CA PRO A 380 -10.44 50.43 53.94
C PRO A 380 -11.25 51.44 53.13
N PRO A 381 -11.47 52.68 53.65
CA PRO A 381 -12.19 53.67 52.84
C PRO A 381 -11.26 54.27 51.78
N PHE A 382 -11.82 55.00 50.80
CA PHE A 382 -11.01 55.63 49.76
C PHE A 382 -10.21 56.80 50.29
N GLY A 383 -8.95 56.88 49.89
CA GLY A 383 -8.02 57.91 50.32
C GLY A 383 -7.15 57.46 51.48
N ASP A 384 -6.55 58.43 52.19
CA ASP A 384 -5.67 58.17 53.34
C ASP A 384 -6.43 57.69 54.59
N SER A 385 -5.81 56.73 55.30
CA SER A 385 -6.31 56.14 56.56
C SER A 385 -5.14 55.45 57.31
N TYR A 386 -5.41 54.97 58.53
CA TYR A 386 -4.40 54.27 59.35
C TYR A 386 -4.92 52.91 59.79
N ILE A 387 -4.16 51.85 59.51
CA ILE A 387 -4.48 50.50 59.95
C ILE A 387 -4.00 50.46 61.40
N VAL A 388 -4.90 50.71 62.35
CA VAL A 388 -4.55 50.73 63.77
C VAL A 388 -5.05 49.47 64.45
N ILE A 389 -4.11 48.58 64.81
CA ILE A 389 -4.44 47.33 65.49
C ILE A 389 -3.76 47.30 66.87
N GLY A 390 -4.49 46.84 67.88
CA GLY A 390 -4.05 46.78 69.26
C GLY A 390 -4.64 47.90 70.09
N VAL A 391 -4.38 47.91 71.40
CA VAL A 391 -4.89 48.94 72.32
C VAL A 391 -3.78 49.60 73.13
N GLY A 392 -4.02 50.84 73.55
CA GLY A 392 -3.11 51.62 74.37
C GLY A 392 -1.85 52.13 73.69
N GLU A 393 -0.80 52.33 74.50
CA GLU A 393 0.51 52.85 74.09
C GLU A 393 1.29 51.93 73.15
N LYS A 394 1.12 50.60 73.32
CA LYS A 394 1.81 49.58 72.52
C LYS A 394 1.16 49.27 71.16
N LYS A 395 0.03 49.94 70.83
CA LYS A 395 -0.70 49.72 69.57
C LYS A 395 0.15 50.04 68.35
N ILE A 396 0.02 49.22 67.29
CA ILE A 396 0.76 49.38 66.04
C ILE A 396 -0.12 50.04 64.99
N THR A 397 0.43 51.06 64.33
CA THR A 397 -0.25 51.86 63.32
C THR A 397 0.53 51.81 62.00
N HIS A 398 -0.18 51.61 60.88
CA HIS A 398 0.41 51.59 59.55
C HIS A 398 -0.40 52.50 58.63
N HIS A 399 0.24 53.48 57.98
CA HIS A 399 -0.44 54.39 57.06
C HIS A 399 -0.87 53.67 55.78
N TRP A 400 -2.16 53.81 55.43
CA TRP A 400 -2.73 53.19 54.23
C TRP A 400 -3.41 54.21 53.32
N HIS A 401 -3.45 53.91 52.01
CA HIS A 401 -4.10 54.70 50.97
C HIS A 401 -4.76 53.77 49.93
N ARG A 402 -6.06 53.99 49.67
CA ARG A 402 -6.81 53.21 48.66
C ARG A 402 -7.06 54.04 47.41
N SER A 403 -6.94 53.39 46.21
CA SER A 403 -7.07 53.93 44.86
C SER A 403 -5.94 54.89 44.53
CA GLY A 419 -13.71 24.15 7.45
C GLY A 419 -14.61 23.47 8.47
N TRP A 420 -14.03 22.57 9.28
CA TRP A 420 -14.74 21.82 10.34
C TRP A 420 -14.29 22.19 11.76
N SER A 421 -13.98 23.49 11.97
CA SER A 421 -13.53 24.02 13.27
C SER A 421 -14.64 23.97 14.32
N HIS A 422 -14.27 23.63 15.56
CA HIS A 422 -15.20 23.54 16.69
C HIS A 422 -15.62 24.94 17.17
N PRO A 423 -16.93 25.19 17.38
CA PRO A 423 -17.36 26.52 17.84
C PRO A 423 -17.05 26.78 19.32
N GLN A 424 -16.76 28.05 19.67
CA GLN A 424 -16.44 28.47 21.04
C GLN A 424 -17.61 28.18 21.98
N PHE A 425 -17.40 27.31 22.99
CA PHE A 425 -18.41 26.91 23.97
C PHE A 425 -18.75 28.03 24.94
N ILE B 1 -0.52 6.58 -35.23
CA ILE B 1 -1.63 5.72 -34.82
C ILE B 1 -1.74 5.62 -33.29
N ARG B 2 -0.81 6.28 -32.56
CA ARG B 2 -0.75 6.28 -31.10
C ARG B 2 -1.91 7.05 -30.42
N CYS B 3 -2.58 7.97 -31.16
CA CYS B 3 -3.72 8.73 -30.65
C CYS B 3 -5.01 7.90 -30.63
N ILE B 4 -5.05 6.78 -31.37
CA ILE B 4 -6.21 5.91 -31.47
C ILE B 4 -6.51 5.25 -30.11
N GLY B 5 -7.59 5.72 -29.49
CA GLY B 5 -8.04 5.25 -28.19
C GLY B 5 -8.00 6.31 -27.10
N VAL B 6 -7.30 7.43 -27.35
CA VAL B 6 -7.15 8.56 -26.42
C VAL B 6 -8.44 9.40 -26.48
N SER B 7 -9.07 9.66 -25.31
CA SER B 7 -10.28 10.47 -25.20
C SER B 7 -9.99 11.95 -25.41
N ASN B 8 -8.83 12.44 -24.92
CA ASN B 8 -8.42 13.83 -25.12
C ASN B 8 -7.59 13.86 -26.42
N ARG B 9 -8.29 13.67 -27.56
CA ARG B 9 -7.67 13.65 -28.88
C ARG B 9 -8.13 14.86 -29.68
N ASP B 10 -7.16 15.58 -30.27
CA ASP B 10 -7.42 16.77 -31.07
C ASP B 10 -7.05 16.50 -32.53
N PHE B 11 -7.97 16.83 -33.45
CA PHE B 11 -7.76 16.66 -34.89
C PHE B 11 -7.49 18.03 -35.52
N VAL B 12 -6.22 18.29 -35.87
CA VAL B 12 -5.84 19.56 -36.49
C VAL B 12 -5.63 19.39 -37.98
N GLU B 13 -6.17 20.33 -38.78
CA GLU B 13 -6.06 20.31 -40.24
C GLU B 13 -5.42 21.58 -40.76
N GLY B 14 -4.13 21.47 -41.11
CA GLY B 14 -3.34 22.58 -41.64
C GLY B 14 -3.71 22.97 -43.06
N GLY B 18 0.41 24.87 -47.48
CA GLY B 18 0.88 25.43 -46.23
C GLY B 18 2.07 24.69 -45.65
N THR B 19 3.02 25.45 -45.08
CA THR B 19 4.25 24.90 -44.50
C THR B 19 4.12 24.63 -42.98
N TRP B 20 3.52 25.54 -42.22
CA TRP B 20 3.41 25.41 -40.77
C TRP B 20 2.02 25.01 -40.26
N VAL B 21 2.02 24.23 -39.15
CA VAL B 21 0.83 23.77 -38.43
C VAL B 21 1.12 23.97 -36.93
N ASP B 22 0.29 24.79 -36.26
CA ASP B 22 0.46 25.07 -34.82
C ASP B 22 -0.32 24.07 -33.97
N VAL B 23 0.41 23.41 -33.04
CA VAL B 23 -0.13 22.40 -32.14
C VAL B 23 0.18 22.72 -30.66
N VAL B 24 -0.72 22.28 -29.77
CA VAL B 24 -0.59 22.43 -28.32
C VAL B 24 -0.55 21.00 -27.78
N LEU B 25 0.64 20.56 -27.32
CA LEU B 25 0.84 19.21 -26.82
C LEU B 25 0.73 19.13 -25.31
N GLU B 26 -0.37 18.51 -24.82
CA GLU B 26 -0.67 18.33 -23.39
C GLU B 26 -0.38 16.90 -22.94
N HIS B 27 -0.14 16.73 -21.64
CA HIS B 27 0.08 15.42 -21.03
C HIS B 27 -1.29 14.75 -20.93
N GLY B 28 -1.36 13.51 -21.40
CA GLY B 28 -2.61 12.75 -21.42
C GLY B 28 -3.49 13.09 -22.61
N GLY B 29 -2.98 14.00 -23.45
CA GLY B 29 -3.63 14.46 -24.67
C GLY B 29 -2.86 13.96 -25.88
N CYS B 30 -3.52 13.96 -27.05
CA CYS B 30 -2.90 13.49 -28.28
C CYS B 30 -3.39 14.29 -29.49
N VAL B 31 -2.47 14.65 -30.40
CA VAL B 31 -2.82 15.44 -31.58
C VAL B 31 -2.64 14.65 -32.89
N THR B 32 -3.70 14.58 -33.69
CA THR B 32 -3.72 13.94 -35.01
C THR B 32 -3.69 15.07 -36.05
N VAL B 33 -2.51 15.25 -36.68
CA VAL B 33 -2.31 16.30 -37.69
C VAL B 33 -2.57 15.73 -39.10
N MET B 34 -3.47 16.40 -39.83
CA MET B 34 -3.86 16.04 -41.20
C MET B 34 -3.64 17.22 -42.14
N ALA B 35 -3.18 16.94 -43.36
CA ALA B 35 -2.93 17.94 -44.39
C ALA B 35 -3.06 17.30 -45.77
N GLN B 36 -3.63 18.05 -46.74
CA GLN B 36 -3.83 17.58 -48.12
C GLN B 36 -2.48 17.23 -48.76
N ASP B 37 -2.42 16.04 -49.40
CA ASP B 37 -1.25 15.45 -50.07
C ASP B 37 -0.07 15.17 -49.10
N LYS B 38 -0.38 15.01 -47.80
CA LYS B 38 0.61 14.75 -46.73
C LYS B 38 0.14 13.57 -45.86
N PRO B 39 1.05 12.77 -45.24
CA PRO B 39 0.58 11.67 -44.39
C PRO B 39 0.09 12.14 -43.03
N THR B 40 -0.85 11.39 -42.44
CA THR B 40 -1.43 11.69 -41.13
C THR B 40 -0.44 11.30 -40.03
N VAL B 41 -0.01 12.27 -39.23
CA VAL B 41 0.96 12.07 -38.15
C VAL B 41 0.30 12.30 -36.79
N ASP B 42 0.56 11.39 -35.84
CA ASP B 42 0.09 11.44 -34.47
C ASP B 42 1.24 11.93 -33.59
N ILE B 43 1.03 13.06 -32.90
CA ILE B 43 2.03 13.70 -32.05
C ILE B 43 1.52 13.83 -30.60
N GLU B 44 2.33 13.39 -29.62
CA GLU B 44 1.97 13.41 -28.20
C GLU B 44 3.16 13.76 -27.29
N LEU B 45 2.93 14.67 -26.31
CA LEU B 45 3.94 15.02 -25.30
C LEU B 45 3.87 13.90 -24.25
N VAL B 46 4.93 13.08 -24.18
CA VAL B 46 4.98 11.92 -23.31
C VAL B 46 5.54 12.26 -21.91
N THR B 47 6.76 12.85 -21.78
CA THR B 47 7.35 13.18 -20.47
C THR B 47 8.04 14.54 -20.37
N THR B 48 7.83 15.23 -19.22
CA THR B 48 8.46 16.50 -18.85
C THR B 48 9.37 16.14 -17.68
N THR B 49 10.68 16.43 -17.81
CA THR B 49 11.67 16.09 -16.78
C THR B 49 12.46 17.31 -16.32
N VAL B 50 12.55 17.50 -15.00
CA VAL B 50 13.31 18.59 -14.39
C VAL B 50 14.59 18.03 -13.74
N SER B 51 15.74 18.64 -14.08
CA SER B 51 17.06 18.23 -13.60
C SER B 51 17.68 19.29 -12.65
N ASN B 52 18.80 18.90 -12.01
CA ASN B 52 19.63 19.70 -11.10
C ASN B 52 18.86 20.68 -10.20
N MET B 53 17.92 20.15 -9.41
CA MET B 53 17.13 20.95 -8.46
C MET B 53 17.96 21.19 -7.21
N ALA B 54 17.89 22.41 -6.65
CA ALA B 54 18.63 22.79 -5.44
C ALA B 54 17.71 23.12 -4.27
N GLU B 55 18.11 22.70 -3.05
CA GLU B 55 17.36 22.94 -1.80
C GLU B 55 17.28 24.42 -1.47
N VAL B 56 16.08 24.88 -1.05
CA VAL B 56 15.83 26.29 -0.71
C VAL B 56 15.53 26.43 0.79
N ARG B 57 14.51 25.69 1.28
CA ARG B 57 14.03 25.73 2.65
C ARG B 57 13.37 24.40 3.02
N SER B 58 13.53 23.98 4.29
CA SER B 58 12.93 22.75 4.79
C SER B 58 12.01 23.07 5.97
N TYR B 59 10.75 22.61 5.90
CA TYR B 59 9.75 22.82 6.94
C TYR B 59 9.53 21.55 7.78
N CYS B 60 9.48 21.71 9.10
CA CYS B 60 9.25 20.63 10.05
C CYS B 60 7.75 20.42 10.21
N TYR B 61 7.27 19.16 10.09
CA TYR B 61 5.85 18.86 10.24
C TYR B 61 5.56 17.97 11.47
N GLU B 62 6.62 17.36 12.04
CA GLU B 62 6.52 16.52 13.24
C GLU B 62 7.71 16.81 14.14
N ALA B 63 7.44 17.34 15.34
CA ALA B 63 8.48 17.71 16.30
C ALA B 63 8.32 17.03 17.67
N SER B 64 9.32 17.20 18.55
CA SER B 64 9.36 16.66 19.91
C SER B 64 10.10 17.62 20.83
N ILE B 65 9.59 17.78 22.06
CA ILE B 65 10.18 18.66 23.07
C ILE B 65 10.66 17.89 24.30
N SER B 66 11.80 18.33 24.87
CA SER B 66 12.44 17.72 26.04
C SER B 66 13.12 18.80 26.90
N ASP B 67 13.65 18.40 28.08
CA ASP B 67 14.37 19.24 29.04
C ASP B 67 13.68 20.60 29.30
N MET B 68 12.38 20.55 29.64
CA MET B 68 11.57 21.74 29.90
C MET B 68 11.73 22.22 31.35
N ALA B 69 12.06 23.49 31.51
CA ALA B 69 12.27 24.14 32.80
C ALA B 69 11.54 25.49 32.90
N SER B 70 11.30 25.95 34.13
CA SER B 70 10.63 27.22 34.41
C SER B 70 11.37 28.06 35.44
N ASP B 71 11.15 29.38 35.38
CA ASP B 71 11.67 30.36 36.33
C ASP B 71 10.60 31.43 36.54
N SER B 72 10.32 31.77 37.80
CA SER B 72 9.30 32.76 38.14
C SER B 72 9.84 33.83 39.08
N ARG B 73 9.21 35.02 39.05
CA ARG B 73 9.57 36.16 39.90
C ARG B 73 8.30 36.78 40.48
N CYS B 74 8.42 37.32 41.70
CA CYS B 74 7.33 37.98 42.42
C CYS B 74 7.00 39.35 41.78
N PRO B 75 5.82 39.97 42.04
CA PRO B 75 5.55 41.29 41.43
C PRO B 75 6.59 42.33 41.87
N THR B 76 6.99 43.22 40.93
CA THR B 76 7.98 44.31 41.07
C THR B 76 9.43 43.77 41.25
N GLN B 77 9.65 42.44 41.10
CA GLN B 77 10.97 41.82 41.24
C GLN B 77 11.65 41.59 39.87
N GLY B 78 11.14 42.26 38.84
CA GLY B 78 11.66 42.18 37.49
C GLY B 78 11.22 40.98 36.68
N GLU B 79 11.73 40.89 35.44
CA GLU B 79 11.44 39.83 34.47
C GLU B 79 12.13 38.53 34.87
N ALA B 80 11.48 37.39 34.57
CA ALA B 80 12.03 36.07 34.87
C ALA B 80 13.05 35.65 33.81
N TYR B 81 14.12 34.96 34.23
CA TYR B 81 15.17 34.53 33.31
C TYR B 81 15.65 33.11 33.53
N LEU B 82 15.80 32.37 32.41
CA LEU B 82 16.34 31.01 32.34
C LEU B 82 17.56 31.07 31.42
N ASP B 83 18.64 30.36 31.78
CA ASP B 83 19.86 30.33 30.96
C ASP B 83 19.61 29.70 29.58
N LYS B 84 18.49 28.96 29.44
CA LYS B 84 18.06 28.29 28.21
C LYS B 84 17.49 29.28 27.17
N GLN B 85 17.19 30.53 27.59
CA GLN B 85 16.71 31.60 26.70
C GLN B 85 17.81 32.05 25.74
N SER B 86 19.09 31.84 26.14
CA SER B 86 20.27 32.15 25.35
C SER B 86 20.69 30.94 24.47
N ASP B 87 19.89 29.87 24.48
CA ASP B 87 20.14 28.68 23.66
C ASP B 87 19.14 28.64 22.51
N THR B 88 19.65 28.61 21.25
CA THR B 88 18.82 28.61 20.03
C THR B 88 18.15 27.27 19.74
N GLN B 89 18.43 26.23 20.55
CA GLN B 89 17.80 24.92 20.42
C GLN B 89 16.55 24.87 21.29
N TYR B 90 16.29 25.96 22.04
CA TYR B 90 15.18 26.09 22.97
C TYR B 90 14.12 27.10 22.53
N VAL B 91 12.84 26.75 22.78
CA VAL B 91 11.67 27.59 22.48
C VAL B 91 11.11 28.09 23.84
N CYS B 92 11.08 29.42 24.02
CA CYS B 92 10.65 30.06 25.27
C CYS B 92 9.49 31.03 25.11
N LYS B 93 8.76 31.27 26.21
CA LYS B 93 7.64 32.19 26.29
C LYS B 93 7.54 32.80 27.69
N ARG B 94 7.51 34.14 27.73
CA ARG B 94 7.35 34.92 28.96
C ARG B 94 5.87 35.27 29.11
N THR B 95 5.36 35.12 30.34
CA THR B 95 3.96 35.39 30.67
C THR B 95 3.87 36.08 32.03
N LEU B 96 2.68 36.62 32.35
CA LEU B 96 2.38 37.26 33.63
C LEU B 96 1.27 36.47 34.33
N VAL B 97 1.58 35.97 35.54
CA VAL B 97 0.66 35.17 36.35
C VAL B 97 0.32 35.88 37.65
N ASP B 98 -0.85 35.57 38.22
CA ASP B 98 -1.29 36.14 39.49
C ASP B 98 -0.43 35.60 40.63
N ARG B 99 0.14 36.51 41.42
CA ARG B 99 0.99 36.19 42.57
C ARG B 99 0.46 36.84 43.83
N GLY B 100 0.68 36.21 44.97
CA GLY B 100 0.23 36.71 46.25
C GLY B 100 0.78 35.97 47.46
N TRP B 101 0.13 36.17 48.62
CA TRP B 101 0.50 35.59 49.91
C TRP B 101 0.45 34.05 49.94
N GLY B 102 -0.42 33.45 49.13
CA GLY B 102 -0.54 32.01 49.01
C GLY B 102 0.41 31.41 47.99
N ASN B 103 0.83 32.24 47.00
CA ASN B 103 1.74 31.89 45.90
C ASN B 103 3.23 32.01 46.24
N GLY B 104 3.55 32.67 47.35
CA GLY B 104 4.93 32.86 47.80
C GLY B 104 5.49 34.26 47.68
N CYS B 105 4.61 35.27 47.56
CA CYS B 105 5.00 36.67 47.44
C CYS B 105 4.40 37.51 48.53
N GLY B 106 5.10 38.59 48.89
CA GLY B 106 4.65 39.54 49.90
C GLY B 106 3.80 40.64 49.30
N LEU B 107 3.67 40.64 47.96
CA LEU B 107 2.92 41.62 47.20
C LEU B 107 1.91 40.92 46.30
N PHE B 108 0.73 41.55 46.08
CA PHE B 108 -0.32 41.02 45.20
C PHE B 108 -0.27 41.73 43.86
N GLY B 109 -0.10 40.96 42.79
CA GLY B 109 -0.02 41.48 41.44
C GLY B 109 0.47 40.46 40.44
N LYS B 110 0.76 40.91 39.21
CA LYS B 110 1.23 40.05 38.13
C LYS B 110 2.73 39.85 38.18
N GLY B 111 3.14 38.60 38.43
CA GLY B 111 4.53 38.20 38.49
C GLY B 111 5.01 37.57 37.21
N SER B 112 6.28 37.84 36.83
CA SER B 112 6.88 37.31 35.61
C SER B 112 7.16 35.81 35.71
N LEU B 113 6.82 35.06 34.65
CA LEU B 113 7.03 33.62 34.55
C LEU B 113 7.55 33.28 33.15
N VAL B 114 8.65 32.50 33.08
CA VAL B 114 9.25 32.06 31.81
C VAL B 114 9.37 30.53 31.77
N THR B 115 9.01 29.92 30.63
CA THR B 115 9.10 28.47 30.41
C THR B 115 9.86 28.21 29.12
N CYS B 116 10.83 27.28 29.16
CA CYS B 116 11.67 26.91 28.02
C CYS B 116 11.64 25.39 27.78
N ALA B 117 11.71 24.97 26.51
CA ALA B 117 11.72 23.55 26.11
C ALA B 117 12.64 23.34 24.91
N LYS B 118 13.46 22.26 24.93
CA LYS B 118 14.39 21.93 23.84
C LYS B 118 13.63 21.37 22.65
N PHE B 119 13.69 22.10 21.53
CA PHE B 119 13.03 21.75 20.26
C PHE B 119 13.89 20.81 19.43
N ALA B 120 13.27 19.76 18.89
CA ALA B 120 13.89 18.78 18.02
C ALA B 120 12.88 18.35 16.96
N CYS B 121 13.32 18.29 15.69
CA CYS B 121 12.47 17.88 14.59
C CYS B 121 12.62 16.40 14.28
N SER B 122 11.48 15.69 14.17
CA SER B 122 11.42 14.26 13.87
C SER B 122 11.30 14.02 12.37
N LYS B 123 10.32 14.70 11.71
CA LYS B 123 10.04 14.57 10.27
C LYS B 123 9.95 15.94 9.62
N LYS B 124 10.59 16.09 8.44
CA LYS B 124 10.59 17.35 7.68
C LYS B 124 10.32 17.18 6.18
N MET B 125 9.86 18.27 5.53
CA MET B 125 9.62 18.34 4.09
C MET B 125 10.66 19.28 3.46
N THR B 126 10.97 19.12 2.17
CA THR B 126 11.99 19.96 1.52
C THR B 126 11.50 20.56 0.20
N GLY B 127 11.75 21.87 0.05
CA GLY B 127 11.41 22.64 -1.15
C GLY B 127 12.63 22.86 -2.01
N LYS B 128 12.49 22.61 -3.33
CA LYS B 128 13.58 22.74 -4.30
C LYS B 128 13.31 23.74 -5.42
N SER B 129 14.34 24.54 -5.77
CA SER B 129 14.29 25.54 -6.83
C SER B 129 14.35 24.86 -8.20
N ILE B 130 13.64 25.39 -9.19
CA ILE B 130 13.62 24.83 -10.54
C ILE B 130 14.19 25.82 -11.54
N GLN B 131 15.32 25.47 -12.16
CA GLN B 131 15.94 26.32 -13.18
C GLN B 131 15.29 26.03 -14.54
N PRO B 132 14.75 27.06 -15.24
CA PRO B 132 14.08 26.81 -16.53
C PRO B 132 14.89 26.07 -17.59
N GLU B 133 16.23 26.23 -17.58
CA GLU B 133 17.16 25.57 -18.50
C GLU B 133 17.25 24.06 -18.29
N ASN B 134 17.24 23.60 -17.02
CA ASN B 134 17.32 22.18 -16.65
C ASN B 134 15.91 21.55 -16.72
N LEU B 135 15.32 21.59 -17.92
CA LEU B 135 13.99 21.10 -18.21
C LEU B 135 13.99 20.43 -19.60
N GLU B 136 13.51 19.18 -19.68
CA GLU B 136 13.50 18.37 -20.90
C GLU B 136 12.10 17.83 -21.22
N TYR B 137 11.65 18.06 -22.46
CA TYR B 137 10.38 17.59 -22.99
C TYR B 137 10.61 16.47 -23.98
N ARG B 138 9.81 15.39 -23.88
CA ARG B 138 9.91 14.25 -24.79
C ARG B 138 8.60 14.09 -25.55
N ILE B 139 8.68 14.20 -26.88
CA ILE B 139 7.55 14.08 -27.81
C ILE B 139 7.67 12.78 -28.59
N MET B 140 6.53 12.08 -28.77
CA MET B 140 6.47 10.83 -29.54
C MET B 140 5.64 11.03 -30.80
N LEU B 141 6.16 10.58 -31.95
CA LEU B 141 5.50 10.66 -33.26
C LEU B 141 5.12 9.26 -33.74
N SER B 142 4.05 9.17 -34.55
CA SER B 142 3.54 7.92 -35.13
C SER B 142 2.76 8.24 -36.40
N VAL B 143 3.22 7.70 -37.56
CA VAL B 143 2.61 7.97 -38.87
C VAL B 143 1.57 6.91 -39.27
N HIS B 144 0.45 7.37 -39.87
CA HIS B 144 -0.64 6.55 -40.42
C HIS B 144 -0.25 6.16 -41.85
N GLY B 145 -0.72 4.99 -42.30
CA GLY B 145 -0.45 4.49 -43.64
C GLY B 145 -0.31 2.99 -43.66
N SER B 146 0.62 2.47 -42.85
CA SER B 146 0.85 1.05 -42.67
C SER B 146 0.53 0.79 -41.18
N GLN B 147 1.29 -0.09 -40.50
CA GLN B 147 1.16 -0.44 -39.07
C GLN B 147 -0.18 -1.06 -38.69
N HIS B 148 -0.14 -2.22 -38.05
CA HIS B 148 -1.33 -2.92 -37.58
C HIS B 148 -1.73 -2.42 -36.17
N SER B 149 -2.72 -3.08 -35.52
CA SER B 149 -3.23 -2.72 -34.20
C SER B 149 -2.19 -2.78 -33.08
N GLY B 150 -1.23 -3.70 -33.19
CA GLY B 150 -0.17 -3.92 -32.21
C GLY B 150 0.84 -2.80 -32.07
N MET B 151 0.82 -1.82 -33.00
CA MET B 151 1.73 -0.68 -33.01
C MET B 151 1.20 0.56 -32.29
N ILE B 152 -0.11 0.58 -31.91
CA ILE B 152 -0.74 1.69 -31.18
C ILE B 152 0.02 1.93 -29.87
N VAL B 153 0.35 0.83 -29.15
CA VAL B 153 1.12 0.86 -27.91
C VAL B 153 2.43 0.04 -28.13
N ASN B 154 3.48 0.72 -28.61
CA ASN B 154 4.83 0.17 -28.85
C ASN B 154 5.83 1.32 -28.86
N ASP B 155 6.82 1.27 -27.96
CA ASP B 155 7.84 2.31 -27.82
C ASP B 155 9.27 1.73 -27.86
N THR B 156 9.41 0.43 -28.19
CA THR B 156 10.69 -0.26 -28.15
C THR B 156 11.76 0.14 -29.22
N GLY B 157 11.52 -0.12 -30.50
CA GLY B 157 12.49 0.14 -31.57
C GLY B 157 12.07 1.21 -32.54
N HIS B 158 11.77 2.42 -32.03
CA HIS B 158 11.37 3.57 -32.84
C HIS B 158 12.55 4.15 -33.66
N GLU B 159 13.79 3.79 -33.28
CA GLU B 159 15.01 4.22 -33.97
C GLU B 159 15.12 3.54 -35.34
N THR B 160 14.80 2.23 -35.40
CA THR B 160 14.84 1.40 -36.61
C THR B 160 13.54 1.49 -37.43
N ASP B 161 12.41 1.79 -36.76
CA ASP B 161 11.09 1.93 -37.38
C ASP B 161 10.96 3.35 -37.96
N GLU B 162 10.59 3.46 -39.24
CA GLU B 162 10.41 4.73 -39.92
C GLU B 162 9.11 5.45 -39.53
N ASN B 163 8.06 4.68 -39.21
CA ASN B 163 6.73 5.19 -38.84
C ASN B 163 6.70 5.90 -37.49
N ARG B 164 7.53 5.47 -36.53
CA ARG B 164 7.58 6.04 -35.17
C ARG B 164 8.88 6.81 -34.94
N ALA B 165 8.83 7.89 -34.14
CA ALA B 165 9.98 8.73 -33.83
C ALA B 165 9.92 9.40 -32.46
N LYS B 166 11.09 9.58 -31.83
CA LYS B 166 11.23 10.24 -30.53
C LYS B 166 11.92 11.60 -30.74
N VAL B 167 11.31 12.66 -30.18
CA VAL B 167 11.79 14.03 -30.29
C VAL B 167 12.06 14.58 -28.88
N GLU B 168 13.22 15.22 -28.69
CA GLU B 168 13.60 15.81 -27.40
C GLU B 168 13.77 17.32 -27.53
N ILE B 169 12.93 18.08 -26.79
CA ILE B 169 12.91 19.54 -26.81
C ILE B 169 13.34 20.10 -25.44
N THR B 170 14.33 21.02 -25.44
CA THR B 170 14.83 21.69 -24.23
C THR B 170 14.86 23.21 -24.53
N PRO B 171 14.96 24.15 -23.56
CA PRO B 171 15.02 25.58 -23.94
C PRO B 171 16.28 25.93 -24.74
N ASN B 172 17.38 25.16 -24.53
CA ASN B 172 18.67 25.31 -25.21
C ASN B 172 18.69 24.63 -26.58
N SER B 173 17.72 23.75 -26.85
CA SER B 173 17.53 23.05 -28.12
C SER B 173 16.01 22.98 -28.37
N PRO B 174 15.35 24.11 -28.68
CA PRO B 174 13.88 24.08 -28.84
C PRO B 174 13.39 23.59 -30.20
N ARG B 175 14.33 23.32 -31.11
CA ARG B 175 14.07 22.84 -32.46
C ARG B 175 14.57 21.42 -32.64
N ALA B 176 13.87 20.65 -33.50
CA ALA B 176 14.23 19.27 -33.83
C ALA B 176 13.75 18.91 -35.24
N GLU B 177 14.47 17.98 -35.88
CA GLU B 177 14.17 17.43 -37.20
C GLU B 177 14.04 15.92 -37.01
N ALA B 178 12.81 15.40 -37.16
CA ALA B 178 12.55 13.97 -36.96
C ALA B 178 12.51 13.19 -38.26
N THR B 179 13.53 12.32 -38.46
CA THR B 179 13.67 11.47 -39.65
C THR B 179 12.56 10.42 -39.64
N LEU B 180 11.74 10.41 -40.71
CA LEU B 180 10.61 9.49 -40.82
C LEU B 180 10.72 8.54 -42.03
N GLY B 181 11.96 8.20 -42.40
CA GLY B 181 12.27 7.31 -43.50
C GLY B 181 11.72 7.77 -44.84
N GLY B 182 10.84 6.95 -45.40
CA GLY B 182 10.16 7.22 -46.66
C GLY B 182 9.21 8.40 -46.64
N PHE B 183 8.70 8.75 -45.43
CA PHE B 183 7.78 9.87 -45.22
C PHE B 183 8.49 11.23 -45.17
N GLY B 184 9.83 11.21 -45.31
CA GLY B 184 10.65 12.40 -45.25
C GLY B 184 11.03 12.74 -43.82
N SER B 185 10.74 13.98 -43.40
CA SER B 185 11.04 14.46 -42.04
C SER B 185 10.06 15.52 -41.54
N LEU B 186 9.87 15.59 -40.22
CA LEU B 186 8.99 16.57 -39.59
C LEU B 186 9.82 17.52 -38.73
N GLY B 187 9.64 18.81 -38.97
CA GLY B 187 10.31 19.88 -38.23
C GLY B 187 9.47 20.29 -37.03
N LEU B 188 10.12 20.53 -35.89
CA LEU B 188 9.43 20.91 -34.65
C LEU B 188 10.07 22.13 -34.00
N ASP B 189 9.40 23.29 -34.11
CA ASP B 189 9.85 24.56 -33.53
C ASP B 189 8.94 24.82 -32.33
N CYS B 190 9.44 24.49 -31.13
CA CYS B 190 8.64 24.56 -29.91
C CYS B 190 9.05 25.69 -28.95
N GLU B 191 8.11 26.03 -28.03
CA GLU B 191 8.26 27.07 -27.01
C GLU B 191 8.34 26.40 -25.61
N PRO B 192 9.54 25.96 -25.17
CA PRO B 192 9.65 25.29 -23.86
C PRO B 192 9.52 26.20 -22.64
N ARG B 193 9.97 27.47 -22.75
CA ARG B 193 9.91 28.43 -21.63
C ARG B 193 8.51 28.91 -21.27
N THR B 194 7.56 28.85 -22.23
CA THR B 194 6.17 29.29 -22.02
C THR B 194 5.21 28.10 -21.93
N GLY B 195 5.66 27.07 -21.23
CA GLY B 195 4.87 25.86 -21.03
C GLY B 195 4.17 25.86 -19.70
N LEU B 196 4.89 26.30 -18.63
CA LEU B 196 4.35 26.28 -17.27
C LEU B 196 4.90 27.36 -16.28
N ASP B 197 5.87 28.23 -16.67
CA ASP B 197 6.57 29.24 -15.84
C ASP B 197 7.08 28.65 -14.51
N PHE B 198 8.27 28.02 -14.58
CA PHE B 198 8.94 27.38 -13.46
C PHE B 198 9.72 28.34 -12.55
N SER B 199 9.81 29.64 -12.93
CA SER B 199 10.48 30.64 -12.11
C SER B 199 9.68 30.96 -10.84
N ASP B 200 8.35 30.77 -10.90
CA ASP B 200 7.42 30.99 -9.78
C ASP B 200 6.97 29.66 -9.15
N LEU B 201 7.68 28.55 -9.45
CA LEU B 201 7.37 27.21 -8.94
C LEU B 201 8.51 26.56 -8.17
N TYR B 202 8.15 25.75 -7.14
CA TYR B 202 9.05 24.98 -6.29
C TYR B 202 8.67 23.50 -6.31
N TYR B 203 9.64 22.61 -6.05
CA TYR B 203 9.44 21.17 -6.00
C TYR B 203 9.44 20.72 -4.52
N LEU B 204 8.26 20.35 -4.00
CA LEU B 204 8.08 19.93 -2.61
C LEU B 204 8.14 18.41 -2.45
N THR B 205 8.90 17.93 -1.45
CA THR B 205 9.08 16.52 -1.14
C THR B 205 8.68 16.25 0.32
N MET B 206 7.70 15.35 0.52
CA MET B 206 7.22 14.95 1.85
C MET B 206 7.69 13.51 2.16
N ASN B 207 6.81 12.63 2.69
CA ASN B 207 7.15 11.25 2.99
C ASN B 207 7.12 10.45 1.67
N ASN B 208 8.16 10.69 0.82
CA ASN B 208 8.36 10.10 -0.52
C ASN B 208 7.21 10.44 -1.49
N LYS B 209 6.57 11.61 -1.27
CA LYS B 209 5.47 12.15 -2.07
C LYS B 209 5.93 13.51 -2.59
N HIS B 210 5.71 13.79 -3.88
CA HIS B 210 6.19 15.03 -4.51
C HIS B 210 5.11 15.89 -5.16
N TRP B 211 5.30 17.22 -5.10
CA TRP B 211 4.38 18.22 -5.66
C TRP B 211 5.13 19.38 -6.31
N LEU B 212 4.40 20.17 -7.11
CA LEU B 212 4.87 21.37 -7.78
C LEU B 212 4.00 22.51 -7.24
N VAL B 213 4.57 23.30 -6.32
CA VAL B 213 3.86 24.38 -5.62
C VAL B 213 4.33 25.79 -6.00
N HIS B 214 3.45 26.80 -5.80
CA HIS B 214 3.75 28.21 -6.06
C HIS B 214 4.73 28.67 -4.97
N LYS B 215 5.78 29.42 -5.36
CA LYS B 215 6.83 29.88 -4.45
C LYS B 215 6.30 30.79 -3.33
N GLU B 216 5.31 31.65 -3.63
CA GLU B 216 4.71 32.57 -2.65
C GLU B 216 3.97 31.83 -1.53
N TRP B 217 3.29 30.71 -1.87
CA TRP B 217 2.55 29.85 -0.95
C TRP B 217 3.52 29.15 0.00
N PHE B 218 4.61 28.57 -0.54
CA PHE B 218 5.65 27.85 0.20
C PHE B 218 6.32 28.72 1.26
N HIS B 219 6.54 30.01 0.97
CA HIS B 219 7.16 30.95 1.91
C HIS B 219 6.18 31.40 3.01
N ASP B 220 4.87 31.13 2.84
CA ASP B 220 3.82 31.48 3.79
C ASP B 220 3.37 30.33 4.70
N ILE B 221 4.04 29.15 4.62
CA ILE B 221 3.73 27.95 5.41
C ILE B 221 3.92 28.20 6.93
N PRO B 222 2.87 27.98 7.76
CA PRO B 222 3.04 28.20 9.21
C PRO B 222 3.66 26.99 9.92
N LEU B 223 4.95 26.73 9.64
CA LEU B 223 5.71 25.62 10.22
C LEU B 223 7.17 26.02 10.49
N PRO B 224 7.86 25.40 11.49
CA PRO B 224 9.27 25.73 11.74
C PRO B 224 10.14 25.41 10.53
N TRP B 225 11.00 26.36 10.11
CA TRP B 225 11.82 26.18 8.92
C TRP B 225 13.31 26.44 9.12
N HIS B 226 14.13 25.77 8.29
CA HIS B 226 15.59 25.93 8.27
C HIS B 226 16.07 26.09 6.81
N ALA B 227 17.03 27.01 6.59
CA ALA B 227 17.57 27.32 5.27
C ALA B 227 18.34 26.15 4.63
N GLY B 228 18.27 26.06 3.29
CA GLY B 228 18.95 25.05 2.50
C GLY B 228 20.43 24.95 2.82
N ALA B 229 21.11 26.11 2.98
CA ALA B 229 22.52 26.23 3.32
C ALA B 229 22.86 25.76 4.74
N ASP B 230 21.86 25.68 5.64
CA ASP B 230 22.00 25.23 7.03
C ASP B 230 22.13 23.70 7.10
N THR B 231 23.26 23.17 6.61
CA THR B 231 23.56 21.73 6.61
C THR B 231 24.06 21.29 7.99
N GLY B 232 23.96 19.99 8.27
CA GLY B 232 24.34 19.41 9.56
C GLY B 232 23.31 19.69 10.62
N THR B 233 23.74 20.20 11.80
CA THR B 233 22.83 20.55 12.91
C THR B 233 22.04 21.82 12.52
N PRO B 234 20.70 21.72 12.37
CA PRO B 234 19.94 22.87 11.86
C PRO B 234 19.32 23.81 12.88
N HIS B 235 19.27 25.11 12.54
CA HIS B 235 18.64 26.14 13.37
C HIS B 235 17.25 26.40 12.80
N TRP B 236 16.23 26.02 13.58
CA TRP B 236 14.83 26.16 13.20
C TRP B 236 14.26 27.52 13.57
N ASN B 237 13.70 28.23 12.57
CA ASN B 237 13.06 29.52 12.75
C ASN B 237 11.57 29.26 12.87
N ASN B 238 10.86 30.05 13.71
CA ASN B 238 9.43 29.92 13.98
C ASN B 238 9.06 28.53 14.56
N LYS B 239 9.76 28.13 15.65
CA LYS B 239 9.55 26.86 16.36
C LYS B 239 8.18 26.85 17.04
N GLU B 240 7.66 28.05 17.34
CA GLU B 240 6.38 28.35 18.00
C GLU B 240 5.18 27.78 17.23
N ALA B 241 5.35 27.51 15.91
CA ALA B 241 4.32 26.95 15.04
C ALA B 241 3.93 25.52 15.42
N LEU B 242 4.89 24.73 15.95
CA LEU B 242 4.67 23.33 16.36
C LEU B 242 4.67 23.15 17.89
N VAL B 243 4.86 24.23 18.65
CA VAL B 243 4.93 24.21 20.11
C VAL B 243 3.82 25.07 20.72
N GLU B 244 3.06 24.51 21.69
CA GLU B 244 1.97 25.22 22.36
C GLU B 244 2.25 25.43 23.86
N PHE B 245 2.11 26.68 24.34
CA PHE B 245 2.31 27.06 25.75
C PHE B 245 0.95 27.30 26.44
N LYS B 246 0.54 26.34 27.29
CA LYS B 246 -0.71 26.39 28.07
C LYS B 246 -0.44 26.94 29.47
N ASP B 247 -1.29 27.87 29.96
CA ASP B 247 -1.10 28.43 31.32
C ASP B 247 -1.60 27.45 32.39
N ALA B 248 -0.73 27.07 33.35
CA ALA B 248 -1.06 26.10 34.41
C ALA B 248 -1.19 26.72 35.81
N HIS B 249 -0.08 27.29 36.37
CA HIS B 249 -0.10 27.91 37.70
C HIS B 249 0.95 29.05 37.86
N ALA B 250 1.06 29.58 39.09
CA ALA B 250 1.91 30.70 39.46
C ALA B 250 3.42 30.46 39.33
N LYS B 251 3.89 29.19 39.33
CA LYS B 251 5.33 28.89 39.24
C LYS B 251 5.76 28.13 37.98
N ARG B 252 4.82 27.45 37.31
CA ARG B 252 5.08 26.69 36.08
C ARG B 252 3.97 26.91 35.04
N GLN B 253 4.34 26.76 33.77
CA GLN B 253 3.44 26.91 32.61
C GLN B 253 3.70 25.68 31.72
N THR B 254 2.64 24.96 31.35
CA THR B 254 2.87 23.72 30.60
C THR B 254 3.17 23.97 29.13
N VAL B 255 4.13 23.23 28.60
CA VAL B 255 4.51 23.30 27.20
C VAL B 255 4.31 21.91 26.56
N VAL B 256 3.59 21.87 25.43
CA VAL B 256 3.26 20.63 24.74
C VAL B 256 3.38 20.81 23.21
N VAL B 257 3.88 19.77 22.51
CA VAL B 257 4.05 19.74 21.06
C VAL B 257 2.69 19.50 20.35
N LEU B 258 2.51 20.13 19.17
CA LEU B 258 1.26 20.09 18.40
C LEU B 258 0.94 18.82 17.53
N GLY B 259 1.80 17.80 17.50
CA GLY B 259 1.51 16.59 16.72
C GLY B 259 1.70 16.74 15.23
N SER B 260 1.82 15.60 14.51
CA SER B 260 2.08 15.53 13.07
C SER B 260 1.14 16.35 12.20
N GLN B 261 1.72 17.29 11.44
CA GLN B 261 0.99 18.17 10.53
C GLN B 261 0.89 17.57 9.12
N GLU B 262 1.43 16.34 8.91
CA GLU B 262 1.45 15.58 7.66
C GLU B 262 0.09 15.57 6.95
N GLY B 263 -0.97 15.27 7.69
CA GLY B 263 -2.35 15.24 7.19
C GLY B 263 -2.86 16.60 6.78
N ALA B 264 -2.55 17.64 7.59
CA ALA B 264 -2.94 19.03 7.37
C ALA B 264 -2.22 19.62 6.16
N VAL B 265 -0.96 19.20 5.92
CA VAL B 265 -0.15 19.64 4.78
C VAL B 265 -0.70 18.98 3.50
N HIS B 266 -1.03 17.67 3.58
CA HIS B 266 -1.63 16.89 2.50
C HIS B 266 -2.92 17.54 2.00
N THR B 267 -3.81 17.94 2.93
CA THR B 267 -5.08 18.60 2.62
C THR B 267 -4.89 20.01 2.07
N ALA B 268 -3.80 20.69 2.48
CA ALA B 268 -3.46 22.04 1.99
C ALA B 268 -2.92 21.92 0.56
N LEU B 269 -2.21 20.80 0.27
CA LEU B 269 -1.63 20.49 -1.04
C LEU B 269 -2.67 20.07 -2.09
N ALA B 270 -3.97 19.95 -1.69
CA ALA B 270 -5.05 19.61 -2.61
C ALA B 270 -5.30 20.86 -3.48
N GLY B 271 -4.89 20.75 -4.73
CA GLY B 271 -4.96 21.84 -5.71
C GLY B 271 -3.64 21.96 -6.46
N ALA B 272 -2.53 21.59 -5.78
CA ALA B 272 -1.18 21.58 -6.34
C ALA B 272 -0.98 20.43 -7.30
N LEU B 273 -0.14 20.64 -8.33
CA LEU B 273 0.16 19.64 -9.35
C LEU B 273 1.11 18.59 -8.76
N GLU B 274 0.68 17.32 -8.74
CA GLU B 274 1.47 16.22 -8.20
C GLU B 274 2.61 15.84 -9.15
N ALA B 275 3.74 15.40 -8.59
CA ALA B 275 4.93 14.96 -9.33
C ALA B 275 5.53 13.69 -8.72
N GLU B 276 6.53 13.10 -9.41
CA GLU B 276 7.21 11.88 -8.99
C GLU B 276 8.73 12.03 -9.24
N MET B 277 9.56 11.24 -8.55
CA MET B 277 11.02 11.29 -8.70
C MET B 277 11.59 10.07 -9.41
N ASP B 278 12.48 10.32 -10.37
CA ASP B 278 13.18 9.30 -11.16
C ASP B 278 14.68 9.36 -10.80
N GLY B 279 14.97 9.04 -9.55
CA GLY B 279 16.32 9.06 -9.00
C GLY B 279 16.69 10.46 -8.52
N ALA B 280 17.38 11.23 -9.39
CA ALA B 280 17.79 12.61 -9.14
C ALA B 280 16.91 13.58 -9.90
N LYS B 281 16.39 13.14 -11.06
CA LYS B 281 15.52 13.90 -11.94
C LYS B 281 14.07 13.83 -11.47
N GLY B 282 13.33 14.92 -11.65
CA GLY B 282 11.93 15.01 -11.27
C GLY B 282 11.02 14.86 -12.47
N ARG B 283 10.11 13.86 -12.44
CA ARG B 283 9.16 13.59 -13.52
C ARG B 283 7.86 14.36 -13.31
N LEU B 284 7.35 14.96 -14.39
CA LEU B 284 6.12 15.73 -14.39
C LEU B 284 5.10 15.10 -15.34
N SER B 285 3.83 15.02 -14.89
CA SER B 285 2.72 14.45 -15.65
C SER B 285 1.65 15.51 -15.98
N SER B 286 2.04 16.80 -15.95
CA SER B 286 1.15 17.91 -16.25
C SER B 286 1.87 19.05 -16.95
N GLY B 287 1.10 19.83 -17.70
CA GLY B 287 1.61 20.96 -18.46
C GLY B 287 1.54 20.75 -19.95
N HIS B 288 1.46 21.87 -20.68
CA HIS B 288 1.40 21.87 -22.15
C HIS B 288 2.70 22.38 -22.79
N LEU B 289 2.83 22.18 -24.10
CA LEU B 289 3.97 22.61 -24.90
C LEU B 289 3.49 23.02 -26.29
N LYS B 290 3.67 24.31 -26.64
CA LYS B 290 3.25 24.84 -27.94
C LYS B 290 4.33 24.57 -28.98
N CYS B 291 3.95 23.92 -30.11
CA CYS B 291 4.88 23.60 -31.20
C CYS B 291 4.34 24.03 -32.55
N ARG B 292 5.26 24.45 -33.43
CA ARG B 292 4.97 24.82 -34.82
C ARG B 292 5.64 23.73 -35.65
N LEU B 293 4.85 23.00 -36.44
CA LEU B 293 5.35 21.87 -37.23
C LEU B 293 5.62 22.22 -38.69
N LYS B 294 6.83 21.88 -39.18
CA LYS B 294 7.26 22.09 -40.56
C LYS B 294 6.82 20.89 -41.41
N MET B 295 5.95 21.15 -42.39
CA MET B 295 5.38 20.13 -43.29
C MET B 295 6.14 20.05 -44.62
N ASP B 296 7.04 21.02 -44.86
CA ASP B 296 7.87 21.18 -46.06
C ASP B 296 8.49 19.86 -46.56
N LYS B 297 9.31 19.20 -45.70
CA LYS B 297 10.01 17.95 -46.01
C LYS B 297 9.18 16.67 -45.79
N LEU B 298 7.92 16.80 -45.34
CA LEU B 298 7.03 15.66 -45.12
C LEU B 298 6.39 15.22 -46.45
N ARG B 299 6.60 13.95 -46.83
CA ARG B 299 6.11 13.38 -48.08
C ARG B 299 5.25 12.11 -47.90
N LEU B 300 4.48 11.75 -48.94
CA LEU B 300 3.62 10.56 -48.93
C LEU B 300 4.34 9.33 -49.47
N LYS B 301 4.81 8.45 -48.56
CA LYS B 301 5.47 7.21 -48.95
C LYS B 301 4.40 6.24 -49.43
N GLY B 302 4.40 5.96 -50.73
CA GLY B 302 3.44 5.07 -51.35
C GLY B 302 2.58 5.70 -52.42
N VAL B 303 2.88 6.97 -52.79
CA VAL B 303 2.12 7.68 -53.81
C VAL B 303 2.40 7.08 -55.21
N SER B 304 3.60 6.45 -55.38
CA SER B 304 4.05 5.78 -56.60
C SER B 304 3.60 4.30 -56.68
N TYR B 305 3.07 3.75 -55.57
CA TYR B 305 2.62 2.36 -55.48
C TYR B 305 1.39 2.12 -56.33
N SER B 306 1.26 0.91 -56.88
CA SER B 306 0.10 0.50 -57.67
C SER B 306 -0.98 0.02 -56.68
N LEU B 307 -2.25 -0.05 -57.11
CA LEU B 307 -3.36 -0.49 -56.26
C LEU B 307 -3.25 -1.99 -55.98
N CYS B 308 -3.59 -2.42 -54.74
CA CYS B 308 -3.54 -3.84 -54.34
C CYS B 308 -4.62 -4.61 -55.11
N THR B 309 -4.21 -5.64 -55.87
CA THR B 309 -5.10 -6.43 -56.72
C THR B 309 -5.78 -7.62 -56.04
N ALA B 310 -5.12 -8.22 -55.01
CA ALA B 310 -5.64 -9.40 -54.31
C ALA B 310 -6.69 -9.08 -53.23
N ALA B 311 -7.24 -10.15 -52.62
CA ALA B 311 -8.29 -10.11 -51.60
C ALA B 311 -7.79 -9.77 -50.21
N PHE B 312 -8.65 -9.08 -49.45
CA PHE B 312 -8.41 -8.68 -48.07
C PHE B 312 -9.38 -9.42 -47.13
N THR B 313 -9.02 -9.54 -45.85
CA THR B 313 -9.84 -10.19 -44.83
C THR B 313 -9.77 -9.35 -43.55
N PHE B 314 -10.94 -9.08 -42.94
CA PHE B 314 -10.99 -8.32 -41.69
C PHE B 314 -10.45 -9.19 -40.57
N THR B 315 -9.38 -8.74 -39.89
CA THR B 315 -8.80 -9.49 -38.76
C THR B 315 -9.62 -9.23 -37.50
N LYS B 316 -10.11 -7.99 -37.36
CA LYS B 316 -10.92 -7.51 -36.24
C LYS B 316 -12.22 -6.90 -36.79
N ILE B 317 -13.27 -6.82 -35.96
CA ILE B 317 -14.54 -6.19 -36.33
C ILE B 317 -14.30 -4.66 -36.35
N PRO B 318 -14.66 -3.92 -37.44
CA PRO B 318 -14.45 -2.46 -37.43
C PRO B 318 -15.11 -1.80 -36.21
N ALA B 319 -14.32 -1.04 -35.43
CA ALA B 319 -14.75 -0.40 -34.18
C ALA B 319 -14.82 1.12 -34.23
N GLU B 320 -15.85 1.69 -33.57
CA GLU B 320 -16.07 3.14 -33.49
C GLU B 320 -15.27 3.73 -32.34
N THR B 321 -14.46 4.76 -32.64
CA THR B 321 -13.67 5.46 -31.63
C THR B 321 -14.59 6.49 -30.96
N LEU B 322 -14.14 7.08 -29.84
CA LEU B 322 -14.90 8.08 -29.08
C LEU B 322 -15.39 9.28 -29.91
N HIS B 323 -14.69 9.59 -31.02
CA HIS B 323 -14.97 10.73 -31.89
C HIS B 323 -15.79 10.40 -33.14
N GLY B 324 -16.19 9.13 -33.29
CA GLY B 324 -17.00 8.67 -34.41
C GLY B 324 -16.27 8.05 -35.58
N THR B 325 -14.93 8.04 -35.55
CA THR B 325 -14.13 7.45 -36.61
C THR B 325 -14.12 5.92 -36.47
N VAL B 326 -13.85 5.20 -37.57
CA VAL B 326 -13.80 3.73 -37.60
C VAL B 326 -12.38 3.24 -37.78
N THR B 327 -11.98 2.26 -36.97
CA THR B 327 -10.67 1.62 -37.10
C THR B 327 -10.88 0.26 -37.75
N VAL B 328 -10.16 0.01 -38.85
CA VAL B 328 -10.26 -1.23 -39.63
C VAL B 328 -8.90 -1.90 -39.70
N GLU B 329 -8.83 -3.19 -39.30
CA GLU B 329 -7.60 -3.98 -39.37
C GLU B 329 -7.80 -5.11 -40.37
N VAL B 330 -6.96 -5.16 -41.42
CA VAL B 330 -7.09 -6.14 -42.51
C VAL B 330 -5.80 -6.93 -42.79
N GLN B 331 -5.98 -8.15 -43.32
CA GLN B 331 -4.92 -9.08 -43.71
C GLN B 331 -4.93 -9.20 -45.24
N TYR B 332 -3.74 -9.12 -45.87
CA TYR B 332 -3.61 -9.19 -47.34
C TYR B 332 -3.01 -10.51 -47.79
N ALA B 333 -3.74 -11.24 -48.63
CA ALA B 333 -3.33 -12.54 -49.17
C ALA B 333 -2.38 -12.45 -50.37
N GLY B 334 -2.27 -11.26 -50.96
CA GLY B 334 -1.42 -11.00 -52.12
C GLY B 334 0.05 -10.82 -51.82
N THR B 335 0.88 -11.04 -52.86
CA THR B 335 2.34 -10.92 -52.81
C THR B 335 2.85 -9.79 -53.72
N ASP B 336 1.93 -9.01 -54.33
CA ASP B 336 2.23 -7.90 -55.23
C ASP B 336 2.72 -6.63 -54.50
N GLY B 337 2.76 -6.68 -53.16
CA GLY B 337 3.21 -5.60 -52.30
C GLY B 337 4.66 -5.20 -52.52
N PRO B 338 5.06 -3.93 -52.25
CA PRO B 338 4.27 -2.81 -51.70
C PRO B 338 3.20 -2.25 -52.66
N CYS B 339 1.97 -2.08 -52.14
CA CYS B 339 0.83 -1.60 -52.90
C CYS B 339 -0.10 -0.67 -52.10
N LYS B 340 -0.93 0.13 -52.80
CA LYS B 340 -1.94 1.05 -52.25
C LYS B 340 -3.21 0.28 -51.89
N VAL B 341 -3.64 0.36 -50.62
CA VAL B 341 -4.85 -0.31 -50.13
C VAL B 341 -6.10 0.43 -50.65
N PRO B 342 -6.98 -0.24 -51.42
CA PRO B 342 -8.20 0.44 -51.89
C PRO B 342 -9.20 0.50 -50.73
N ALA B 343 -9.43 1.70 -50.17
CA ALA B 343 -10.33 1.88 -49.04
C ALA B 343 -11.26 3.06 -49.26
N GLN B 344 -12.55 2.87 -48.95
CA GLN B 344 -13.60 3.90 -49.10
C GLN B 344 -14.90 3.53 -48.39
N MET B 345 -15.80 4.51 -48.25
CA MET B 345 -17.14 4.36 -47.71
C MET B 345 -18.10 4.53 -48.88
N ALA B 346 -19.20 3.78 -48.90
CA ALA B 346 -20.19 3.88 -49.97
C ALA B 346 -21.61 3.78 -49.44
N VAL B 347 -22.51 4.59 -50.01
CA VAL B 347 -23.93 4.59 -49.68
C VAL B 347 -24.67 3.66 -50.69
N ASP B 348 -24.22 3.68 -51.97
CA ASP B 348 -24.74 2.82 -53.04
C ASP B 348 -23.59 2.05 -53.70
N MET B 349 -23.68 0.72 -53.66
CA MET B 349 -22.65 -0.21 -54.16
C MET B 349 -22.59 -0.34 -55.68
N GLN B 350 -23.61 0.17 -56.40
CA GLN B 350 -23.63 0.12 -57.86
C GLN B 350 -22.61 1.08 -58.46
N THR B 351 -22.69 2.37 -58.07
CA THR B 351 -21.79 3.43 -58.55
C THR B 351 -20.46 3.45 -57.79
N LEU B 352 -20.51 3.10 -56.48
CA LEU B 352 -19.38 3.10 -55.54
C LEU B 352 -18.79 4.51 -55.34
N THR B 353 -19.67 5.54 -55.41
CA THR B 353 -19.30 6.94 -55.24
C THR B 353 -18.82 7.11 -53.78
N PRO B 354 -17.57 7.58 -53.57
CA PRO B 354 -17.06 7.68 -52.19
C PRO B 354 -17.75 8.73 -51.34
N VAL B 355 -18.19 8.30 -50.15
CA VAL B 355 -18.81 9.15 -49.13
C VAL B 355 -17.83 9.24 -47.95
N GLY B 356 -18.00 10.25 -47.08
CA GLY B 356 -17.13 10.45 -45.93
C GLY B 356 -15.72 10.80 -46.36
N ARG B 357 -14.72 10.37 -45.56
CA ARG B 357 -13.30 10.62 -45.80
C ARG B 357 -12.40 9.64 -45.02
N LEU B 358 -11.09 9.60 -45.35
CA LEU B 358 -10.10 8.74 -44.71
C LEU B 358 -9.25 9.56 -43.75
N ILE B 359 -9.13 9.10 -42.50
CA ILE B 359 -8.26 9.73 -41.50
C ILE B 359 -6.84 9.29 -41.84
N THR B 360 -6.63 7.98 -42.09
CA THR B 360 -5.36 7.39 -42.51
C THR B 360 -5.17 7.77 -43.98
N ALA B 361 -4.29 8.75 -44.24
CA ALA B 361 -4.01 9.21 -45.60
C ALA B 361 -3.09 8.22 -46.29
N ASN B 362 -3.48 7.82 -47.53
CA ASN B 362 -2.78 6.85 -48.38
C ASN B 362 -2.51 5.49 -47.66
N PRO B 363 -3.56 4.71 -47.33
CA PRO B 363 -3.33 3.41 -46.66
C PRO B 363 -2.57 2.46 -47.59
N VAL B 364 -1.46 1.87 -47.09
CA VAL B 364 -0.61 1.00 -47.92
C VAL B 364 -0.21 -0.31 -47.22
N ILE B 365 0.06 -1.36 -48.03
CA ILE B 365 0.62 -2.63 -47.59
C ILE B 365 2.10 -2.54 -47.99
N THR B 366 3.01 -2.65 -47.02
CA THR B 366 4.45 -2.50 -47.26
C THR B 366 5.16 -3.79 -47.62
N GLU B 367 4.81 -4.90 -46.94
CA GLU B 367 5.45 -6.20 -47.14
C GLU B 367 5.11 -6.86 -48.48
N SER B 368 6.11 -7.52 -49.08
CA SER B 368 5.99 -8.24 -50.35
C SER B 368 5.52 -9.69 -50.11
N THR B 369 5.40 -10.08 -48.83
CA THR B 369 4.98 -11.40 -48.37
C THR B 369 3.46 -11.44 -48.09
N GLU B 370 2.85 -12.63 -48.25
CA GLU B 370 1.42 -12.84 -48.02
C GLU B 370 1.05 -12.88 -46.52
N ASN B 371 -0.27 -12.78 -46.22
CA ASN B 371 -0.90 -12.79 -44.89
C ASN B 371 -0.40 -11.65 -43.95
N SER B 372 0.03 -10.52 -44.54
CA SER B 372 0.51 -9.36 -43.79
C SER B 372 -0.65 -8.51 -43.25
N LYS B 373 -0.58 -8.13 -41.96
CA LYS B 373 -1.59 -7.31 -41.29
C LYS B 373 -1.33 -5.81 -41.48
N MET B 374 -2.41 -5.02 -41.49
CA MET B 374 -2.39 -3.57 -41.70
C MET B 374 -3.63 -2.94 -41.03
N MET B 375 -3.54 -1.68 -40.59
CA MET B 375 -4.64 -0.96 -39.95
C MET B 375 -4.85 0.45 -40.51
N LEU B 376 -6.12 0.80 -40.80
CA LEU B 376 -6.51 2.12 -41.28
C LEU B 376 -7.68 2.72 -40.50
N GLU B 377 -7.78 4.06 -40.50
CA GLU B 377 -8.82 4.82 -39.80
C GLU B 377 -9.65 5.62 -40.80
N LEU B 378 -10.97 5.48 -40.73
CA LEU B 378 -11.93 6.15 -41.62
C LEU B 378 -12.84 7.08 -40.86
N ASP B 379 -13.29 8.17 -41.50
CA ASP B 379 -14.23 9.12 -40.94
C ASP B 379 -15.53 8.99 -41.77
N PRO B 380 -16.49 8.17 -41.30
CA PRO B 380 -17.71 7.93 -42.09
C PRO B 380 -18.75 9.04 -42.04
N PRO B 381 -19.69 9.11 -43.03
CA PRO B 381 -20.75 10.12 -42.94
C PRO B 381 -21.82 9.69 -41.93
N PHE B 382 -22.74 10.60 -41.56
CA PHE B 382 -23.80 10.28 -40.61
C PHE B 382 -24.86 9.40 -41.25
N GLY B 383 -25.30 8.40 -40.49
CA GLY B 383 -26.30 7.42 -40.92
C GLY B 383 -25.67 6.15 -41.47
N ASP B 384 -26.45 5.37 -42.24
CA ASP B 384 -26.00 4.12 -42.85
C ASP B 384 -25.01 4.32 -44.00
N SER B 385 -23.99 3.44 -44.07
CA SER B 385 -22.94 3.41 -45.09
C SER B 385 -22.25 2.03 -45.09
N TYR B 386 -21.36 1.78 -46.06
CA TYR B 386 -20.63 0.52 -46.17
C TYR B 386 -19.13 0.76 -46.22
N ILE B 387 -18.37 0.10 -45.34
CA ILE B 387 -16.91 0.17 -45.32
C ILE B 387 -16.50 -0.83 -46.41
N VAL B 388 -16.24 -0.32 -47.63
CA VAL B 388 -15.86 -1.16 -48.74
C VAL B 388 -14.37 -1.02 -49.03
N ILE B 389 -13.60 -2.07 -48.71
CA ILE B 389 -12.16 -2.07 -48.95
C ILE B 389 -11.81 -3.21 -49.92
N GLY B 390 -10.91 -2.90 -50.86
CA GLY B 390 -10.47 -3.82 -51.91
C GLY B 390 -11.12 -3.49 -53.23
N VAL B 391 -10.74 -4.21 -54.31
CA VAL B 391 -11.29 -4.01 -55.65
C VAL B 391 -11.84 -5.29 -56.26
N GLY B 392 -12.83 -5.13 -57.15
CA GLY B 392 -13.46 -6.22 -57.87
C GLY B 392 -14.35 -7.15 -57.08
N GLU B 393 -14.45 -8.40 -57.54
CA GLU B 393 -15.28 -9.49 -57.01
C GLU B 393 -14.90 -9.91 -55.58
N LYS B 394 -13.60 -9.88 -55.27
CA LYS B 394 -13.07 -10.31 -53.96
C LYS B 394 -13.11 -9.23 -52.86
N LYS B 395 -13.62 -8.01 -53.18
CA LYS B 395 -13.70 -6.90 -52.22
C LYS B 395 -14.56 -7.24 -51.00
N ILE B 396 -14.14 -6.76 -49.82
CA ILE B 396 -14.85 -7.00 -48.56
C ILE B 396 -15.64 -5.76 -48.15
N THR B 397 -16.90 -5.98 -47.77
CA THR B 397 -17.84 -4.93 -47.39
C THR B 397 -18.38 -5.17 -45.98
N HIS B 398 -18.44 -4.11 -45.15
CA HIS B 398 -18.97 -4.17 -43.79
C HIS B 398 -19.96 -3.01 -43.59
N HIS B 399 -21.19 -3.32 -43.16
CA HIS B 399 -22.21 -2.30 -42.93
C HIS B 399 -21.89 -1.46 -41.70
N TRP B 400 -21.89 -0.13 -41.87
CA TRP B 400 -21.61 0.82 -40.81
C TRP B 400 -22.73 1.85 -40.60
N HIS B 401 -22.86 2.37 -39.37
CA HIS B 401 -23.82 3.41 -38.99
C HIS B 401 -23.17 4.36 -37.98
N ARG B 402 -23.22 5.67 -38.25
CA ARG B 402 -22.70 6.70 -37.36
C ARG B 402 -23.82 7.47 -36.66
N SER B 403 -23.62 7.76 -35.35
CA SER B 403 -24.55 8.44 -34.42
C SER B 403 -25.75 7.56 -34.11
N GLY B 419 -6.45 29.78 7.37
CA GLY B 419 -6.32 28.79 6.32
C GLY B 419 -5.22 29.12 5.32
N TRP B 420 -4.33 28.15 5.05
CA TRP B 420 -3.21 28.29 4.13
C TRP B 420 -3.33 27.31 2.94
N SER B 421 -4.55 27.20 2.39
CA SER B 421 -4.86 26.32 1.24
C SER B 421 -4.15 26.78 -0.04
N HIS B 422 -3.60 25.82 -0.80
CA HIS B 422 -2.88 26.08 -2.05
C HIS B 422 -3.85 26.47 -3.18
N PRO B 423 -3.58 27.56 -3.93
CA PRO B 423 -4.49 27.93 -5.02
C PRO B 423 -4.34 27.04 -6.26
N GLU C 1 15.81 -18.55 -30.27
CA GLU C 1 14.66 -17.67 -30.44
C GLU C 1 13.95 -17.44 -29.09
N VAL C 2 12.61 -17.63 -29.02
CA VAL C 2 11.80 -17.47 -27.82
C VAL C 2 12.07 -18.64 -26.87
N GLN C 3 12.49 -18.33 -25.63
CA GLN C 3 12.76 -19.37 -24.63
C GLN C 3 12.50 -18.90 -23.22
N LEU C 4 12.19 -19.85 -22.34
CA LEU C 4 11.97 -19.66 -20.91
C LEU C 4 12.81 -20.71 -20.22
N VAL C 5 13.72 -20.30 -19.32
CA VAL C 5 14.61 -21.25 -18.61
C VAL C 5 14.44 -21.11 -17.09
N GLU C 6 13.93 -22.16 -16.43
CA GLU C 6 13.72 -22.14 -14.98
C GLU C 6 14.96 -22.57 -14.23
N SER C 7 15.07 -22.08 -12.99
CA SER C 7 16.16 -22.38 -12.05
C SER C 7 15.63 -22.35 -10.61
N GLY C 8 16.42 -22.89 -9.69
CA GLY C 8 16.11 -22.86 -8.25
C GLY C 8 15.47 -24.10 -7.68
N GLY C 9 15.18 -25.08 -8.53
CA GLY C 9 14.57 -26.33 -8.13
C GLY C 9 15.59 -27.27 -7.51
N GLY C 10 15.13 -28.05 -6.55
CA GLY C 10 15.95 -29.02 -5.84
C GLY C 10 15.28 -29.57 -4.61
N LEU C 11 16.08 -30.20 -3.75
CA LEU C 11 15.62 -30.81 -2.52
C LEU C 11 15.39 -29.78 -1.44
N VAL C 12 14.23 -29.84 -0.81
CA VAL C 12 13.84 -28.94 0.27
C VAL C 12 13.18 -29.77 1.38
N ARG C 13 13.44 -29.41 2.63
CA ARG C 13 12.86 -30.15 3.76
C ARG C 13 11.39 -29.76 3.98
N PRO C 14 10.54 -30.62 4.58
CA PRO C 14 9.15 -30.21 4.85
C PRO C 14 9.13 -28.99 5.77
N GLY C 15 8.28 -28.04 5.44
CA GLY C 15 8.17 -26.76 6.14
C GLY C 15 9.16 -25.73 5.63
N GLY C 16 10.04 -26.14 4.72
CA GLY C 16 11.08 -25.28 4.15
C GLY C 16 10.60 -24.30 3.11
N SER C 17 11.53 -23.43 2.69
CA SER C 17 11.30 -22.39 1.69
C SER C 17 12.21 -22.53 0.49
N LEU C 18 11.78 -22.03 -0.68
CA LEU C 18 12.55 -22.09 -1.91
C LEU C 18 12.16 -20.93 -2.81
N ARG C 19 13.09 -20.40 -3.62
CA ARG C 19 12.76 -19.36 -4.57
C ARG C 19 13.07 -19.85 -5.97
N LEU C 20 12.04 -20.03 -6.80
CA LEU C 20 12.26 -20.44 -8.18
C LEU C 20 12.47 -19.17 -9.01
N SER C 21 13.24 -19.30 -10.09
CA SER C 21 13.57 -18.22 -11.01
C SER C 21 13.34 -18.69 -12.44
N CYS C 22 13.06 -17.76 -13.36
CA CYS C 22 12.87 -18.08 -14.78
C CYS C 22 13.44 -16.96 -15.61
N ALA C 23 14.34 -17.29 -16.57
CA ALA C 23 14.95 -16.34 -17.47
C ALA C 23 14.25 -16.40 -18.83
N ALA C 24 13.71 -15.25 -19.25
CA ALA C 24 12.96 -15.13 -20.50
C ALA C 24 13.81 -14.45 -21.55
N SER C 25 13.67 -14.88 -22.81
CA SER C 25 14.39 -14.25 -23.92
C SER C 25 13.68 -14.44 -25.24
N GLY C 26 13.96 -13.52 -26.17
CA GLY C 26 13.41 -13.56 -27.51
C GLY C 26 12.04 -12.93 -27.73
N PHE C 27 11.51 -12.21 -26.71
CA PHE C 27 10.21 -11.54 -26.80
C PHE C 27 10.14 -10.32 -25.85
N SER C 28 9.12 -9.46 -26.03
CA SER C 28 8.92 -8.26 -25.21
C SER C 28 8.37 -8.69 -23.84
N TYR C 29 9.27 -9.18 -22.95
CA TYR C 29 8.96 -9.72 -21.62
C TYR C 29 8.08 -8.82 -20.75
N SER C 30 8.47 -7.54 -20.62
CA SER C 30 7.79 -6.56 -19.79
C SER C 30 6.31 -6.36 -20.12
N ASN C 31 5.89 -6.68 -21.35
CA ASN C 31 4.50 -6.52 -21.80
C ASN C 31 3.65 -7.80 -21.72
N HIS C 32 4.20 -8.90 -21.19
CA HIS C 32 3.47 -10.16 -21.13
C HIS C 32 3.11 -10.61 -19.73
N TRP C 33 1.94 -11.26 -19.62
CA TRP C 33 1.55 -11.93 -18.39
C TRP C 33 2.41 -13.20 -18.33
N MET C 34 2.81 -13.59 -17.12
CA MET C 34 3.60 -14.79 -16.93
C MET C 34 2.90 -15.66 -15.90
N HIS C 35 2.97 -16.98 -16.08
CA HIS C 35 2.30 -17.94 -15.21
C HIS C 35 3.27 -18.99 -14.69
N TRP C 36 2.91 -19.61 -13.56
CA TRP C 36 3.59 -20.77 -13.03
C TRP C 36 2.59 -21.91 -13.06
N VAL C 37 3.01 -23.05 -13.59
CA VAL C 37 2.19 -24.27 -13.68
C VAL C 37 3.04 -25.38 -13.09
N ARG C 38 2.44 -26.35 -12.39
CA ARG C 38 3.23 -27.44 -11.84
C ARG C 38 2.67 -28.79 -12.19
N GLN C 39 3.48 -29.84 -12.05
CA GLN C 39 3.06 -31.18 -12.34
C GLN C 39 3.74 -32.15 -11.41
N ALA C 40 2.95 -32.74 -10.50
CA ALA C 40 3.46 -33.73 -9.57
C ALA C 40 3.86 -35.00 -10.34
N PRO C 41 4.88 -35.77 -9.88
CA PRO C 41 5.29 -36.97 -10.63
C PRO C 41 4.13 -37.93 -10.91
N GLY C 42 3.94 -38.24 -12.20
CA GLY C 42 2.88 -39.12 -12.68
C GLY C 42 1.49 -38.54 -12.63
N LYS C 43 1.36 -37.23 -12.35
CA LYS C 43 0.07 -36.55 -12.23
C LYS C 43 -0.14 -35.52 -13.35
N GLY C 44 -1.26 -34.79 -13.29
CA GLY C 44 -1.61 -33.81 -14.31
C GLY C 44 -1.06 -32.42 -14.09
N LEU C 45 -1.27 -31.54 -15.09
CA LEU C 45 -0.87 -30.14 -15.00
C LEU C 45 -1.79 -29.42 -14.02
N VAL C 46 -1.21 -28.59 -13.15
CA VAL C 46 -1.93 -27.83 -12.13
C VAL C 46 -1.50 -26.36 -12.18
N TRP C 47 -2.45 -25.46 -12.47
CA TRP C 47 -2.17 -24.02 -12.55
C TRP C 47 -1.87 -23.49 -11.14
N VAL C 48 -0.80 -22.69 -11.01
CA VAL C 48 -0.35 -22.16 -9.71
C VAL C 48 -0.59 -20.66 -9.55
N SER C 49 -0.09 -19.85 -10.50
CA SER C 49 -0.12 -18.40 -10.35
C SER C 49 0.05 -17.66 -11.65
N ARG C 50 -0.29 -16.37 -11.67
CA ARG C 50 -0.04 -15.48 -12.81
C ARG C 50 0.25 -14.07 -12.30
N ILE C 51 0.98 -13.31 -13.10
CA ILE C 51 1.34 -11.92 -12.78
C ILE C 51 1.24 -11.06 -14.03
N ASN C 52 0.73 -9.82 -13.90
CA ASN C 52 0.63 -8.91 -15.03
C ASN C 52 1.96 -8.16 -15.25
N SER C 53 2.00 -7.25 -16.23
CA SER C 53 3.20 -6.50 -16.58
C SER C 53 3.89 -5.75 -15.43
N ASP C 54 3.15 -4.98 -14.62
CA ASP C 54 3.80 -4.22 -13.55
C ASP C 54 3.79 -4.92 -12.18
N GLY C 55 3.06 -6.03 -12.06
CA GLY C 55 2.96 -6.76 -10.81
C GLY C 55 1.83 -6.28 -9.91
N SER C 56 0.97 -5.38 -10.44
CA SER C 56 -0.19 -4.86 -9.71
C SER C 56 -1.26 -5.95 -9.53
N THR C 57 -1.24 -6.98 -10.41
CA THR C 57 -2.15 -8.13 -10.35
C THR C 57 -1.37 -9.43 -10.25
N ARG C 58 -1.57 -10.14 -9.14
CA ARG C 58 -0.94 -11.41 -8.84
C ARG C 58 -2.06 -12.33 -8.36
N ASN C 59 -2.34 -13.39 -9.13
CA ASN C 59 -3.41 -14.34 -8.78
C ASN C 59 -2.84 -15.69 -8.45
N TYR C 60 -3.51 -16.41 -7.56
CA TYR C 60 -3.05 -17.70 -7.07
C TYR C 60 -4.15 -18.74 -7.02
N ALA C 61 -3.76 -20.01 -7.21
CA ALA C 61 -4.67 -21.15 -7.10
C ALA C 61 -5.09 -21.30 -5.63
N ASP C 62 -6.23 -21.95 -5.36
CA ASP C 62 -6.76 -22.13 -4.00
C ASP C 62 -5.79 -22.82 -3.02
N PHE C 63 -4.97 -23.78 -3.49
CA PHE C 63 -4.04 -24.51 -2.63
C PHE C 63 -2.86 -23.66 -2.14
N VAL C 64 -2.60 -22.52 -2.80
CA VAL C 64 -1.54 -21.59 -2.43
C VAL C 64 -2.27 -20.57 -1.59
N LYS C 65 -2.44 -20.94 -0.34
CA LYS C 65 -3.09 -20.18 0.70
C LYS C 65 -2.08 -19.17 1.28
N GLY C 66 -1.68 -18.20 0.47
CA GLY C 66 -0.71 -17.16 0.82
C GLY C 66 0.72 -17.61 1.03
N ARG C 67 1.03 -18.89 0.76
CA ARG C 67 2.37 -19.47 0.96
C ARG C 67 3.36 -19.10 -0.15
N PHE C 68 2.87 -18.83 -1.37
CA PHE C 68 3.76 -18.48 -2.48
C PHE C 68 3.54 -17.05 -2.89
N THR C 69 4.61 -16.38 -3.34
CA THR C 69 4.55 -15.02 -3.85
C THR C 69 5.19 -14.97 -5.23
N ILE C 70 4.42 -14.57 -6.25
CA ILE C 70 4.96 -14.42 -7.61
C ILE C 70 5.51 -13.00 -7.73
N SER C 71 6.60 -12.83 -8.47
CA SER C 71 7.21 -11.51 -8.72
C SER C 71 7.99 -11.56 -10.01
N ARG C 72 8.41 -10.39 -10.48
CA ARG C 72 9.13 -10.28 -11.74
C ARG C 72 10.08 -9.11 -11.73
N ASP C 73 11.12 -9.17 -12.56
CA ASP C 73 12.06 -8.07 -12.75
C ASP C 73 12.14 -7.88 -14.25
N ASN C 74 11.39 -6.90 -14.76
CA ASN C 74 11.25 -6.68 -16.19
C ASN C 74 12.56 -6.41 -16.91
N ALA C 75 13.39 -5.48 -16.41
CA ALA C 75 14.67 -5.16 -17.06
C ALA C 75 15.64 -6.37 -17.08
N GLU C 76 15.49 -7.28 -16.11
CA GLU C 76 16.31 -8.48 -16.03
C GLU C 76 15.68 -9.68 -16.74
N ASN C 77 14.46 -9.49 -17.32
CA ASN C 77 13.71 -10.56 -18.01
C ASN C 77 13.58 -11.78 -17.10
N THR C 78 13.26 -11.55 -15.82
CA THR C 78 13.16 -12.62 -14.83
C THR C 78 11.80 -12.71 -14.16
N LEU C 79 11.37 -13.95 -13.89
CA LEU C 79 10.14 -14.28 -13.19
C LEU C 79 10.56 -15.06 -11.96
N TYR C 80 9.89 -14.83 -10.82
CA TYR C 80 10.19 -15.54 -9.59
C TYR C 80 8.97 -16.16 -8.97
N LEU C 81 9.19 -17.19 -8.14
CA LEU C 81 8.17 -17.79 -7.31
C LEU C 81 8.78 -18.06 -5.95
N GLU C 82 8.45 -17.23 -4.95
CA GLU C 82 8.95 -17.41 -3.59
C GLU C 82 7.97 -18.36 -2.92
N MET C 83 8.47 -19.49 -2.41
CA MET C 83 7.62 -20.51 -1.79
C MET C 83 8.05 -20.76 -0.35
N ASN C 84 7.10 -20.72 0.58
CA ASN C 84 7.31 -20.99 2.01
C ASN C 84 6.38 -22.12 2.43
N SER C 85 6.61 -22.67 3.64
CA SER C 85 5.80 -23.73 4.27
C SER C 85 5.45 -24.86 3.30
N LEU C 86 6.48 -25.35 2.59
CA LEU C 86 6.32 -26.40 1.59
C LEU C 86 6.03 -27.77 2.20
N THR C 87 5.16 -28.56 1.56
CA THR C 87 4.82 -29.90 2.01
C THR C 87 5.00 -30.87 0.84
N ALA C 88 4.90 -32.19 1.12
CA ALA C 88 4.98 -33.22 0.09
C ALA C 88 3.94 -32.97 -1.02
N ASP C 89 2.84 -32.27 -0.70
CA ASP C 89 1.79 -31.92 -1.67
C ASP C 89 2.33 -30.99 -2.75
N ASP C 90 3.43 -30.27 -2.45
CA ASP C 90 4.06 -29.32 -3.36
C ASP C 90 5.20 -29.89 -4.22
N THR C 91 5.59 -31.17 -4.01
CA THR C 91 6.62 -31.82 -4.82
C THR C 91 6.09 -31.88 -6.26
N ALA C 92 6.85 -31.32 -7.23
CA ALA C 92 6.45 -31.25 -8.63
C ALA C 92 7.51 -30.63 -9.51
N VAL C 93 7.28 -30.70 -10.83
CA VAL C 93 8.06 -29.98 -11.82
C VAL C 93 7.29 -28.65 -11.93
N TYR C 94 7.99 -27.52 -11.86
CA TYR C 94 7.40 -26.19 -11.97
C TYR C 94 7.83 -25.58 -13.27
N TYR C 95 6.84 -25.23 -14.10
CA TYR C 95 7.01 -24.64 -15.40
C TYR C 95 6.73 -23.17 -15.37
N CYS C 96 7.59 -22.42 -16.04
CA CYS C 96 7.51 -20.98 -16.28
C CYS C 96 6.78 -20.88 -17.63
N VAL C 97 5.68 -20.10 -17.68
CA VAL C 97 4.84 -20.05 -18.87
C VAL C 97 4.44 -18.63 -19.28
N ARG C 98 4.46 -18.36 -20.59
CA ARG C 98 4.08 -17.06 -21.14
C ARG C 98 2.65 -17.09 -21.68
N ASP C 99 1.88 -16.01 -21.46
CA ASP C 99 0.56 -15.90 -22.08
C ASP C 99 0.78 -15.07 -23.34
N GLY C 100 1.08 -15.73 -24.45
CA GLY C 100 1.33 -15.05 -25.72
C GLY C 100 0.10 -14.49 -26.38
N VAL C 101 -1.07 -15.10 -26.13
CA VAL C 101 -2.34 -14.69 -26.73
C VAL C 101 -2.80 -13.34 -26.20
N ARG C 102 -2.76 -13.12 -24.86
CA ARG C 102 -3.17 -11.85 -24.26
C ARG C 102 -2.43 -10.66 -24.86
N PHE C 103 -1.16 -10.83 -25.23
CA PHE C 103 -0.34 -9.79 -25.85
C PHE C 103 -0.96 -9.23 -27.14
N TYR C 104 -1.67 -10.10 -27.93
CA TYR C 104 -2.34 -9.70 -29.17
C TYR C 104 -3.50 -8.74 -28.92
N TYR C 105 -4.15 -8.86 -27.73
CA TYR C 105 -5.30 -8.03 -27.34
C TYR C 105 -4.88 -6.84 -26.53
N ASP C 106 -4.14 -7.05 -25.42
CA ASP C 106 -3.60 -5.99 -24.57
C ASP C 106 -2.09 -6.05 -24.63
N SER C 107 -1.50 -5.24 -25.51
CA SER C 107 -0.06 -5.16 -25.68
C SER C 107 0.66 -4.53 -24.49
N THR C 108 -0.07 -3.92 -23.51
CA THR C 108 0.55 -3.35 -22.30
C THR C 108 0.76 -4.45 -21.26
N GLY C 109 -0.09 -5.48 -21.29
CA GLY C 109 -0.08 -6.57 -20.33
C GLY C 109 -0.50 -6.14 -18.94
N TYR C 110 -1.17 -4.98 -18.83
CA TYR C 110 -1.56 -4.44 -17.54
C TYR C 110 -2.96 -4.83 -17.08
N TYR C 111 -3.96 -4.57 -17.92
CA TYR C 111 -5.37 -4.70 -17.56
C TYR C 111 -5.81 -6.09 -17.10
N PRO C 112 -6.32 -6.20 -15.85
CA PRO C 112 -6.75 -7.51 -15.33
C PRO C 112 -8.24 -7.75 -15.60
N ASP C 113 -8.65 -7.67 -16.87
CA ASP C 113 -10.04 -7.88 -17.25
C ASP C 113 -10.50 -9.29 -16.89
N SER C 114 -11.73 -9.41 -16.40
CA SER C 114 -12.30 -10.69 -16.00
C SER C 114 -12.46 -11.61 -17.21
N PHE C 115 -12.03 -12.88 -17.07
CA PHE C 115 -12.16 -13.92 -18.08
C PHE C 115 -11.61 -13.51 -19.46
N PHE C 116 -10.41 -12.90 -19.51
CA PHE C 116 -9.88 -12.46 -20.79
C PHE C 116 -9.29 -13.59 -21.63
N LYS C 117 -9.30 -13.41 -22.98
CA LYS C 117 -8.76 -14.38 -23.94
C LYS C 117 -7.25 -14.57 -23.67
N TYR C 118 -6.83 -15.82 -23.50
CA TYR C 118 -5.46 -16.18 -23.14
C TYR C 118 -5.02 -17.47 -23.86
N GLY C 119 -3.73 -17.76 -23.79
CA GLY C 119 -3.13 -18.96 -24.36
C GLY C 119 -1.70 -19.11 -23.88
N MET C 120 -1.41 -20.21 -23.21
CA MET C 120 -0.07 -20.47 -22.66
C MET C 120 0.75 -21.10 -23.77
N ASP C 121 1.35 -20.26 -24.64
CA ASP C 121 2.04 -20.68 -25.85
C ASP C 121 3.54 -20.99 -25.74
N VAL C 122 4.22 -20.48 -24.69
CA VAL C 122 5.66 -20.74 -24.50
C VAL C 122 5.86 -21.31 -23.10
N TRP C 123 6.50 -22.49 -23.03
CA TRP C 123 6.76 -23.18 -21.79
C TRP C 123 8.24 -23.45 -21.63
N GLY C 124 8.72 -23.38 -20.41
CA GLY C 124 10.08 -23.78 -20.11
C GLY C 124 10.11 -25.29 -20.00
N GLN C 125 11.30 -25.88 -19.82
CA GLN C 125 11.47 -27.34 -19.64
C GLN C 125 10.99 -27.80 -18.25
N GLY C 126 10.91 -26.86 -17.31
CA GLY C 126 10.47 -27.09 -15.95
C GLY C 126 11.61 -27.40 -14.98
N THR C 127 11.47 -26.97 -13.72
CA THR C 127 12.46 -27.25 -12.67
C THR C 127 11.83 -28.14 -11.61
N THR C 128 12.55 -29.19 -11.16
CA THR C 128 12.01 -30.13 -10.18
C THR C 128 12.17 -29.66 -8.74
N VAL C 129 11.10 -29.58 -7.98
CA VAL C 129 11.28 -29.24 -6.58
C VAL C 129 10.77 -30.40 -5.76
N THR C 130 11.59 -30.93 -4.86
CA THR C 130 11.18 -32.05 -4.05
C THR C 130 11.08 -31.70 -2.59
N VAL C 131 9.88 -31.81 -2.05
CA VAL C 131 9.64 -31.55 -0.65
C VAL C 131 9.83 -32.85 0.11
N SER C 132 11.08 -33.28 0.26
CA SER C 132 11.37 -34.53 0.94
C SER C 132 12.23 -34.33 2.17
N SER C 133 11.83 -34.96 3.26
CA SER C 133 12.57 -34.87 4.51
C SER C 133 13.92 -35.54 4.35
N ALA C 134 14.94 -34.93 4.94
CA ALA C 134 16.30 -35.48 4.93
C ALA C 134 16.86 -35.77 3.53
N SER C 135 17.39 -36.98 3.38
CA SER C 135 18.01 -37.48 2.15
C SER C 135 19.23 -36.72 1.65
N THR C 136 19.24 -36.40 0.36
CA THR C 136 20.31 -35.74 -0.42
C THR C 136 21.59 -36.56 -0.50
N LYS C 137 21.79 -37.22 -1.63
CA LYS C 137 22.97 -38.05 -1.82
C LYS C 137 23.59 -37.93 -3.21
N GLY C 138 24.92 -37.88 -3.25
CA GLY C 138 25.66 -37.79 -4.50
C GLY C 138 25.66 -39.12 -5.23
N PRO C 139 25.69 -39.09 -6.55
CA PRO C 139 25.69 -40.35 -7.32
C PRO C 139 27.06 -40.80 -7.80
N SER C 140 27.31 -42.11 -7.78
CA SER C 140 28.56 -42.72 -8.25
C SER C 140 28.46 -43.00 -9.76
N VAL C 141 29.57 -42.84 -10.50
CA VAL C 141 29.62 -43.08 -11.95
C VAL C 141 30.58 -44.22 -12.22
N PHE C 142 30.16 -45.21 -13.03
CA PHE C 142 30.95 -46.38 -13.38
C PHE C 142 30.91 -46.61 -14.89
N PRO C 143 32.03 -46.99 -15.53
CA PRO C 143 32.00 -47.22 -16.98
C PRO C 143 31.55 -48.63 -17.36
N LEU C 144 30.50 -48.72 -18.19
CA LEU C 144 29.97 -49.99 -18.67
C LEU C 144 30.69 -50.36 -19.98
N ALA C 145 31.86 -51.01 -19.84
CA ALA C 145 32.77 -51.44 -20.92
C ALA C 145 32.08 -52.17 -22.09
N PRO C 146 32.46 -51.89 -23.36
CA PRO C 146 31.77 -52.57 -24.48
C PRO C 146 32.19 -54.01 -24.71
N SER C 147 31.22 -54.87 -25.08
CA SER C 147 31.41 -56.30 -25.36
C SER C 147 31.85 -56.52 -26.81
N THR C 155 29.73 -52.55 -35.33
CA THR C 155 28.55 -52.55 -34.45
C THR C 155 28.93 -52.96 -33.03
N ALA C 156 28.73 -52.06 -32.05
CA ALA C 156 29.02 -52.26 -30.63
C ALA C 156 28.17 -51.35 -29.71
N ALA C 157 28.20 -51.59 -28.38
CA ALA C 157 27.44 -50.80 -27.40
C ALA C 157 28.21 -50.60 -26.08
N LEU C 158 28.33 -49.32 -25.66
CA LEU C 158 29.00 -48.89 -24.41
C LEU C 158 28.14 -47.86 -23.67
N GLY C 159 28.31 -47.74 -22.36
CA GLY C 159 27.55 -46.80 -21.56
C GLY C 159 28.15 -46.38 -20.22
N CYS C 160 27.39 -45.56 -19.47
CA CYS C 160 27.75 -45.05 -18.15
C CYS C 160 26.62 -45.29 -17.15
N LEU C 161 26.95 -45.90 -16.00
CA LEU C 161 25.99 -46.21 -14.95
C LEU C 161 26.06 -45.17 -13.82
N VAL C 162 24.91 -44.53 -13.54
CA VAL C 162 24.76 -43.53 -12.47
C VAL C 162 23.72 -44.07 -11.46
N LYS C 163 24.25 -44.65 -10.37
CA LYS C 163 23.48 -45.31 -9.30
C LYS C 163 23.48 -44.55 -7.98
N ASP C 164 22.37 -44.71 -7.21
CA ASP C 164 22.10 -44.18 -5.87
C ASP C 164 22.29 -42.66 -5.72
N TYR C 165 21.19 -41.89 -5.89
CA TYR C 165 21.14 -40.44 -5.73
C TYR C 165 19.76 -39.94 -5.36
N PHE C 166 19.68 -38.77 -4.71
CA PHE C 166 18.43 -38.13 -4.33
C PHE C 166 18.59 -36.61 -4.26
N PRO C 167 17.72 -35.83 -4.92
CA PRO C 167 16.53 -36.21 -5.70
C PRO C 167 16.77 -36.22 -7.22
N GLU C 168 15.69 -36.15 -8.00
CA GLU C 168 15.71 -36.09 -9.48
C GLU C 168 15.81 -34.61 -9.93
N PRO C 169 16.43 -34.28 -11.09
CA PRO C 169 17.00 -35.14 -12.14
C PRO C 169 18.52 -35.20 -12.19
N VAL C 170 19.07 -35.79 -13.28
CA VAL C 170 20.50 -35.91 -13.57
C VAL C 170 20.70 -35.61 -15.07
N THR C 171 21.58 -34.65 -15.39
CA THR C 171 21.89 -34.27 -16.77
C THR C 171 23.03 -35.13 -17.30
N VAL C 172 22.74 -35.96 -18.33
CA VAL C 172 23.72 -36.85 -18.94
C VAL C 172 24.09 -36.41 -20.36
N SER C 173 25.40 -36.33 -20.63
CA SER C 173 25.97 -35.93 -21.92
C SER C 173 27.20 -36.80 -22.24
N TRP C 174 27.76 -36.65 -23.46
CA TRP C 174 28.94 -37.39 -23.90
C TRP C 174 29.89 -36.48 -24.67
N ASN C 175 31.17 -36.38 -24.20
CA ASN C 175 32.25 -35.55 -24.73
C ASN C 175 31.88 -34.05 -24.75
N SER C 176 31.23 -33.59 -23.64
CA SER C 176 30.73 -32.24 -23.37
C SER C 176 29.65 -31.74 -24.38
N GLY C 177 29.23 -32.62 -25.29
CA GLY C 177 28.22 -32.33 -26.30
C GLY C 177 28.59 -32.79 -27.70
N ALA C 178 29.86 -33.21 -27.91
CA ALA C 178 30.40 -33.68 -29.19
C ALA C 178 29.74 -34.97 -29.70
N LEU C 179 29.26 -35.82 -28.78
CA LEU C 179 28.59 -37.08 -29.11
C LEU C 179 27.10 -36.99 -28.78
N THR C 180 26.26 -36.92 -29.82
CA THR C 180 24.80 -36.82 -29.70
C THR C 180 24.07 -37.98 -30.41
N SER C 181 24.75 -38.61 -31.38
CA SER C 181 24.22 -39.74 -32.15
C SER C 181 24.45 -41.07 -31.41
N GLY C 182 23.37 -41.83 -31.23
CA GLY C 182 23.39 -43.13 -30.57
C GLY C 182 23.12 -43.08 -29.07
N VAL C 183 23.26 -41.89 -28.44
CA VAL C 183 23.05 -41.65 -27.00
C VAL C 183 21.60 -41.92 -26.58
N HIS C 184 21.41 -42.87 -25.65
CA HIS C 184 20.10 -43.25 -25.12
C HIS C 184 20.13 -43.20 -23.59
N THR C 185 19.61 -42.10 -23.01
CA THR C 185 19.54 -41.91 -21.56
C THR C 185 18.26 -42.60 -21.05
N PHE C 186 18.43 -43.74 -20.37
CA PHE C 186 17.33 -44.53 -19.81
C PHE C 186 16.68 -43.86 -18.60
N PRO C 187 15.35 -44.01 -18.40
CA PRO C 187 14.70 -43.38 -17.23
C PRO C 187 15.14 -43.98 -15.90
N ALA C 188 15.18 -43.14 -14.85
CA ALA C 188 15.59 -43.52 -13.50
C ALA C 188 14.58 -44.43 -12.81
N VAL C 189 15.08 -45.27 -11.87
CA VAL C 189 14.28 -46.21 -11.10
C VAL C 189 14.25 -45.83 -9.61
N LEU C 190 13.05 -45.75 -9.03
CA LEU C 190 12.90 -45.47 -7.61
C LEU C 190 13.04 -46.82 -6.88
N GLN C 191 14.23 -47.03 -6.26
CA GLN C 191 14.55 -48.25 -5.52
C GLN C 191 13.74 -48.36 -4.22
N SER C 192 13.78 -49.53 -3.57
CA SER C 192 13.09 -49.75 -2.29
C SER C 192 13.74 -48.90 -1.18
N SER C 193 15.03 -48.54 -1.38
CA SER C 193 15.84 -47.70 -0.49
C SER C 193 15.40 -46.22 -0.55
N GLY C 194 14.82 -45.83 -1.68
CA GLY C 194 14.33 -44.47 -1.92
C GLY C 194 15.15 -43.70 -2.94
N LEU C 195 16.41 -44.12 -3.16
CA LEU C 195 17.35 -43.50 -4.09
C LEU C 195 17.05 -43.85 -5.55
N TYR C 196 17.35 -42.91 -6.47
CA TYR C 196 17.17 -43.07 -7.92
C TYR C 196 18.44 -43.61 -8.58
N SER C 197 18.30 -44.28 -9.74
CA SER C 197 19.41 -44.86 -10.51
C SER C 197 19.07 -45.00 -11.99
N LEU C 198 19.96 -44.53 -12.88
CA LEU C 198 19.76 -44.64 -14.34
C LEU C 198 21.06 -45.00 -15.09
N SER C 199 20.94 -45.25 -16.40
CA SER C 199 22.05 -45.59 -17.29
C SER C 199 21.91 -44.91 -18.65
N SER C 200 23.05 -44.61 -19.30
CA SER C 200 23.07 -43.96 -20.62
C SER C 200 23.97 -44.72 -21.59
N VAL C 201 23.36 -45.55 -22.44
CA VAL C 201 24.05 -46.38 -23.44
C VAL C 201 24.12 -45.65 -24.80
N VAL C 202 25.30 -45.66 -25.43
CA VAL C 202 25.58 -45.04 -26.72
C VAL C 202 26.05 -46.11 -27.74
N THR C 203 25.31 -46.24 -28.87
CA THR C 203 25.62 -47.21 -29.93
C THR C 203 26.75 -46.65 -30.81
N VAL C 204 27.97 -47.17 -30.61
CA VAL C 204 29.20 -46.78 -31.30
C VAL C 204 29.70 -47.95 -32.20
N PRO C 205 30.13 -47.72 -33.47
CA PRO C 205 30.61 -48.84 -34.31
C PRO C 205 31.88 -49.51 -33.77
N SER C 206 32.08 -50.80 -34.14
CA SER C 206 33.19 -51.66 -33.72
C SER C 206 34.59 -51.09 -34.04
N SER C 207 34.76 -50.52 -35.25
CA SER C 207 36.03 -49.94 -35.71
C SER C 207 36.37 -48.62 -34.99
N SER C 208 35.34 -47.89 -34.52
CA SER C 208 35.47 -46.60 -33.82
C SER C 208 36.08 -46.73 -32.42
N LEU C 209 35.97 -47.93 -31.79
CA LEU C 209 36.44 -48.24 -30.44
C LEU C 209 37.95 -48.05 -30.22
N GLY C 210 38.75 -48.65 -31.10
CA GLY C 210 40.21 -48.60 -31.03
C GLY C 210 40.84 -47.27 -31.39
N THR C 211 40.10 -46.41 -32.12
CA THR C 211 40.55 -45.09 -32.57
C THR C 211 40.69 -44.11 -31.40
N GLN C 212 39.56 -43.74 -30.75
CA GLN C 212 39.51 -42.79 -29.63
C GLN C 212 38.50 -43.19 -28.55
N THR C 213 38.71 -42.69 -27.30
CA THR C 213 37.87 -42.95 -26.13
C THR C 213 36.82 -41.85 -25.93
N TYR C 214 35.68 -42.20 -25.30
CA TYR C 214 34.56 -41.26 -25.06
C TYR C 214 34.21 -41.14 -23.57
N ILE C 215 34.18 -39.90 -23.06
CA ILE C 215 33.86 -39.57 -21.66
C ILE C 215 32.37 -39.22 -21.51
N CYS C 216 31.77 -39.57 -20.35
CA CYS C 216 30.37 -39.26 -20.08
C CYS C 216 30.25 -38.13 -19.06
N ASN C 217 29.54 -37.05 -19.45
CA ASN C 217 29.33 -35.86 -18.61
C ASN C 217 28.10 -36.06 -17.72
N VAL C 218 28.34 -36.28 -16.41
CA VAL C 218 27.29 -36.49 -15.42
C VAL C 218 27.29 -35.33 -14.43
N ASN C 219 26.12 -34.71 -14.21
CA ASN C 219 25.97 -33.58 -13.30
C ASN C 219 24.69 -33.70 -12.45
N HIS C 220 24.86 -33.57 -11.12
CA HIS C 220 23.77 -33.60 -10.15
C HIS C 220 23.80 -32.29 -9.36
N LYS C 221 22.96 -31.33 -9.79
CA LYS C 221 22.85 -29.97 -9.25
C LYS C 221 22.44 -29.90 -7.76
N PRO C 222 21.47 -30.69 -7.22
CA PRO C 222 21.12 -30.54 -5.79
C PRO C 222 22.22 -30.98 -4.82
N SER C 223 23.14 -31.85 -5.26
CA SER C 223 24.28 -32.33 -4.45
C SER C 223 25.54 -31.52 -4.79
N ASN C 224 25.53 -30.82 -5.95
CA ASN C 224 26.60 -29.99 -6.50
C ASN C 224 27.88 -30.82 -6.76
N THR C 225 27.72 -31.90 -7.56
CA THR C 225 28.79 -32.83 -7.92
C THR C 225 28.76 -33.17 -9.42
N LYS C 226 29.89 -32.92 -10.11
CA LYS C 226 30.07 -33.20 -11.54
C LYS C 226 31.20 -34.22 -11.73
N VAL C 227 30.91 -35.34 -12.43
CA VAL C 227 31.87 -36.42 -12.67
C VAL C 227 31.94 -36.78 -14.17
N ASP C 228 33.18 -36.84 -14.71
CA ASP C 228 33.48 -37.20 -16.10
C ASP C 228 34.43 -38.40 -16.12
N LYS C 229 33.99 -39.54 -16.69
CA LYS C 229 34.77 -40.78 -16.76
C LYS C 229 34.74 -41.44 -18.13
N ARG C 230 35.89 -42.00 -18.57
CA ARG C 230 36.05 -42.68 -19.85
C ARG C 230 35.66 -44.16 -19.83
N VAL C 231 35.11 -44.65 -20.96
CA VAL C 231 34.65 -46.04 -21.13
C VAL C 231 35.52 -46.77 -22.17
N GLU C 232 36.24 -47.83 -21.75
CA GLU C 232 37.10 -48.65 -22.61
C GLU C 232 37.22 -50.12 -22.12
N PRO C 233 37.31 -51.13 -23.01
CA PRO C 233 37.44 -52.52 -22.53
C PRO C 233 38.89 -52.95 -22.29
N SER D 2 -15.11 -23.35 -10.97
CA SER D 2 -15.24 -24.27 -12.10
C SER D 2 -14.25 -25.42 -12.02
N VAL D 3 -14.73 -26.67 -12.26
CA VAL D 3 -13.95 -27.92 -12.25
C VAL D 3 -14.14 -28.55 -13.62
N LEU D 4 -13.03 -28.89 -14.29
CA LEU D 4 -13.06 -29.46 -15.64
C LEU D 4 -12.75 -30.95 -15.60
N THR D 5 -13.61 -31.76 -16.25
CA THR D 5 -13.49 -33.22 -16.33
C THR D 5 -13.29 -33.68 -17.77
N GLN D 6 -12.36 -34.62 -17.97
CA GLN D 6 -12.07 -35.21 -19.26
C GLN D 6 -12.08 -36.73 -19.13
N PRO D 7 -12.30 -37.51 -20.22
CA PRO D 7 -12.16 -38.98 -20.12
C PRO D 7 -10.73 -39.32 -19.71
N VAL D 8 -10.53 -40.39 -18.94
CA VAL D 8 -9.18 -40.76 -18.48
C VAL D 8 -8.27 -41.17 -19.67
N SER D 9 -8.85 -41.90 -20.62
CA SER D 9 -8.13 -42.41 -21.77
C SER D 9 -9.00 -42.58 -22.99
N VAL D 10 -8.37 -42.48 -24.16
CA VAL D 10 -8.99 -42.67 -25.47
C VAL D 10 -8.05 -43.47 -26.35
N SER D 11 -8.64 -44.40 -27.11
CA SER D 11 -7.90 -45.26 -28.03
C SER D 11 -8.28 -44.93 -29.45
N GLY D 12 -7.30 -45.02 -30.34
CA GLY D 12 -7.51 -44.78 -31.75
C GLY D 12 -6.51 -45.53 -32.59
N SER D 13 -6.88 -45.79 -33.85
CA SER D 13 -6.02 -46.47 -34.81
C SER D 13 -5.49 -45.46 -35.84
N PRO D 14 -4.32 -45.67 -36.48
CA PRO D 14 -3.83 -44.69 -37.47
C PRO D 14 -4.83 -44.43 -38.60
N GLY D 15 -4.95 -43.17 -38.99
CA GLY D 15 -5.87 -42.72 -40.02
C GLY D 15 -7.26 -42.38 -39.52
N GLN D 16 -7.62 -42.82 -38.30
CA GLN D 16 -8.95 -42.58 -37.71
C GLN D 16 -9.08 -41.21 -37.04
N SER D 17 -10.29 -40.88 -36.55
CA SER D 17 -10.58 -39.63 -35.87
C SER D 17 -11.07 -39.86 -34.43
N ILE D 18 -10.54 -39.07 -33.49
CA ILE D 18 -10.89 -39.14 -32.06
C ILE D 18 -11.28 -37.76 -31.53
N THR D 19 -12.25 -37.75 -30.60
CA THR D 19 -12.76 -36.53 -29.97
C THR D 19 -12.63 -36.66 -28.46
N ILE D 20 -11.99 -35.66 -27.83
CA ILE D 20 -11.78 -35.57 -26.38
C ILE D 20 -12.68 -34.46 -25.86
N SER D 21 -13.55 -34.78 -24.89
CA SER D 21 -14.47 -33.83 -24.27
C SER D 21 -13.88 -33.23 -23.01
N CYS D 22 -14.32 -32.01 -22.69
CA CYS D 22 -13.94 -31.27 -21.50
C CYS D 22 -15.27 -30.70 -20.99
N THR D 23 -15.78 -31.25 -19.88
CA THR D 23 -17.06 -30.85 -19.28
C THR D 23 -16.81 -30.18 -17.93
N GLY D 24 -17.58 -29.15 -17.62
CA GLY D 24 -17.44 -28.44 -16.35
C GLY D 24 -18.61 -28.45 -15.41
N THR D 25 -18.29 -28.35 -14.11
CA THR D 25 -19.23 -28.18 -13.00
C THR D 25 -18.96 -26.77 -12.51
N SER D 26 -20.01 -26.03 -12.05
CA SER D 26 -19.93 -24.62 -11.65
C SER D 26 -19.30 -23.78 -12.78
N SER D 27 -19.62 -24.15 -14.03
CA SER D 27 -19.10 -23.53 -15.24
C SER D 27 -20.24 -22.89 -16.05
N ASN D 28 -19.90 -22.11 -17.08
CA ASN D 28 -20.91 -21.48 -17.91
C ASN D 28 -20.42 -21.40 -19.36
N ALA D 29 -21.19 -20.76 -20.26
CA ALA D 29 -20.82 -20.63 -21.68
C ALA D 29 -19.45 -19.98 -21.89
N ASP D 30 -19.10 -19.02 -21.02
CA ASP D 30 -17.79 -18.36 -21.07
C ASP D 30 -16.67 -19.32 -20.73
N THR D 31 -16.92 -20.31 -19.84
CA THR D 31 -15.91 -21.32 -19.53
C THR D 31 -15.45 -22.00 -20.83
N TYR D 32 -16.42 -22.46 -21.66
CA TYR D 32 -16.12 -23.16 -22.91
C TYR D 32 -15.64 -22.23 -24.01
N ASN D 33 -16.08 -20.97 -24.01
CA ASN D 33 -15.62 -19.96 -24.97
C ASN D 33 -14.13 -19.69 -24.78
N LEU D 34 -13.62 -19.92 -23.55
CA LEU D 34 -12.23 -19.65 -23.20
C LEU D 34 -11.34 -20.88 -23.03
N VAL D 35 -11.85 -22.06 -23.39
CA VAL D 35 -11.08 -23.29 -23.27
C VAL D 35 -9.85 -23.28 -24.16
N SER D 36 -8.72 -23.73 -23.63
CA SER D 36 -7.52 -23.92 -24.41
C SER D 36 -7.12 -25.39 -24.24
N TRP D 37 -6.48 -25.97 -25.26
CA TRP D 37 -6.07 -27.38 -25.24
C TRP D 37 -4.56 -27.47 -25.35
N TYR D 38 -3.96 -28.41 -24.59
CA TYR D 38 -2.51 -28.63 -24.54
C TYR D 38 -2.17 -30.07 -24.81
N GLN D 39 -1.15 -30.31 -25.66
CA GLN D 39 -0.64 -31.63 -25.98
C GLN D 39 0.67 -31.82 -25.23
N GLN D 40 0.81 -32.93 -24.51
CA GLN D 40 2.05 -33.22 -23.83
C GLN D 40 2.52 -34.59 -24.25
N ARG D 41 3.49 -34.62 -25.17
CA ARG D 41 4.07 -35.87 -25.67
C ARG D 41 4.98 -36.48 -24.58
N PRO D 42 5.19 -37.83 -24.54
CA PRO D 42 6.04 -38.41 -23.49
C PRO D 42 7.43 -37.77 -23.39
N GLY D 43 7.73 -37.23 -22.20
CA GLY D 43 8.99 -36.58 -21.90
C GLY D 43 9.17 -35.18 -22.46
N LYS D 44 8.09 -34.59 -23.00
CA LYS D 44 8.15 -33.25 -23.59
C LYS D 44 7.33 -32.25 -22.79
N ALA D 45 7.59 -30.95 -22.99
CA ALA D 45 6.85 -29.88 -22.34
C ALA D 45 5.51 -29.73 -23.05
N PRO D 46 4.44 -29.24 -22.37
CA PRO D 46 3.14 -29.06 -23.07
C PRO D 46 3.23 -28.05 -24.22
N LYS D 47 2.33 -28.21 -25.19
CA LYS D 47 2.24 -27.35 -26.37
C LYS D 47 0.78 -26.91 -26.57
N LEU D 48 0.57 -25.61 -26.81
CA LEU D 48 -0.75 -25.05 -27.05
C LEU D 48 -1.27 -25.52 -28.41
N MET D 49 -2.44 -26.15 -28.41
CA MET D 49 -3.04 -26.68 -29.64
C MET D 49 -4.23 -25.84 -30.09
N ILE D 50 -5.04 -25.36 -29.13
CA ILE D 50 -6.25 -24.58 -29.36
C ILE D 50 -6.38 -23.55 -28.26
N TYR D 51 -6.90 -22.37 -28.59
CA TYR D 51 -7.19 -21.32 -27.61
C TYR D 51 -8.53 -20.71 -28.00
N GLU D 52 -9.20 -19.99 -27.06
CA GLU D 52 -10.50 -19.35 -27.32
C GLU D 52 -11.53 -20.36 -27.83
N GLY D 53 -11.51 -21.56 -27.26
CA GLY D 53 -12.43 -22.65 -27.57
C GLY D 53 -12.21 -23.37 -28.89
N THR D 54 -11.95 -22.63 -29.99
CA THR D 54 -11.84 -23.23 -31.33
C THR D 54 -10.69 -22.73 -32.21
N LYS D 55 -9.92 -21.73 -31.75
CA LYS D 55 -8.85 -21.15 -32.56
C LYS D 55 -7.58 -21.95 -32.50
N ARG D 56 -7.01 -22.24 -33.67
CA ARG D 56 -5.77 -23.00 -33.77
C ARG D 56 -4.57 -22.06 -34.04
N PRO D 57 -3.51 -22.06 -33.20
CA PRO D 57 -2.34 -21.19 -33.49
C PRO D 57 -1.59 -21.62 -34.75
N SER D 58 -0.87 -20.70 -35.39
CA SER D 58 -0.07 -21.03 -36.58
C SER D 58 1.02 -22.03 -36.20
N GLY D 59 1.31 -22.95 -37.10
CA GLY D 59 2.29 -24.00 -36.87
C GLY D 59 1.66 -25.29 -36.42
N VAL D 60 0.49 -25.22 -35.72
CA VAL D 60 -0.25 -26.39 -35.25
C VAL D 60 -0.96 -27.02 -36.45
N SER D 61 -0.77 -28.33 -36.65
CA SER D 61 -1.35 -29.11 -37.74
C SER D 61 -2.86 -28.92 -37.89
N ASN D 62 -3.33 -28.83 -39.16
CA ASN D 62 -4.75 -28.68 -39.51
C ASN D 62 -5.57 -29.96 -39.17
N ARG D 63 -4.89 -31.03 -38.71
CA ARG D 63 -5.54 -32.27 -38.28
C ARG D 63 -6.19 -32.07 -36.91
N PHE D 64 -5.83 -30.97 -36.21
CA PHE D 64 -6.38 -30.59 -34.92
C PHE D 64 -7.45 -29.53 -35.10
N SER D 65 -8.66 -29.81 -34.62
CA SER D 65 -9.77 -28.86 -34.66
C SER D 65 -10.51 -28.96 -33.33
N ALA D 66 -11.33 -27.97 -33.02
CA ALA D 66 -12.06 -27.98 -31.77
C ALA D 66 -13.43 -27.39 -31.93
N SER D 67 -14.34 -27.79 -31.04
CA SER D 67 -15.71 -27.28 -31.04
C SER D 67 -16.11 -26.99 -29.60
N LYS D 68 -17.14 -26.20 -29.43
CA LYS D 68 -17.66 -25.86 -28.11
C LYS D 68 -19.13 -25.57 -28.16
N SER D 69 -19.81 -25.80 -27.04
CA SER D 69 -21.23 -25.54 -26.83
C SER D 69 -21.33 -24.77 -25.51
N ALA D 70 -22.55 -24.58 -24.99
CA ALA D 70 -22.74 -23.91 -23.72
C ALA D 70 -22.51 -24.87 -22.55
N THR D 71 -22.29 -26.18 -22.83
CA THR D 71 -22.12 -27.20 -21.78
C THR D 71 -20.81 -27.99 -21.82
N ALA D 72 -20.05 -27.91 -22.94
CA ALA D 72 -18.78 -28.64 -23.09
C ALA D 72 -17.91 -28.06 -24.19
N ALA D 73 -16.65 -28.48 -24.22
CA ALA D 73 -15.68 -28.11 -25.24
C ALA D 73 -15.06 -29.43 -25.69
N SER D 74 -14.72 -29.56 -26.98
CA SER D 74 -14.14 -30.80 -27.47
C SER D 74 -13.00 -30.56 -28.42
N LEU D 75 -11.98 -31.43 -28.38
CA LEU D 75 -10.83 -31.40 -29.29
C LEU D 75 -10.97 -32.61 -30.21
N THR D 76 -10.82 -32.41 -31.53
CA THR D 76 -10.89 -33.49 -32.51
C THR D 76 -9.57 -33.61 -33.25
N ILE D 77 -9.04 -34.84 -33.31
CA ILE D 77 -7.82 -35.12 -34.04
C ILE D 77 -8.24 -36.02 -35.19
N SER D 78 -8.06 -35.56 -36.42
CA SER D 78 -8.39 -36.31 -37.63
C SER D 78 -7.10 -36.86 -38.25
N GLY D 79 -7.20 -38.00 -38.94
CA GLY D 79 -6.07 -38.68 -39.56
C GLY D 79 -4.96 -39.03 -38.58
N LEU D 80 -5.34 -39.71 -37.49
CA LEU D 80 -4.46 -40.09 -36.40
C LEU D 80 -3.11 -40.66 -36.83
N GLN D 81 -2.04 -40.13 -36.24
CA GLN D 81 -0.68 -40.55 -36.52
C GLN D 81 0.00 -40.99 -35.21
N PRO D 82 0.98 -41.93 -35.24
CA PRO D 82 1.65 -42.34 -33.99
C PRO D 82 2.19 -41.20 -33.12
N GLU D 83 2.62 -40.07 -33.75
CA GLU D 83 3.12 -38.89 -33.02
C GLU D 83 2.05 -38.18 -32.19
N ASP D 84 0.76 -38.51 -32.41
CA ASP D 84 -0.37 -37.93 -31.67
C ASP D 84 -0.52 -38.58 -30.29
N GLU D 85 0.20 -39.70 -30.06
CA GLU D 85 0.17 -40.39 -28.77
C GLU D 85 0.76 -39.42 -27.75
N ALA D 86 -0.08 -38.98 -26.80
CA ALA D 86 0.27 -37.96 -25.82
C ALA D 86 -0.84 -37.83 -24.79
N ASP D 87 -0.61 -37.00 -23.75
CA ASP D 87 -1.63 -36.62 -22.79
C ASP D 87 -2.18 -35.27 -23.25
N TYR D 88 -3.50 -35.11 -23.28
CA TYR D 88 -4.16 -33.87 -23.70
C TYR D 88 -4.89 -33.29 -22.51
N TYR D 89 -4.72 -31.99 -22.27
CA TYR D 89 -5.33 -31.26 -21.16
C TYR D 89 -6.17 -30.10 -21.65
N CYS D 90 -7.38 -29.94 -21.10
CA CYS D 90 -8.15 -28.74 -21.38
C CYS D 90 -7.88 -27.79 -20.23
N CYS D 91 -8.09 -26.49 -20.45
CA CYS D 91 -7.84 -25.45 -19.47
C CYS D 91 -8.85 -24.34 -19.67
N SER D 92 -9.33 -23.74 -18.58
CA SER D 92 -10.21 -22.57 -18.63
C SER D 92 -10.15 -21.85 -17.28
N TYR D 93 -11.00 -20.85 -17.08
CA TYR D 93 -11.03 -20.11 -15.84
C TYR D 93 -11.79 -20.86 -14.75
N ALA D 94 -11.20 -20.92 -13.55
CA ALA D 94 -11.84 -21.48 -12.35
C ALA D 94 -12.73 -20.37 -11.76
N THR D 95 -12.22 -19.11 -11.78
CA THR D 95 -12.89 -17.88 -11.34
C THR D 95 -12.49 -16.81 -12.35
N SER D 96 -12.95 -15.57 -12.16
CA SER D 96 -12.61 -14.46 -13.07
C SER D 96 -11.11 -14.18 -13.22
N ARG D 97 -10.30 -14.57 -12.22
CA ARG D 97 -8.87 -14.28 -12.14
C ARG D 97 -7.92 -15.50 -12.08
N THR D 98 -8.46 -16.74 -12.02
CA THR D 98 -7.62 -17.94 -11.88
C THR D 98 -7.97 -18.99 -12.92
N LEU D 99 -6.97 -19.78 -13.34
CA LEU D 99 -7.16 -20.84 -14.32
C LEU D 99 -7.14 -22.20 -13.65
N VAL D 100 -7.66 -23.22 -14.34
CA VAL D 100 -7.68 -24.62 -13.91
C VAL D 100 -7.58 -25.53 -15.12
N PHE D 101 -6.86 -26.64 -14.98
CA PHE D 101 -6.75 -27.65 -16.03
C PHE D 101 -7.68 -28.80 -15.71
N GLY D 102 -8.11 -29.51 -16.75
CA GLY D 102 -8.84 -30.76 -16.61
C GLY D 102 -7.84 -31.80 -16.15
N GLY D 103 -8.31 -32.99 -15.79
CA GLY D 103 -7.46 -34.08 -15.30
C GLY D 103 -6.53 -34.72 -16.31
N GLY D 104 -6.78 -34.47 -17.59
CA GLY D 104 -5.99 -35.02 -18.69
C GLY D 104 -6.55 -36.29 -19.27
N THR D 105 -6.30 -36.49 -20.58
CA THR D 105 -6.72 -37.67 -21.33
C THR D 105 -5.50 -38.28 -21.98
N LYS D 106 -5.24 -39.56 -21.71
CA LYS D 106 -4.14 -40.28 -22.34
C LYS D 106 -4.66 -40.88 -23.64
N LEU D 107 -4.10 -40.42 -24.76
CA LEU D 107 -4.45 -40.91 -26.08
C LEU D 107 -3.44 -41.96 -26.49
N THR D 108 -3.91 -43.18 -26.76
CA THR D 108 -3.06 -44.27 -27.24
C THR D 108 -3.33 -44.47 -28.72
N VAL D 109 -2.28 -44.53 -29.55
CA VAL D 109 -2.42 -44.84 -30.98
C VAL D 109 -2.05 -46.34 -31.10
N VAL D 110 -3.03 -47.20 -31.44
CA VAL D 110 -2.91 -48.67 -31.50
C VAL D 110 -2.46 -49.24 -32.85
N GLY D 111 -1.92 -50.46 -32.86
CA GLY D 111 -1.62 -51.20 -34.08
C GLY D 111 -0.30 -50.92 -34.77
N GLN D 112 0.65 -50.34 -34.03
CA GLN D 112 1.98 -50.04 -34.55
C GLN D 112 2.79 -51.35 -34.74
N PRO D 113 3.90 -51.38 -35.53
CA PRO D 113 4.64 -52.65 -35.73
C PRO D 113 5.12 -53.30 -34.43
N LYS D 114 4.63 -54.53 -34.17
CA LYS D 114 4.96 -55.33 -32.98
C LYS D 114 6.43 -55.78 -33.03
N ALA D 115 7.34 -54.88 -32.64
CA ALA D 115 8.79 -55.10 -32.64
C ALA D 115 9.31 -55.65 -31.31
N ALA D 116 10.26 -56.60 -31.40
CA ALA D 116 10.93 -57.24 -30.26
C ALA D 116 11.93 -56.28 -29.61
N PRO D 117 12.21 -56.40 -28.29
CA PRO D 117 13.16 -55.46 -27.66
C PRO D 117 14.63 -55.78 -27.89
N SER D 118 15.46 -54.72 -28.01
CA SER D 118 16.91 -54.81 -28.20
C SER D 118 17.58 -54.86 -26.81
N VAL D 119 17.49 -56.03 -26.17
CA VAL D 119 18.01 -56.31 -24.83
C VAL D 119 19.55 -56.40 -24.83
N THR D 120 20.21 -55.55 -24.00
CA THR D 120 21.67 -55.52 -23.87
C THR D 120 22.06 -55.54 -22.38
N LEU D 121 22.57 -56.69 -21.91
CA LEU D 121 22.98 -56.90 -20.52
C LEU D 121 24.46 -56.56 -20.31
N PHE D 122 24.74 -55.77 -19.26
CA PHE D 122 26.09 -55.34 -18.88
C PHE D 122 26.50 -55.89 -17.52
N PRO D 123 27.70 -56.49 -17.40
CA PRO D 123 28.14 -57.01 -16.08
C PRO D 123 28.68 -55.89 -15.18
N PRO D 124 28.80 -56.08 -13.83
CA PRO D 124 29.33 -55.00 -12.98
C PRO D 124 30.77 -54.60 -13.32
N SER D 125 31.03 -53.29 -13.39
CA SER D 125 32.32 -52.70 -13.72
C SER D 125 33.40 -53.03 -12.69
N SER D 126 34.67 -53.02 -13.12
CA SER D 126 35.84 -53.29 -12.26
C SER D 126 36.00 -52.22 -11.18
N GLU D 127 35.55 -50.97 -11.45
CA GLU D 127 35.60 -49.85 -10.52
C GLU D 127 34.61 -50.06 -9.37
N GLU D 128 33.42 -50.61 -9.66
CA GLU D 128 32.36 -50.89 -8.69
C GLU D 128 32.76 -52.00 -7.72
N LEU D 129 33.39 -53.08 -8.25
CA LEU D 129 33.85 -54.23 -7.47
C LEU D 129 35.00 -53.87 -6.51
N GLN D 130 35.79 -52.83 -6.83
CA GLN D 130 36.88 -52.32 -6.00
C GLN D 130 36.32 -51.58 -4.78
N ALA D 131 35.08 -51.05 -4.89
CA ALA D 131 34.34 -50.34 -3.83
C ALA D 131 33.43 -51.29 -3.03
N ASN D 132 33.60 -52.62 -3.26
CA ASN D 132 32.88 -53.74 -2.64
C ASN D 132 31.35 -53.66 -2.87
N LYS D 133 30.96 -53.62 -4.16
CA LYS D 133 29.57 -53.55 -4.63
C LYS D 133 29.47 -54.07 -6.07
N ALA D 134 28.29 -54.58 -6.47
CA ALA D 134 28.07 -55.11 -7.82
C ALA D 134 26.64 -54.87 -8.30
N THR D 135 26.49 -54.25 -9.49
CA THR D 135 25.20 -53.95 -10.10
C THR D 135 25.16 -54.40 -11.56
N LEU D 136 24.21 -55.29 -11.89
CA LEU D 136 24.00 -55.82 -13.23
C LEU D 136 22.92 -54.99 -13.92
N VAL D 137 23.27 -54.39 -15.07
CA VAL D 137 22.39 -53.49 -15.83
C VAL D 137 21.81 -54.19 -17.08
N CYS D 138 20.48 -54.33 -17.11
CA CYS D 138 19.75 -54.92 -18.24
C CYS D 138 18.93 -53.80 -18.89
N LEU D 139 19.29 -53.44 -20.14
CA LEU D 139 18.65 -52.36 -20.89
C LEU D 139 17.70 -52.90 -21.95
N ILE D 140 16.40 -52.59 -21.82
CA ILE D 140 15.33 -53.05 -22.71
C ILE D 140 14.83 -51.87 -23.56
N SER D 141 15.33 -51.74 -24.81
CA SER D 141 14.97 -50.64 -25.70
C SER D 141 14.24 -51.06 -26.98
N ASP D 142 13.41 -50.14 -27.52
CA ASP D 142 12.63 -50.24 -28.76
C ASP D 142 11.73 -51.50 -28.84
N PHE D 143 10.50 -51.40 -28.32
CA PHE D 143 9.51 -52.49 -28.34
C PHE D 143 8.07 -52.02 -28.29
N TYR D 144 7.17 -52.78 -28.94
CA TYR D 144 5.74 -52.51 -28.98
C TYR D 144 4.96 -53.84 -28.93
N PRO D 145 3.94 -54.00 -28.04
CA PRO D 145 3.39 -53.03 -27.07
C PRO D 145 4.26 -52.83 -25.84
N GLY D 146 3.80 -51.99 -24.91
CA GLY D 146 4.49 -51.65 -23.67
C GLY D 146 4.67 -52.79 -22.68
N ALA D 147 3.73 -53.76 -22.69
CA ALA D 147 3.71 -54.92 -21.82
C ALA D 147 4.95 -55.82 -21.93
N VAL D 148 5.70 -55.95 -20.82
CA VAL D 148 6.90 -56.79 -20.70
C VAL D 148 6.97 -57.51 -19.34
N THR D 149 7.95 -58.43 -19.22
CA THR D 149 8.25 -59.24 -18.04
C THR D 149 9.77 -59.45 -18.01
N VAL D 150 10.43 -59.09 -16.90
CA VAL D 150 11.89 -59.25 -16.75
C VAL D 150 12.16 -60.30 -15.66
N ALA D 151 12.97 -61.31 -16.01
CA ALA D 151 13.35 -62.39 -15.09
C ALA D 151 14.87 -62.51 -15.01
N TRP D 152 15.41 -62.40 -13.79
CA TRP D 152 16.84 -62.51 -13.53
C TRP D 152 17.17 -63.96 -13.16
N LYS D 153 18.30 -64.47 -13.68
CA LYS D 153 18.73 -65.84 -13.43
C LYS D 153 20.22 -65.93 -13.08
N ALA D 154 20.57 -66.93 -12.25
CA ALA D 154 21.93 -67.26 -11.84
C ALA D 154 22.14 -68.72 -12.23
N ASP D 155 22.90 -68.96 -13.31
CA ASP D 155 23.18 -70.25 -13.97
C ASP D 155 21.96 -70.72 -14.76
N SER D 156 20.79 -70.84 -14.08
CA SER D 156 19.48 -71.24 -14.62
C SER D 156 18.40 -70.94 -13.57
N SER D 157 18.84 -70.62 -12.34
CA SER D 157 18.04 -70.35 -11.15
C SER D 157 17.46 -68.92 -11.10
N PRO D 158 16.14 -68.75 -10.88
CA PRO D 158 15.59 -67.38 -10.85
C PRO D 158 15.86 -66.60 -9.56
N VAL D 159 16.22 -65.31 -9.73
CA VAL D 159 16.53 -64.35 -8.66
C VAL D 159 15.35 -63.38 -8.53
N LYS D 160 14.93 -63.07 -7.29
CA LYS D 160 13.85 -62.11 -7.01
C LYS D 160 14.30 -61.03 -6.01
N ALA D 161 15.43 -61.26 -5.29
CA ALA D 161 15.99 -60.33 -4.32
C ALA D 161 17.04 -59.42 -4.97
N GLY D 162 16.97 -58.14 -4.64
CA GLY D 162 17.86 -57.11 -5.19
C GLY D 162 17.50 -56.71 -6.59
N VAL D 163 16.25 -57.01 -7.00
CA VAL D 163 15.69 -56.74 -8.33
C VAL D 163 14.89 -55.44 -8.32
N GLU D 164 15.22 -54.53 -9.25
CA GLU D 164 14.54 -53.25 -9.42
C GLU D 164 14.28 -53.01 -10.92
N THR D 165 13.01 -53.17 -11.34
CA THR D 165 12.57 -53.03 -12.73
C THR D 165 11.77 -51.74 -12.92
N THR D 166 12.07 -50.98 -13.99
CA THR D 166 11.38 -49.73 -14.31
C THR D 166 10.11 -50.01 -15.12
N THR D 167 9.12 -49.11 -15.01
CA THR D 167 7.89 -49.16 -15.79
C THR D 167 8.26 -48.61 -17.19
N PRO D 168 7.87 -49.27 -18.31
CA PRO D 168 8.29 -48.80 -19.63
C PRO D 168 7.83 -47.38 -19.99
N SER D 169 8.81 -46.53 -20.33
CA SER D 169 8.61 -45.14 -20.74
C SER D 169 8.85 -45.03 -22.25
N LYS D 170 8.06 -44.17 -22.91
CA LYS D 170 8.13 -43.98 -24.36
C LYS D 170 9.29 -43.11 -24.84
N GLN D 171 9.83 -43.44 -26.02
CA GLN D 171 10.93 -42.74 -26.69
C GLN D 171 10.38 -41.77 -27.76
N SER D 172 11.29 -41.09 -28.50
CA SER D 172 10.95 -40.17 -29.58
C SER D 172 10.39 -40.94 -30.80
N ASN D 173 10.93 -42.15 -31.04
CA ASN D 173 10.56 -43.05 -32.13
C ASN D 173 9.27 -43.86 -31.87
N ASN D 174 8.45 -43.40 -30.90
CA ASN D 174 7.16 -43.98 -30.47
C ASN D 174 7.24 -45.47 -30.06
N LYS D 175 8.42 -45.89 -29.56
CA LYS D 175 8.68 -47.25 -29.08
C LYS D 175 9.03 -47.20 -27.60
N TYR D 176 8.55 -48.17 -26.82
CA TYR D 176 8.77 -48.23 -25.36
C TYR D 176 10.21 -48.59 -24.99
N ALA D 177 10.65 -48.13 -23.80
CA ALA D 177 11.98 -48.36 -23.24
C ALA D 177 11.92 -48.51 -21.72
N ALA D 178 12.61 -49.52 -21.18
CA ALA D 178 12.67 -49.83 -19.75
C ALA D 178 14.04 -50.40 -19.34
N SER D 179 14.39 -50.31 -18.04
CA SER D 179 15.65 -50.83 -17.51
C SER D 179 15.45 -51.68 -16.25
N SER D 180 16.40 -52.59 -15.98
CA SER D 180 16.36 -53.48 -14.81
C SER D 180 17.74 -53.58 -14.17
N TYR D 181 17.77 -53.49 -12.84
CA TYR D 181 19.02 -53.52 -12.07
C TYR D 181 19.03 -54.62 -11.02
N LEU D 182 20.12 -55.39 -10.98
CA LEU D 182 20.34 -56.49 -10.04
C LEU D 182 21.55 -56.17 -9.16
N SER D 183 21.30 -55.88 -7.88
CA SER D 183 22.33 -55.55 -6.91
C SER D 183 22.79 -56.78 -6.13
N LEU D 184 24.10 -57.07 -6.18
CA LEU D 184 24.74 -58.21 -5.51
C LEU D 184 26.06 -57.75 -4.86
N THR D 185 26.69 -58.65 -4.06
CA THR D 185 27.98 -58.37 -3.43
C THR D 185 29.06 -58.93 -4.37
N PRO D 186 30.34 -58.47 -4.35
CA PRO D 186 31.36 -59.04 -5.26
C PRO D 186 31.53 -60.55 -5.10
N GLU D 187 31.38 -61.04 -3.85
CA GLU D 187 31.46 -62.45 -3.48
C GLU D 187 30.24 -63.24 -4.01
N GLN D 188 29.05 -62.61 -4.03
CA GLN D 188 27.81 -63.20 -4.55
C GLN D 188 27.88 -63.39 -6.06
N TRP D 189 28.53 -62.45 -6.78
CA TRP D 189 28.73 -62.46 -8.22
C TRP D 189 29.67 -63.58 -8.66
N LYS D 190 30.74 -63.82 -7.88
CA LYS D 190 31.74 -64.87 -8.11
C LYS D 190 31.21 -66.29 -7.83
N SER D 191 30.11 -66.39 -7.06
CA SER D 191 29.49 -67.66 -6.67
C SER D 191 28.80 -68.42 -7.81
N HIS D 192 28.47 -67.72 -8.92
CA HIS D 192 27.80 -68.33 -10.06
C HIS D 192 28.62 -68.29 -11.36
N ARG D 193 28.39 -69.29 -12.24
CA ARG D 193 29.08 -69.42 -13.53
C ARG D 193 28.60 -68.39 -14.56
N SER D 194 27.27 -68.19 -14.66
CA SER D 194 26.64 -67.24 -15.58
C SER D 194 25.42 -66.55 -14.96
N TYR D 195 25.08 -65.36 -15.48
CA TYR D 195 23.92 -64.57 -15.04
C TYR D 195 23.06 -64.19 -16.24
N SER D 196 21.78 -64.63 -16.23
CA SER D 196 20.83 -64.41 -17.32
C SER D 196 19.79 -63.31 -17.04
N CYS D 197 19.28 -62.68 -18.13
CA CYS D 197 18.25 -61.64 -18.12
C CYS D 197 17.18 -61.99 -19.18
N GLN D 198 16.17 -62.78 -18.78
CA GLN D 198 15.08 -63.26 -19.64
C GLN D 198 13.92 -62.25 -19.71
N VAL D 199 13.75 -61.62 -20.89
CA VAL D 199 12.70 -60.62 -21.12
C VAL D 199 11.59 -61.17 -22.03
N THR D 200 10.42 -61.48 -21.44
CA THR D 200 9.26 -62.03 -22.14
C THR D 200 8.33 -60.93 -22.65
N HIS D 201 8.28 -60.77 -23.99
CA HIS D 201 7.47 -59.78 -24.70
C HIS D 201 6.65 -60.49 -25.79
N GLU D 202 5.30 -60.30 -25.77
CA GLU D 202 4.27 -60.87 -26.66
C GLU D 202 4.37 -62.42 -26.86
N GLY D 203 5.03 -63.10 -25.91
CA GLY D 203 5.22 -64.55 -25.94
C GLY D 203 6.67 -64.95 -26.19
N SER D 204 7.40 -64.13 -26.98
CA SER D 204 8.81 -64.36 -27.34
C SER D 204 9.73 -63.87 -26.21
N THR D 205 10.77 -64.67 -25.88
CA THR D 205 11.71 -64.34 -24.81
C THR D 205 13.12 -64.06 -25.36
N VAL D 206 13.65 -62.86 -25.06
CA VAL D 206 14.99 -62.44 -25.46
C VAL D 206 15.93 -62.72 -24.27
N GLU D 207 17.00 -63.50 -24.51
CA GLU D 207 17.94 -63.88 -23.47
C GLU D 207 19.37 -63.41 -23.76
N LYS D 208 19.93 -62.62 -22.83
CA LYS D 208 21.30 -62.10 -22.88
C LYS D 208 21.99 -62.52 -21.59
N THR D 209 23.21 -63.10 -21.68
CA THR D 209 23.96 -63.61 -20.53
C THR D 209 25.34 -63.00 -20.35
N VAL D 210 25.80 -62.91 -19.08
CA VAL D 210 27.11 -62.40 -18.66
C VAL D 210 27.78 -63.38 -17.69
N ALA D 211 29.14 -63.43 -17.67
CA ALA D 211 29.91 -64.32 -16.81
C ALA D 211 31.06 -63.60 -16.10
N PRO D 212 31.43 -63.96 -14.84
CA PRO D 212 32.54 -63.28 -14.16
C PRO D 212 33.91 -63.55 -14.77
N THR D 213 34.10 -64.76 -15.33
CA THR D 213 35.35 -65.20 -15.96
C THR D 213 35.16 -65.38 -17.46
C1 NAG E . 6.71 -3.95 -30.91
C2 NAG E . 6.16 -5.12 -30.09
C3 NAG E . 7.09 -6.33 -30.24
C4 NAG E . 7.30 -6.67 -31.71
C5 NAG E . 7.86 -5.44 -32.43
C6 NAG E . 8.05 -5.68 -33.92
C7 NAG E . 4.90 -4.27 -28.14
C8 NAG E . 5.00 -3.84 -26.71
N2 NAG E . 6.04 -4.74 -28.69
O3 NAG E . 6.52 -7.45 -29.56
O4 NAG E . 8.13 -7.81 -31.85
O5 NAG E . 6.95 -4.33 -32.28
O6 NAG E . 8.05 -4.51 -34.72
O7 NAG E . 3.86 -4.18 -28.78
C1 NAG E . 7.68 -8.90 -32.67
C2 NAG E . 8.89 -9.64 -33.23
C3 NAG E . 8.37 -10.76 -34.15
C4 NAG E . 7.42 -11.69 -33.39
C5 NAG E . 6.30 -10.87 -32.74
C6 NAG E . 5.41 -11.68 -31.83
C7 NAG E . 10.88 -8.19 -33.45
C8 NAG E . 11.67 -7.31 -34.38
N2 NAG E . 9.77 -8.75 -33.97
O3 NAG E . 9.47 -11.48 -34.69
O4 NAG E . 6.87 -12.70 -34.24
O5 NAG E . 6.87 -9.82 -31.93
O6 NAG E . 4.33 -12.28 -32.54
O7 NAG E . 11.22 -8.38 -32.28
C1 BMA E . 7.54 -13.97 -34.37
C2 BMA E . 6.68 -15.11 -33.79
C3 BMA E . 6.50 -16.24 -34.80
C4 BMA E . 6.00 -15.69 -36.13
C5 BMA E . 7.00 -14.69 -36.71
C6 BMA E . 6.36 -13.49 -37.35
O2 BMA E . 5.42 -14.64 -33.33
O3 BMA E . 5.60 -17.22 -34.30
O4 BMA E . 5.80 -16.76 -37.05
O5 BMA E . 7.96 -14.24 -35.73
O6 BMA E . 7.33 -12.67 -38.01
C1 FUC E . 7.09 -4.55 -35.75
C2 FUC E . 7.22 -3.30 -36.62
C3 FUC E . 6.67 -3.55 -38.02
C4 FUC E . 5.58 -4.62 -38.03
C5 FUC E . 6.11 -5.95 -37.49
C6 FUC E . 5.08 -6.84 -36.83
O2 FUC E . 8.59 -2.90 -36.70
O3 FUC E . 6.18 -2.34 -38.57
O4 FUC E . 4.41 -4.17 -37.36
O5 FUC E . 7.18 -5.73 -36.55
C1 NAG F . -0.70 22.85 56.38
C2 NAG F . 0.78 23.03 56.00
C3 NAG F . 1.59 22.06 56.87
C4 NAG F . 1.37 22.34 58.35
C5 NAG F . -0.11 22.30 58.69
C6 NAG F . -0.40 22.80 60.09
C7 NAG F . 1.07 23.72 53.64
C8 NAG F . 1.21 23.24 52.23
N2 NAG F . 0.98 22.77 54.59
O3 NAG F . 2.98 22.18 56.56
O4 NAG F . 2.09 21.39 59.13
O5 NAG F . -0.87 23.14 57.78
O6 NAG F . -1.80 22.93 60.34
O7 NAG F . 1.03 24.92 53.92
C1 GOL G . -27.19 34.21 66.87
O1 GOL G . -27.64 35.07 65.84
C2 GOL G . -25.84 33.59 66.54
O2 GOL G . -25.91 32.92 65.28
C3 GOL G . -24.73 34.61 66.52
O3 GOL G . -23.46 33.98 66.33
C1 GOL H . -16.03 44.89 49.00
O1 GOL H . -17.13 45.38 49.77
C2 GOL H . -15.46 45.98 48.13
O2 GOL H . -14.94 47.03 48.96
C3 GOL H . -14.37 45.46 47.22
O3 GOL H . -13.19 45.15 47.95
C FMT I . -17.77 2.53 -13.54
O1 FMT I . -17.30 3.56 -13.09
O2 FMT I . -17.87 1.51 -12.64
C1 GOL J . -13.25 15.14 -36.05
O1 GOL J . -12.32 16.10 -36.55
C2 GOL J . -13.64 14.14 -37.12
O2 GOL J . -14.41 13.10 -36.53
C3 GOL J . -14.43 14.79 -38.22
O3 GOL J . -13.58 15.51 -39.11
#